data_2ALB
#
_entry.id   2ALB
#
_cell.length_a   1.000
_cell.length_b   1.000
_cell.length_c   1.000
_cell.angle_alpha   90.00
_cell.angle_beta   90.00
_cell.angle_gamma   90.00
#
_symmetry.space_group_name_H-M   'P 1'
#
_entity_poly.entity_id   1
_entity_poly.type   'polypeptide(L)'
_entity_poly.pdbx_seq_one_letter_code
;SDVLELTDDNFESRISDTGSAGLMLVEFFAPWCGHCKRLAPEYEAAATRLKGIVPLAKVDCTANTNTCNKYGVSGYPTLK
IFRDGEEAGAYDGPRTADGIVSHLKKQAGPASV
;
_entity_poly.pdbx_strand_id   A
#
# COMPACT_ATOMS: atom_id res chain seq x y z
N SER A 1 1.30 6.37 -13.94
CA SER A 1 1.36 5.65 -12.64
C SER A 1 1.34 6.62 -11.46
N ASP A 2 0.72 6.20 -10.35
CA ASP A 2 0.55 7.00 -9.13
C ASP A 2 1.06 6.32 -7.84
N VAL A 3 1.48 5.05 -7.93
CA VAL A 3 2.06 4.27 -6.81
C VAL A 3 3.54 4.60 -6.65
N LEU A 4 3.98 4.86 -5.42
CA LEU A 4 5.40 5.05 -5.08
C LEU A 4 6.18 3.73 -5.18
N GLU A 5 7.35 3.73 -5.82
CA GLU A 5 8.12 2.49 -6.09
C GLU A 5 9.36 2.42 -5.17
N LEU A 6 9.08 2.32 -3.87
CA LEU A 6 10.03 2.43 -2.77
C LEU A 6 11.04 1.26 -2.70
N THR A 7 12.19 1.50 -2.05
CA THR A 7 13.30 0.55 -1.87
C THR A 7 14.00 0.78 -0.53
N ASP A 8 14.76 -0.19 -0.04
CA ASP A 8 15.61 -0.08 1.17
C ASP A 8 16.60 1.11 1.13
N ASP A 9 16.95 1.59 -0.07
CA ASP A 9 17.80 2.78 -0.28
C ASP A 9 17.12 4.11 0.14
N ASN A 10 15.78 4.20 0.07
CA ASN A 10 15.06 5.47 0.31
C ASN A 10 13.72 5.39 1.08
N PHE A 11 13.13 4.21 1.27
CA PHE A 11 11.84 4.01 1.97
C PHE A 11 11.78 4.77 3.30
N GLU A 12 12.85 4.72 4.10
CA GLU A 12 12.97 5.33 5.43
C GLU A 12 12.85 6.87 5.46
N SER A 13 12.81 7.51 4.29
CA SER A 13 12.61 8.95 4.12
C SER A 13 11.22 9.35 3.60
N ARG A 14 10.52 8.44 2.92
CA ARG A 14 9.27 8.72 2.19
C ARG A 14 8.03 8.52 3.03
N ILE A 15 8.07 7.61 4.01
CA ILE A 15 6.96 7.38 4.96
C ILE A 15 6.67 8.59 5.85
N SER A 16 7.66 9.47 6.01
CA SER A 16 7.60 10.74 6.74
C SER A 16 6.92 11.87 5.95
N ASP A 17 6.61 11.66 4.66
CA ASP A 17 5.86 12.61 3.83
C ASP A 17 4.34 12.62 4.13
N THR A 18 3.89 11.67 4.97
CA THR A 18 2.53 11.60 5.52
C THR A 18 2.18 12.81 6.39
N GLY A 19 0.89 13.15 6.42
CA GLY A 19 0.35 14.21 7.29
C GLY A 19 -1.14 14.47 7.03
N SER A 20 -1.47 15.03 5.86
CA SER A 20 -2.86 15.37 5.48
C SER A 20 -3.74 14.12 5.26
N ALA A 21 -3.15 13.04 4.75
CA ALA A 21 -3.80 11.75 4.57
C ALA A 21 -3.89 10.90 5.86
N GLY A 22 -3.10 11.25 6.88
CA GLY A 22 -3.00 10.56 8.18
C GLY A 22 -2.13 9.29 8.16
N LEU A 23 -1.95 8.64 7.00
CA LEU A 23 -1.25 7.36 6.86
C LEU A 23 -0.68 7.14 5.44
N MET A 24 0.10 6.06 5.28
CA MET A 24 0.56 5.52 3.99
C MET A 24 0.19 4.03 3.90
N LEU A 25 -0.24 3.60 2.72
CA LEU A 25 -0.54 2.21 2.37
C LEU A 25 0.60 1.66 1.48
N VAL A 26 0.93 0.38 1.63
CA VAL A 26 1.98 -0.28 0.84
C VAL A 26 1.59 -1.71 0.49
N GLU A 27 2.02 -2.18 -0.68
CA GLU A 27 1.88 -3.55 -1.16
C GLU A 27 3.27 -4.20 -1.31
N PHE A 28 3.52 -5.24 -0.53
CA PHE A 28 4.69 -6.10 -0.68
C PHE A 28 4.38 -7.22 -1.69
N PHE A 29 5.29 -7.42 -2.64
CA PHE A 29 5.12 -8.34 -3.78
C PHE A 29 6.46 -8.94 -4.26
N ALA A 30 6.45 -9.73 -5.34
CA ALA A 30 7.65 -10.30 -5.95
C ALA A 30 7.53 -10.28 -7.50
N PRO A 31 8.65 -10.37 -8.27
CA PRO A 31 8.65 -10.36 -9.74
C PRO A 31 8.17 -11.66 -10.38
N TRP A 32 8.04 -12.75 -9.63
CA TRP A 32 7.54 -14.05 -10.10
C TRP A 32 6.05 -14.01 -10.44
N CYS A 33 5.61 -14.90 -11.35
CA CYS A 33 4.20 -15.01 -11.75
C CYS A 33 3.27 -15.37 -10.56
N GLY A 34 2.11 -14.72 -10.48
CA GLY A 34 1.12 -14.90 -9.40
C GLY A 34 0.07 -13.80 -9.35
N HIS A 35 -0.77 -13.81 -8.31
CA HIS A 35 -1.83 -12.82 -8.09
C HIS A 35 -1.34 -11.37 -8.01
N CYS A 36 -0.07 -11.14 -7.67
CA CYS A 36 0.57 -9.81 -7.73
C CYS A 36 0.52 -9.17 -9.13
N LYS A 37 0.67 -9.95 -10.22
CA LYS A 37 0.55 -9.45 -11.60
C LYS A 37 -0.89 -9.06 -11.97
N ARG A 38 -1.87 -9.77 -11.42
CA ARG A 38 -3.32 -9.54 -11.62
C ARG A 38 -3.82 -8.34 -10.81
N LEU A 39 -3.26 -8.12 -9.62
CA LEU A 39 -3.59 -7.03 -8.70
C LEU A 39 -2.86 -5.71 -9.00
N ALA A 40 -1.67 -5.75 -9.60
CA ALA A 40 -0.90 -4.54 -9.93
C ALA A 40 -1.70 -3.45 -10.69
N PRO A 41 -2.42 -3.75 -11.80
CA PRO A 41 -3.20 -2.73 -12.52
C PRO A 41 -4.40 -2.20 -11.74
N GLU A 42 -4.90 -2.96 -10.76
CA GLU A 42 -5.94 -2.49 -9.83
C GLU A 42 -5.35 -1.57 -8.74
N TYR A 43 -4.18 -1.91 -8.19
CA TYR A 43 -3.53 -1.10 -7.16
C TYR A 43 -3.01 0.24 -7.72
N GLU A 44 -2.55 0.26 -8.98
CA GLU A 44 -2.23 1.47 -9.74
C GLU A 44 -3.46 2.39 -9.84
N ALA A 45 -4.60 1.82 -10.22
CA ALA A 45 -5.87 2.54 -10.33
C ALA A 45 -6.37 3.11 -8.99
N ALA A 46 -6.20 2.37 -7.89
CA ALA A 46 -6.47 2.87 -6.54
C ALA A 46 -5.62 4.09 -6.19
N ALA A 47 -4.33 4.10 -6.55
CA ALA A 47 -3.44 5.22 -6.28
C ALA A 47 -3.83 6.48 -7.08
N THR A 48 -4.35 6.33 -8.30
CA THR A 48 -4.95 7.42 -9.09
C THR A 48 -6.23 7.94 -8.42
N ARG A 49 -7.12 7.04 -7.96
CA ARG A 49 -8.40 7.37 -7.31
C ARG A 49 -8.26 8.02 -5.92
N LEU A 50 -7.12 7.81 -5.25
CA LEU A 50 -6.83 8.26 -3.88
C LEU A 50 -5.59 9.17 -3.81
N LYS A 51 -5.14 9.77 -4.93
CA LYS A 51 -3.85 10.50 -5.03
C LYS A 51 -3.67 11.67 -4.04
N GLY A 52 -4.76 12.31 -3.64
CA GLY A 52 -4.80 13.37 -2.62
C GLY A 52 -5.55 12.96 -1.34
N ILE A 53 -5.67 11.65 -1.10
CA ILE A 53 -6.51 11.06 -0.04
C ILE A 53 -5.77 9.98 0.76
N VAL A 54 -5.05 9.07 0.09
CA VAL A 54 -4.27 7.96 0.66
C VAL A 54 -3.04 7.65 -0.23
N PRO A 55 -1.81 8.03 0.17
CA PRO A 55 -0.58 7.59 -0.49
C PRO A 55 -0.47 6.06 -0.54
N LEU A 56 -0.14 5.50 -1.72
CA LEU A 56 0.03 4.08 -1.99
C LEU A 56 1.45 3.81 -2.52
N ALA A 57 2.03 2.65 -2.19
CA ALA A 57 3.40 2.27 -2.54
C ALA A 57 3.57 0.76 -2.83
N LYS A 58 4.65 0.38 -3.52
CA LYS A 58 5.00 -1.03 -3.81
C LYS A 58 6.46 -1.32 -3.46
N VAL A 59 6.74 -2.53 -2.96
CA VAL A 59 8.07 -2.99 -2.53
C VAL A 59 8.28 -4.47 -2.87
N ASP A 60 9.33 -4.79 -3.62
CA ASP A 60 9.73 -6.17 -3.94
C ASP A 60 10.32 -6.90 -2.71
N CYS A 61 9.62 -7.88 -2.14
CA CYS A 61 10.11 -8.77 -1.08
C CYS A 61 11.36 -9.59 -1.45
N THR A 62 11.55 -9.92 -2.73
CA THR A 62 12.79 -10.57 -3.23
C THR A 62 14.00 -9.64 -3.25
N ALA A 63 13.78 -8.32 -3.32
CA ALA A 63 14.85 -7.30 -3.34
C ALA A 63 15.01 -6.50 -2.04
N ASN A 64 14.05 -6.61 -1.10
CA ASN A 64 13.99 -5.88 0.17
C ASN A 64 13.58 -6.79 1.34
N THR A 65 14.15 -7.98 1.30
CA THR A 65 13.83 -9.17 2.10
C THR A 65 14.00 -8.89 3.59
N ASN A 66 15.02 -8.09 3.92
CA ASN A 66 15.35 -7.61 5.26
C ASN A 66 14.25 -6.79 5.93
N THR A 67 13.57 -5.93 5.15
CA THR A 67 12.39 -5.19 5.59
C THR A 67 11.20 -6.15 5.70
N CYS A 68 10.99 -7.00 4.70
CA CYS A 68 9.78 -7.82 4.58
C CYS A 68 9.70 -8.98 5.60
N ASN A 69 10.84 -9.52 6.06
CA ASN A 69 10.86 -10.55 7.11
C ASN A 69 10.69 -9.94 8.50
N LYS A 70 11.25 -8.74 8.72
CA LYS A 70 10.99 -7.92 9.93
C LYS A 70 9.51 -7.49 10.01
N TYR A 71 8.86 -7.31 8.85
CA TYR A 71 7.46 -6.87 8.71
C TYR A 71 6.45 -8.04 8.68
N GLY A 72 6.96 -9.26 8.62
CA GLY A 72 6.18 -10.51 8.63
C GLY A 72 5.35 -10.74 7.36
N VAL A 73 5.83 -10.28 6.20
CA VAL A 73 5.14 -10.38 4.89
C VAL A 73 4.88 -11.84 4.51
N SER A 74 5.92 -12.69 4.53
CA SER A 74 5.89 -14.16 4.39
C SER A 74 5.13 -14.77 3.19
N GLY A 75 4.74 -13.97 2.20
CA GLY A 75 3.93 -14.31 1.04
C GLY A 75 3.38 -13.02 0.42
N TYR A 76 2.80 -13.11 -0.77
CA TYR A 76 2.39 -11.95 -1.58
C TYR A 76 1.24 -12.25 -2.57
N PRO A 77 0.50 -11.21 -3.02
CA PRO A 77 0.60 -9.79 -2.62
C PRO A 77 0.07 -9.55 -1.20
N THR A 78 0.76 -8.70 -0.43
CA THR A 78 0.54 -8.46 1.00
C THR A 78 0.48 -6.96 1.28
N LEU A 79 -0.71 -6.45 1.59
CA LEU A 79 -0.97 -5.02 1.79
C LEU A 79 -0.96 -4.62 3.29
N LYS A 80 -0.29 -3.52 3.63
CA LYS A 80 -0.11 -3.01 5.00
C LYS A 80 -0.29 -1.48 5.11
N ILE A 81 -0.49 -1.00 6.34
CA ILE A 81 -0.90 0.37 6.69
C ILE A 81 0.04 0.94 7.76
N PHE A 82 0.45 2.20 7.55
CA PHE A 82 1.41 2.92 8.39
C PHE A 82 0.92 4.34 8.70
N ARG A 83 0.21 4.50 9.82
CA ARG A 83 -0.29 5.78 10.36
C ARG A 83 0.88 6.68 10.76
N ASP A 84 0.90 7.91 10.23
CA ASP A 84 2.00 8.88 10.37
C ASP A 84 3.41 8.30 10.08
N GLY A 85 3.49 7.28 9.22
CA GLY A 85 4.75 6.59 8.86
C GLY A 85 5.20 5.49 9.84
N GLU A 86 4.30 4.96 10.67
CA GLU A 86 4.56 3.90 11.66
C GLU A 86 3.42 2.88 11.66
N GLU A 87 3.73 1.58 11.86
CA GLU A 87 2.77 0.47 11.67
C GLU A 87 1.45 0.66 12.44
N ALA A 88 0.33 0.61 11.70
CA ALA A 88 -1.01 0.55 12.28
C ALA A 88 -1.53 -0.91 12.31
N GLY A 89 -1.20 -1.68 11.27
CA GLY A 89 -1.40 -3.13 11.25
C GLY A 89 -1.34 -3.70 9.83
N ALA A 90 -2.50 -3.81 9.21
CA ALA A 90 -2.68 -4.45 7.89
C ALA A 90 -3.97 -3.97 7.18
N TYR A 91 -4.00 -4.07 5.85
CA TYR A 91 -5.21 -3.87 5.05
C TYR A 91 -6.29 -4.94 5.34
N ASP A 92 -7.57 -4.58 5.20
CA ASP A 92 -8.72 -5.42 5.54
C ASP A 92 -9.90 -5.19 4.57
N GLY A 93 -9.76 -5.72 3.35
CA GLY A 93 -10.79 -5.65 2.30
C GLY A 93 -10.44 -6.51 1.06
N PRO A 94 -11.29 -6.49 0.01
CA PRO A 94 -11.04 -7.16 -1.26
C PRO A 94 -9.69 -6.76 -1.93
N ARG A 95 -9.06 -7.72 -2.62
CA ARG A 95 -7.89 -7.47 -3.49
C ARG A 95 -8.34 -6.89 -4.85
N THR A 96 -8.82 -5.65 -4.82
CA THR A 96 -9.28 -4.84 -5.96
C THR A 96 -9.10 -3.35 -5.64
N ALA A 97 -9.05 -2.50 -6.68
CA ALA A 97 -9.05 -1.04 -6.54
C ALA A 97 -10.25 -0.53 -5.72
N ASP A 98 -11.43 -1.10 -5.99
CA ASP A 98 -12.69 -0.77 -5.32
C ASP A 98 -12.63 -1.05 -3.81
N GLY A 99 -11.93 -2.11 -3.43
CA GLY A 99 -11.66 -2.47 -2.05
C GLY A 99 -10.87 -1.39 -1.31
N ILE A 100 -9.79 -0.87 -1.92
CA ILE A 100 -8.95 0.18 -1.32
C ILE A 100 -9.76 1.48 -1.12
N VAL A 101 -10.50 1.91 -2.15
CA VAL A 101 -11.36 3.10 -2.12
C VAL A 101 -12.50 2.91 -1.11
N SER A 102 -13.16 1.76 -1.08
CA SER A 102 -14.22 1.46 -0.10
C SER A 102 -13.74 1.49 1.35
N HIS A 103 -12.55 0.92 1.63
CA HIS A 103 -11.92 0.95 2.94
C HIS A 103 -11.64 2.38 3.43
N LEU A 104 -11.35 3.32 2.51
CA LEU A 104 -11.28 4.76 2.80
C LEU A 104 -12.68 5.38 3.02
N LYS A 105 -13.63 5.20 2.07
CA LYS A 105 -14.97 5.84 2.15
C LYS A 105 -15.72 5.54 3.45
N LYS A 106 -15.59 4.30 3.93
CA LYS A 106 -16.19 3.77 5.17
C LYS A 106 -15.80 4.53 6.46
N GLN A 107 -14.72 5.30 6.43
CA GLN A 107 -14.22 6.09 7.57
C GLN A 107 -14.12 7.59 7.26
N ALA A 108 -13.84 7.96 6.01
CA ALA A 108 -13.79 9.35 5.56
C ALA A 108 -15.16 10.05 5.51
N GLY A 109 -16.24 9.34 5.15
CA GLY A 109 -17.58 9.93 4.99
C GLY A 109 -18.58 9.03 4.25
N PRO A 110 -19.05 7.92 4.86
CA PRO A 110 -20.01 7.00 4.25
C PRO A 110 -21.44 7.56 4.13
N ALA A 111 -21.77 8.63 4.88
CA ALA A 111 -23.06 9.30 4.84
C ALA A 111 -23.31 10.04 3.50
N SER A 112 -24.58 10.09 3.09
CA SER A 112 -25.09 10.75 1.87
C SER A 112 -24.49 10.29 0.53
N VAL A 113 -23.71 9.19 0.52
CA VAL A 113 -23.17 8.52 -0.70
C VAL A 113 -24.29 7.95 -1.57
N SER A 1 1.94 5.03 -14.53
CA SER A 1 1.74 4.61 -13.12
C SER A 1 1.46 5.79 -12.20
N ASP A 2 0.87 5.50 -11.03
CA ASP A 2 0.66 6.48 -9.94
C ASP A 2 1.08 5.93 -8.56
N VAL A 3 1.23 4.60 -8.42
CA VAL A 3 1.79 3.94 -7.22
C VAL A 3 3.29 4.25 -7.08
N LEU A 4 3.74 4.61 -5.87
CA LEU A 4 5.15 4.82 -5.54
C LEU A 4 5.95 3.50 -5.54
N GLU A 5 7.23 3.56 -5.93
CA GLU A 5 8.12 2.40 -6.01
C GLU A 5 9.27 2.56 -5.01
N LEU A 6 9.11 1.95 -3.83
CA LEU A 6 9.96 2.17 -2.67
C LEU A 6 10.90 0.99 -2.39
N THR A 7 12.04 1.30 -1.75
CA THR A 7 13.13 0.37 -1.43
C THR A 7 13.76 0.70 -0.07
N ASP A 8 14.71 -0.14 0.38
CA ASP A 8 15.53 0.12 1.58
C ASP A 8 16.25 1.48 1.57
N ASP A 9 16.53 2.06 0.39
CA ASP A 9 17.23 3.34 0.23
C ASP A 9 16.34 4.59 0.41
N ASN A 10 15.02 4.46 0.23
CA ASN A 10 14.09 5.60 0.14
C ASN A 10 12.74 5.46 0.87
N PHE A 11 12.31 4.27 1.29
CA PHE A 11 11.07 4.09 2.07
C PHE A 11 11.04 4.98 3.33
N GLU A 12 12.19 5.11 4.01
CA GLU A 12 12.37 5.93 5.23
C GLU A 12 12.18 7.45 5.03
N SER A 13 12.05 7.92 3.78
CA SER A 13 11.71 9.32 3.46
C SER A 13 10.21 9.58 3.31
N ARG A 14 9.43 8.53 3.05
CA ARG A 14 8.00 8.62 2.66
C ARG A 14 7.03 8.46 3.80
N ILE A 15 7.43 7.77 4.87
CA ILE A 15 6.58 7.55 6.06
C ILE A 15 6.17 8.87 6.73
N SER A 16 6.95 9.94 6.50
CA SER A 16 6.73 11.30 7.02
C SER A 16 5.70 12.10 6.21
N ASP A 17 5.39 11.67 4.98
CA ASP A 17 4.39 12.33 4.11
C ASP A 17 2.94 12.03 4.53
N THR A 18 2.77 11.12 5.50
CA THR A 18 1.47 10.69 6.07
C THR A 18 0.65 11.80 6.71
N GLY A 19 1.26 12.89 7.16
CA GLY A 19 0.59 14.02 7.80
C GLY A 19 -0.62 14.59 7.01
N SER A 20 -0.57 14.52 5.68
CA SER A 20 -1.65 14.99 4.79
C SER A 20 -2.82 14.00 4.59
N ALA A 21 -2.66 12.75 5.00
CA ALA A 21 -3.62 11.65 4.78
C ALA A 21 -3.99 10.86 6.05
N GLY A 22 -3.27 11.08 7.15
CA GLY A 22 -3.38 10.34 8.42
C GLY A 22 -2.64 8.99 8.44
N LEU A 23 -2.46 8.34 7.29
CA LEU A 23 -1.76 7.05 7.13
C LEU A 23 -1.18 6.88 5.71
N MET A 24 -0.39 5.83 5.52
CA MET A 24 0.09 5.34 4.21
C MET A 24 -0.32 3.88 4.03
N LEU A 25 -0.60 3.49 2.79
CA LEU A 25 -0.86 2.11 2.39
C LEU A 25 0.28 1.62 1.48
N VAL A 26 0.77 0.40 1.72
CA VAL A 26 1.85 -0.21 0.94
C VAL A 26 1.50 -1.66 0.58
N GLU A 27 1.89 -2.10 -0.62
CA GLU A 27 1.67 -3.46 -1.13
C GLU A 27 3.03 -4.15 -1.31
N PHE A 28 3.38 -5.00 -0.36
CA PHE A 28 4.57 -5.83 -0.45
C PHE A 28 4.29 -7.05 -1.33
N PHE A 29 5.12 -7.33 -2.33
CA PHE A 29 5.02 -8.52 -3.18
C PHE A 29 6.39 -8.94 -3.75
N ALA A 30 6.45 -10.08 -4.43
CA ALA A 30 7.61 -10.53 -5.21
C ALA A 30 7.10 -11.15 -6.52
N PRO A 31 7.92 -11.25 -7.58
CA PRO A 31 7.57 -12.01 -8.80
C PRO A 31 7.09 -13.45 -8.55
N TRP A 32 7.58 -14.06 -7.45
CA TRP A 32 7.24 -15.41 -6.99
C TRP A 32 5.81 -15.58 -6.47
N CYS A 33 5.09 -14.48 -6.16
CA CYS A 33 3.74 -14.54 -5.59
C CYS A 33 2.66 -15.02 -6.58
N GLY A 34 2.92 -14.95 -7.90
CA GLY A 34 2.02 -15.40 -8.96
C GLY A 34 0.78 -14.53 -9.23
N HIS A 35 0.62 -13.41 -8.51
CA HIS A 35 -0.60 -12.57 -8.53
C HIS A 35 -0.32 -11.08 -8.80
N CYS A 36 0.90 -10.58 -8.60
CA CYS A 36 1.28 -9.19 -8.87
C CYS A 36 1.03 -8.76 -10.33
N LYS A 37 1.18 -9.71 -11.27
CA LYS A 37 0.92 -9.54 -12.72
C LYS A 37 -0.56 -9.32 -13.08
N ARG A 38 -1.48 -9.41 -12.12
CA ARG A 38 -2.94 -9.16 -12.26
C ARG A 38 -3.51 -8.22 -11.21
N LEU A 39 -2.85 -8.09 -10.05
CA LEU A 39 -3.21 -7.14 -8.98
C LEU A 39 -2.63 -5.73 -9.20
N ALA A 40 -1.48 -5.58 -9.86
CA ALA A 40 -0.88 -4.26 -10.14
C ALA A 40 -1.85 -3.23 -10.79
N PRO A 41 -2.63 -3.55 -11.85
CA PRO A 41 -3.54 -2.59 -12.46
C PRO A 41 -4.74 -2.25 -11.57
N GLU A 42 -5.10 -3.09 -10.60
CA GLU A 42 -6.12 -2.76 -9.59
C GLU A 42 -5.56 -1.76 -8.55
N TYR A 43 -4.32 -1.94 -8.12
CA TYR A 43 -3.69 -1.07 -7.13
C TYR A 43 -3.30 0.30 -7.73
N GLU A 44 -2.94 0.36 -9.02
CA GLU A 44 -2.74 1.61 -9.78
C GLU A 44 -4.04 2.41 -9.91
N ALA A 45 -5.13 1.70 -10.16
CA ALA A 45 -6.48 2.29 -10.17
C ALA A 45 -6.86 2.84 -8.79
N ALA A 46 -6.58 2.12 -7.69
CA ALA A 46 -6.76 2.62 -6.33
C ALA A 46 -5.94 3.88 -6.04
N ALA A 47 -4.67 3.91 -6.44
CA ALA A 47 -3.80 5.08 -6.29
C ALA A 47 -4.34 6.29 -7.06
N THR A 48 -4.79 6.08 -8.30
CA THR A 48 -5.46 7.09 -9.13
C THR A 48 -6.76 7.61 -8.48
N ARG A 49 -7.59 6.73 -7.91
CA ARG A 49 -8.86 7.10 -7.23
C ARG A 49 -8.66 7.82 -5.88
N LEU A 50 -7.51 7.60 -5.22
CA LEU A 50 -7.17 8.15 -3.90
C LEU A 50 -6.00 9.14 -3.97
N LYS A 51 -5.69 9.69 -5.16
CA LYS A 51 -4.57 10.62 -5.42
C LYS A 51 -4.70 11.89 -4.57
N GLY A 52 -3.77 12.08 -3.63
CA GLY A 52 -3.77 13.17 -2.65
C GLY A 52 -4.68 12.94 -1.42
N ILE A 53 -5.34 11.79 -1.35
CA ILE A 53 -6.25 11.37 -0.27
C ILE A 53 -5.59 10.29 0.59
N VAL A 54 -4.88 9.35 -0.04
CA VAL A 54 -4.00 8.35 0.61
C VAL A 54 -2.78 8.08 -0.28
N PRO A 55 -1.53 8.22 0.22
CA PRO A 55 -0.33 7.78 -0.50
C PRO A 55 -0.28 6.25 -0.59
N LEU A 56 -0.15 5.73 -1.82
CA LEU A 56 -0.06 4.29 -2.11
C LEU A 56 1.32 3.95 -2.73
N ALA A 57 1.90 2.85 -2.28
CA ALA A 57 3.25 2.42 -2.62
C ALA A 57 3.36 0.90 -2.76
N LYS A 58 4.43 0.41 -3.39
CA LYS A 58 4.80 -1.01 -3.42
C LYS A 58 6.30 -1.23 -3.25
N VAL A 59 6.66 -2.47 -2.87
CA VAL A 59 8.02 -2.91 -2.54
C VAL A 59 8.21 -4.35 -3.03
N ASP A 60 9.27 -4.60 -3.80
CA ASP A 60 9.62 -5.92 -4.36
C ASP A 60 10.48 -6.74 -3.38
N CYS A 61 9.88 -7.68 -2.64
CA CYS A 61 10.54 -8.47 -1.60
C CYS A 61 11.63 -9.45 -2.10
N THR A 62 11.62 -9.86 -3.38
CA THR A 62 12.77 -10.59 -3.97
C THR A 62 14.04 -9.72 -4.05
N ALA A 63 13.84 -8.40 -4.04
CA ALA A 63 14.86 -7.36 -4.22
C ALA A 63 15.04 -6.45 -2.97
N ASN A 64 14.18 -6.63 -1.95
CA ASN A 64 14.13 -5.86 -0.69
C ASN A 64 13.68 -6.75 0.49
N THR A 65 14.31 -7.90 0.58
CA THR A 65 13.95 -9.00 1.47
C THR A 65 14.05 -8.61 2.94
N ASN A 66 15.07 -7.82 3.30
CA ASN A 66 15.27 -7.28 4.65
C ASN A 66 14.19 -6.24 5.01
N THR A 67 13.77 -5.40 4.06
CA THR A 67 12.64 -4.47 4.22
C THR A 67 11.35 -5.25 4.48
N CYS A 68 11.10 -6.35 3.76
CA CYS A 68 9.88 -7.15 3.92
C CYS A 68 9.88 -8.04 5.18
N ASN A 69 11.05 -8.57 5.58
CA ASN A 69 11.19 -9.40 6.80
C ASN A 69 11.06 -8.57 8.10
N LYS A 70 11.23 -7.24 8.03
CA LYS A 70 10.90 -6.30 9.12
C LYS A 70 9.41 -6.32 9.48
N TYR A 71 8.55 -6.77 8.55
CA TYR A 71 7.08 -6.64 8.66
C TYR A 71 6.31 -7.97 8.61
N GLY A 72 6.87 -9.01 7.97
CA GLY A 72 6.33 -10.37 8.02
C GLY A 72 5.60 -10.79 6.74
N VAL A 73 6.08 -10.32 5.58
CA VAL A 73 5.62 -10.69 4.22
C VAL A 73 5.99 -12.16 3.86
N SER A 74 5.67 -13.11 4.74
CA SER A 74 5.91 -14.56 4.58
C SER A 74 5.00 -15.27 3.55
N GLY A 75 4.07 -14.54 2.93
CA GLY A 75 3.03 -15.09 2.03
C GLY A 75 2.41 -14.02 1.12
N TYR A 76 3.24 -13.32 0.34
CA TYR A 76 2.84 -12.26 -0.60
C TYR A 76 1.76 -12.66 -1.63
N PRO A 77 1.02 -11.70 -2.22
CA PRO A 77 1.06 -10.25 -1.92
C PRO A 77 0.43 -9.92 -0.56
N THR A 78 0.93 -8.87 0.10
CA THR A 78 0.53 -8.45 1.45
C THR A 78 0.43 -6.93 1.52
N LEU A 79 -0.80 -6.41 1.69
CA LEU A 79 -1.03 -4.98 1.89
C LEU A 79 -0.95 -4.63 3.40
N LYS A 80 -0.27 -3.53 3.74
CA LYS A 80 -0.05 -3.04 5.10
C LYS A 80 -0.26 -1.53 5.23
N ILE A 81 -0.60 -1.10 6.44
CA ILE A 81 -1.06 0.25 6.78
C ILE A 81 -0.14 0.83 7.85
N PHE A 82 0.21 2.11 7.67
CA PHE A 82 1.15 2.84 8.53
C PHE A 82 0.56 4.19 8.96
N ARG A 83 -0.17 4.17 10.07
CA ARG A 83 -0.79 5.36 10.68
C ARG A 83 0.30 6.33 11.18
N ASP A 84 0.25 7.58 10.70
CA ASP A 84 1.26 8.61 10.95
C ASP A 84 2.73 8.16 10.72
N GLY A 85 2.94 7.18 9.83
CA GLY A 85 4.27 6.68 9.44
C GLY A 85 4.80 5.49 10.26
N GLU A 86 3.92 4.78 10.98
CA GLU A 86 4.27 3.64 11.85
C GLU A 86 3.20 2.54 11.73
N GLU A 87 3.62 1.28 11.69
CA GLU A 87 2.75 0.13 11.40
C GLU A 87 1.49 0.08 12.28
N ALA A 88 0.31 0.29 11.68
CA ALA A 88 -0.98 0.07 12.33
C ALA A 88 -1.30 -1.43 12.39
N GLY A 89 -0.95 -2.16 11.32
CA GLY A 89 -0.97 -3.63 11.31
C GLY A 89 -0.97 -4.23 9.91
N ALA A 90 -2.16 -4.30 9.29
CA ALA A 90 -2.40 -4.91 7.99
C ALA A 90 -3.76 -4.46 7.40
N TYR A 91 -3.86 -4.46 6.07
CA TYR A 91 -5.13 -4.29 5.35
C TYR A 91 -5.94 -5.60 5.37
N ASP A 92 -7.27 -5.49 5.30
CA ASP A 92 -8.19 -6.62 5.09
C ASP A 92 -9.43 -6.16 4.30
N GLY A 93 -9.73 -6.86 3.20
CA GLY A 93 -10.80 -6.50 2.27
C GLY A 93 -10.72 -7.24 0.92
N PRO A 94 -11.51 -6.80 -0.09
CA PRO A 94 -11.59 -7.43 -1.42
C PRO A 94 -10.28 -7.60 -2.20
N ARG A 95 -9.20 -6.88 -1.85
CA ARG A 95 -7.90 -6.85 -2.57
C ARG A 95 -8.08 -6.56 -4.07
N THR A 96 -8.81 -5.49 -4.34
CA THR A 96 -9.13 -4.89 -5.66
C THR A 96 -9.27 -3.37 -5.50
N ALA A 97 -9.24 -2.59 -6.58
CA ALA A 97 -9.34 -1.13 -6.56
C ALA A 97 -10.51 -0.60 -5.71
N ASP A 98 -11.69 -1.17 -5.91
CA ASP A 98 -12.93 -0.83 -5.19
C ASP A 98 -12.83 -1.14 -3.70
N GLY A 99 -12.11 -2.22 -3.36
CA GLY A 99 -11.82 -2.66 -2.00
C GLY A 99 -10.90 -1.70 -1.23
N ILE A 100 -10.02 -0.97 -1.92
CA ILE A 100 -9.17 0.06 -1.30
C ILE A 100 -9.96 1.36 -1.08
N VAL A 101 -10.70 1.81 -2.11
CA VAL A 101 -11.60 2.97 -2.03
C VAL A 101 -12.68 2.77 -0.96
N SER A 102 -13.26 1.58 -0.87
CA SER A 102 -14.22 1.19 0.19
C SER A 102 -13.62 1.29 1.60
N HIS A 103 -12.40 0.77 1.80
CA HIS A 103 -11.71 0.85 3.08
C HIS A 103 -11.40 2.29 3.50
N LEU A 104 -11.07 3.17 2.54
CA LEU A 104 -10.89 4.61 2.78
C LEU A 104 -12.22 5.31 3.08
N LYS A 105 -13.25 5.17 2.23
CA LYS A 105 -14.49 5.95 2.36
C LYS A 105 -15.24 5.69 3.67
N LYS A 106 -15.16 4.45 4.21
CA LYS A 106 -15.77 4.03 5.49
C LYS A 106 -15.21 4.74 6.74
N GLN A 107 -14.06 5.40 6.62
CA GLN A 107 -13.42 6.19 7.70
C GLN A 107 -13.31 7.68 7.37
N ALA A 108 -13.07 8.02 6.09
CA ALA A 108 -13.00 9.41 5.62
C ALA A 108 -14.36 10.14 5.61
N GLY A 109 -15.47 9.45 5.31
CA GLY A 109 -16.80 10.06 5.20
C GLY A 109 -17.74 9.28 4.26
N PRO A 110 -18.37 8.17 4.70
CA PRO A 110 -19.12 7.26 3.83
C PRO A 110 -20.44 7.84 3.26
N ALA A 111 -20.84 9.03 3.71
CA ALA A 111 -22.00 9.79 3.22
C ALA A 111 -21.61 11.17 2.64
N SER A 112 -20.32 11.36 2.33
CA SER A 112 -19.70 12.64 1.92
C SER A 112 -18.82 12.55 0.67
N VAL A 113 -18.87 11.42 -0.06
CA VAL A 113 -18.12 11.12 -1.30
C VAL A 113 -18.93 10.24 -2.26
N SER A 1 3.18 6.51 -14.78
CA SER A 1 3.22 5.81 -13.47
C SER A 1 2.55 6.63 -12.37
N ASP A 2 1.76 5.99 -11.51
CA ASP A 2 0.90 6.64 -10.51
C ASP A 2 1.09 6.11 -9.06
N VAL A 3 2.04 5.19 -8.87
CA VAL A 3 2.33 4.51 -7.58
C VAL A 3 3.80 4.73 -7.18
N LEU A 4 4.06 4.97 -5.89
CA LEU A 4 5.40 5.04 -5.31
C LEU A 4 6.08 3.65 -5.28
N GLU A 5 7.40 3.60 -5.41
CA GLU A 5 8.16 2.37 -5.58
C GLU A 5 9.49 2.47 -4.80
N LEU A 6 9.46 2.04 -3.54
CA LEU A 6 10.55 2.23 -2.57
C LEU A 6 11.44 0.99 -2.40
N THR A 7 12.59 1.19 -1.74
CA THR A 7 13.52 0.15 -1.26
C THR A 7 14.21 0.66 0.02
N ASP A 8 14.78 -0.25 0.82
CA ASP A 8 15.38 0.04 2.14
C ASP A 8 16.45 1.16 2.14
N ASP A 9 17.11 1.39 1.00
CA ASP A 9 18.06 2.48 0.81
C ASP A 9 17.47 3.89 1.04
N ASN A 10 16.15 4.06 0.85
CA ASN A 10 15.45 5.36 0.95
C ASN A 10 14.03 5.31 1.57
N PHE A 11 13.41 4.14 1.74
CA PHE A 11 12.08 3.95 2.34
C PHE A 11 11.93 4.66 3.70
N GLU A 12 12.95 4.58 4.55
CA GLU A 12 13.01 5.16 5.91
C GLU A 12 12.90 6.69 5.99
N SER A 13 12.80 7.38 4.86
CA SER A 13 12.49 8.82 4.76
C SER A 13 11.48 9.13 3.64
N ARG A 14 10.60 8.16 3.34
CA ARG A 14 9.42 8.28 2.45
C ARG A 14 8.13 7.77 3.07
N ILE A 15 8.19 7.04 4.19
CA ILE A 15 7.02 6.64 5.00
C ILE A 15 6.12 7.84 5.39
N SER A 16 6.72 9.02 5.43
CA SER A 16 6.08 10.29 5.82
C SER A 16 5.12 10.84 4.76
N ASP A 17 5.09 10.25 3.55
CA ASP A 17 4.32 10.72 2.40
C ASP A 17 2.83 10.33 2.46
N THR A 18 2.16 10.70 3.56
CA THR A 18 0.71 10.55 3.76
C THR A 18 -0.13 11.44 2.83
N GLY A 19 -1.42 11.12 2.77
CA GLY A 19 -2.45 11.88 2.04
C GLY A 19 -3.49 12.54 2.95
N SER A 20 -4.51 13.15 2.35
CA SER A 20 -5.63 13.85 3.02
C SER A 20 -6.38 13.00 4.06
N ALA A 21 -6.37 11.67 3.91
CA ALA A 21 -6.89 10.70 4.88
C ALA A 21 -6.15 10.67 6.22
N GLY A 22 -4.94 11.25 6.31
CA GLY A 22 -4.09 11.23 7.51
C GLY A 22 -3.15 10.03 7.59
N LEU A 23 -3.03 9.26 6.49
CA LEU A 23 -2.24 8.02 6.43
C LEU A 23 -1.63 7.76 5.05
N MET A 24 -0.82 6.70 4.95
CA MET A 24 -0.20 6.18 3.72
C MET A 24 -0.50 4.67 3.61
N LEU A 25 -0.64 4.16 2.37
CA LEU A 25 -0.91 2.75 2.08
C LEU A 25 0.22 2.17 1.23
N VAL A 26 0.72 1.00 1.59
CA VAL A 26 1.84 0.33 0.92
C VAL A 26 1.54 -1.14 0.67
N GLU A 27 2.10 -1.71 -0.40
CA GLU A 27 1.95 -3.12 -0.80
C GLU A 27 3.32 -3.80 -0.83
N PHE A 28 3.49 -4.83 0.01
CA PHE A 28 4.65 -5.72 -0.04
C PHE A 28 4.32 -6.91 -0.95
N PHE A 29 5.14 -7.13 -1.98
CA PHE A 29 4.90 -8.10 -3.06
C PHE A 29 6.23 -8.61 -3.65
N ALA A 30 6.22 -9.24 -4.83
CA ALA A 30 7.43 -9.71 -5.53
C ALA A 30 7.21 -9.69 -7.06
N PRO A 31 8.27 -9.61 -7.89
CA PRO A 31 8.16 -9.53 -9.35
C PRO A 31 7.84 -10.88 -10.05
N TRP A 32 7.79 -12.00 -9.31
CA TRP A 32 7.65 -13.36 -9.84
C TRP A 32 6.46 -13.52 -10.82
N CYS A 33 6.75 -14.01 -12.03
CA CYS A 33 5.75 -14.30 -13.06
C CYS A 33 4.75 -15.39 -12.61
N GLY A 34 3.45 -15.13 -12.79
CA GLY A 34 2.35 -16.05 -12.48
C GLY A 34 1.09 -15.34 -11.99
N HIS A 35 1.25 -14.25 -11.22
CA HIS A 35 0.15 -13.42 -10.69
C HIS A 35 0.46 -11.91 -10.70
N CYS A 36 1.72 -11.49 -10.88
CA CYS A 36 2.08 -10.06 -10.97
C CYS A 36 1.37 -9.34 -12.13
N LYS A 37 1.15 -10.05 -13.25
CA LYS A 37 0.43 -9.58 -14.45
C LYS A 37 -1.08 -9.32 -14.21
N ARG A 38 -1.62 -9.84 -13.09
CA ARG A 38 -3.04 -9.80 -12.71
C ARG A 38 -3.37 -8.78 -11.61
N LEU A 39 -2.35 -8.27 -10.93
CA LEU A 39 -2.46 -7.31 -9.81
C LEU A 39 -1.78 -5.96 -10.08
N ALA A 40 -0.69 -5.92 -10.87
CA ALA A 40 -0.04 -4.67 -11.27
C ALA A 40 -1.00 -3.61 -11.87
N PRO A 41 -1.94 -3.95 -12.80
CA PRO A 41 -2.88 -2.97 -13.35
C PRO A 41 -4.01 -2.58 -12.38
N GLU A 42 -4.25 -3.35 -11.31
CA GLU A 42 -5.27 -3.03 -10.29
C GLU A 42 -4.77 -1.93 -9.34
N TYR A 43 -3.53 -2.07 -8.85
CA TYR A 43 -3.03 -1.18 -7.81
C TYR A 43 -2.69 0.23 -8.34
N GLU A 44 -2.23 0.36 -9.59
CA GLU A 44 -2.06 1.67 -10.25
C GLU A 44 -3.38 2.39 -10.54
N ALA A 45 -4.43 1.63 -10.86
CA ALA A 45 -5.79 2.17 -11.00
C ALA A 45 -6.29 2.74 -9.66
N ALA A 46 -6.08 2.03 -8.54
CA ALA A 46 -6.47 2.54 -7.21
C ALA A 46 -5.71 3.83 -6.86
N ALA A 47 -4.40 3.87 -7.16
CA ALA A 47 -3.54 5.03 -6.89
C ALA A 47 -3.94 6.26 -7.71
N THR A 48 -4.41 6.04 -8.94
CA THR A 48 -4.99 7.07 -9.82
C THR A 48 -6.34 7.57 -9.30
N ARG A 49 -7.25 6.65 -8.91
CA ARG A 49 -8.62 6.99 -8.43
C ARG A 49 -8.65 7.66 -7.06
N LEU A 50 -7.64 7.41 -6.22
CA LEU A 50 -7.56 7.89 -4.83
C LEU A 50 -6.50 9.00 -4.63
N LYS A 51 -5.86 9.49 -5.70
CA LYS A 51 -4.70 10.40 -5.66
C LYS A 51 -4.86 11.64 -4.77
N GLY A 52 -6.06 12.21 -4.71
CA GLY A 52 -6.40 13.39 -3.89
C GLY A 52 -6.66 13.10 -2.40
N ILE A 53 -6.78 11.81 -2.01
CA ILE A 53 -7.22 11.39 -0.67
C ILE A 53 -6.18 10.50 0.03
N VAL A 54 -5.59 9.54 -0.66
CA VAL A 54 -4.53 8.65 -0.13
C VAL A 54 -3.56 8.20 -1.26
N PRO A 55 -2.26 8.52 -1.17
CA PRO A 55 -1.25 7.97 -2.08
C PRO A 55 -0.94 6.51 -1.74
N LEU A 56 -0.46 5.76 -2.73
CA LEU A 56 -0.19 4.33 -2.66
C LEU A 56 1.27 4.04 -3.06
N ALA A 57 1.85 2.99 -2.48
CA ALA A 57 3.25 2.65 -2.59
C ALA A 57 3.52 1.14 -2.66
N LYS A 58 4.74 0.74 -3.06
CA LYS A 58 5.17 -0.66 -3.20
C LYS A 58 6.57 -0.89 -2.61
N VAL A 59 6.80 -2.13 -2.16
CA VAL A 59 8.10 -2.68 -1.72
C VAL A 59 8.18 -4.15 -2.15
N ASP A 60 9.38 -4.64 -2.49
CA ASP A 60 9.57 -6.02 -3.00
C ASP A 60 10.29 -6.91 -1.97
N CYS A 61 9.66 -8.02 -1.59
CA CYS A 61 10.16 -9.00 -0.64
C CYS A 61 11.45 -9.71 -1.13
N THR A 62 11.60 -9.94 -2.44
CA THR A 62 12.84 -10.48 -3.01
C THR A 62 14.00 -9.47 -2.95
N ALA A 63 13.69 -8.16 -3.05
CA ALA A 63 14.68 -7.10 -2.96
C ALA A 63 15.13 -6.83 -1.52
N ASN A 64 14.21 -6.92 -0.54
CA ASN A 64 14.46 -6.71 0.88
C ASN A 64 13.70 -7.71 1.77
N THR A 65 14.27 -8.91 1.87
CA THR A 65 13.63 -10.07 2.53
C THR A 65 13.68 -9.94 4.05
N ASN A 66 14.74 -9.33 4.58
CA ASN A 66 14.87 -8.97 5.99
C ASN A 66 13.76 -8.02 6.47
N THR A 67 13.46 -6.99 5.69
CA THR A 67 12.36 -6.04 5.94
C THR A 67 11.01 -6.75 5.80
N CYS A 68 10.86 -7.58 4.77
CA CYS A 68 9.64 -8.35 4.50
C CYS A 68 9.25 -9.25 5.68
N ASN A 69 10.23 -9.96 6.26
CA ASN A 69 9.98 -10.88 7.40
C ASN A 69 9.82 -10.14 8.73
N LYS A 70 10.55 -9.03 8.93
CA LYS A 70 10.36 -8.11 10.05
C LYS A 70 8.96 -7.46 10.06
N TYR A 71 8.34 -7.30 8.89
CA TYR A 71 7.04 -6.60 8.74
C TYR A 71 5.84 -7.55 8.73
N GLY A 72 6.10 -8.86 8.73
CA GLY A 72 5.09 -9.91 8.87
C GLY A 72 4.57 -10.47 7.54
N VAL A 73 5.25 -10.14 6.44
CA VAL A 73 4.88 -10.49 5.05
C VAL A 73 5.29 -11.94 4.73
N SER A 74 4.74 -12.87 5.51
CA SER A 74 4.94 -14.34 5.34
C SER A 74 4.13 -14.94 4.17
N GLY A 75 3.32 -14.14 3.45
CA GLY A 75 2.38 -14.61 2.42
C GLY A 75 1.83 -13.50 1.53
N TYR A 76 2.72 -12.76 0.84
CA TYR A 76 2.37 -11.67 -0.08
C TYR A 76 1.41 -12.08 -1.23
N PRO A 77 0.63 -11.15 -1.83
CA PRO A 77 0.60 -9.70 -1.57
C PRO A 77 0.04 -9.32 -0.20
N THR A 78 0.70 -8.39 0.48
CA THR A 78 0.34 -7.92 1.83
C THR A 78 0.34 -6.40 1.86
N LEU A 79 -0.84 -5.80 2.03
CA LEU A 79 -1.00 -4.35 2.09
C LEU A 79 -1.04 -3.86 3.55
N LYS A 80 -0.31 -2.78 3.86
CA LYS A 80 -0.12 -2.25 5.22
C LYS A 80 -0.38 -0.74 5.29
N ILE A 81 -0.79 -0.28 6.48
CA ILE A 81 -1.31 1.07 6.73
C ILE A 81 -0.48 1.81 7.79
N PHE A 82 -0.17 3.07 7.48
CA PHE A 82 0.71 3.94 8.27
C PHE A 82 0.09 5.32 8.51
N ARG A 83 -0.60 5.49 9.64
CA ARG A 83 -1.18 6.77 10.09
C ARG A 83 -0.07 7.75 10.47
N ASP A 84 -0.10 8.95 9.90
CA ASP A 84 0.96 9.98 10.03
C ASP A 84 2.39 9.44 9.76
N GLY A 85 2.50 8.44 8.87
CA GLY A 85 3.76 7.77 8.53
C GLY A 85 4.33 6.81 9.59
N GLU A 86 3.47 6.24 10.45
CA GLU A 86 3.81 5.24 11.47
C GLU A 86 2.75 4.13 11.48
N GLU A 87 3.18 2.87 11.61
CA GLU A 87 2.29 1.70 11.42
C GLU A 87 1.04 1.76 12.33
N ALA A 88 -0.15 1.61 11.72
CA ALA A 88 -1.43 1.64 12.43
C ALA A 88 -2.17 0.30 12.32
N GLY A 89 -1.77 -0.55 11.36
CA GLY A 89 -2.19 -1.94 11.25
C GLY A 89 -1.90 -2.51 9.86
N ALA A 90 -2.97 -2.93 9.20
CA ALA A 90 -2.96 -3.61 7.92
C ALA A 90 -4.32 -3.51 7.19
N TYR A 91 -4.28 -3.66 5.86
CA TYR A 91 -5.47 -3.75 5.01
C TYR A 91 -6.25 -5.06 5.25
N ASP A 92 -7.57 -5.03 4.99
CA ASP A 92 -8.47 -6.20 5.10
C ASP A 92 -9.64 -6.06 4.10
N GLY A 93 -9.49 -6.69 2.92
CA GLY A 93 -10.44 -6.59 1.82
C GLY A 93 -10.05 -7.39 0.56
N PRO A 94 -10.74 -7.18 -0.58
CA PRO A 94 -10.56 -7.94 -1.84
C PRO A 94 -9.15 -8.02 -2.47
N ARG A 95 -8.23 -7.12 -2.11
CA ARG A 95 -6.90 -6.95 -2.77
C ARG A 95 -7.02 -6.73 -4.30
N THR A 96 -7.97 -5.87 -4.69
CA THR A 96 -8.25 -5.41 -6.06
C THR A 96 -8.55 -3.91 -6.06
N ALA A 97 -8.47 -3.22 -7.20
CA ALA A 97 -8.68 -1.78 -7.30
C ALA A 97 -9.96 -1.27 -6.60
N ASP A 98 -11.09 -1.96 -6.84
CA ASP A 98 -12.39 -1.66 -6.23
C ASP A 98 -12.40 -1.92 -4.71
N GLY A 99 -11.61 -2.88 -4.24
CA GLY A 99 -11.44 -3.19 -2.83
C GLY A 99 -10.61 -2.13 -2.08
N ILE A 100 -9.70 -1.42 -2.77
CA ILE A 100 -8.96 -0.29 -2.17
C ILE A 100 -9.86 0.95 -2.07
N VAL A 101 -10.56 1.27 -3.16
CA VAL A 101 -11.54 2.38 -3.20
C VAL A 101 -12.64 2.20 -2.16
N SER A 102 -13.21 0.99 -2.07
CA SER A 102 -14.24 0.67 -1.06
C SER A 102 -13.73 0.84 0.38
N HIS A 103 -12.50 0.40 0.68
CA HIS A 103 -11.83 0.59 1.97
C HIS A 103 -11.61 2.10 2.29
N LEU A 104 -11.33 2.93 1.28
CA LEU A 104 -11.14 4.37 1.44
C LEU A 104 -12.48 5.13 1.66
N LYS A 105 -13.53 4.83 0.89
CA LYS A 105 -14.86 5.47 1.03
C LYS A 105 -15.46 5.34 2.43
N LYS A 106 -15.18 4.21 3.08
CA LYS A 106 -15.61 3.86 4.46
C LYS A 106 -14.99 4.71 5.57
N GLN A 107 -13.95 5.51 5.28
CA GLN A 107 -13.20 6.32 6.25
C GLN A 107 -13.03 7.79 5.85
N ALA A 108 -12.97 8.08 4.55
CA ALA A 108 -12.90 9.43 3.99
C ALA A 108 -14.17 10.28 4.20
N GLY A 109 -15.33 9.67 4.48
CA GLY A 109 -16.58 10.39 4.72
C GLY A 109 -17.76 9.59 5.32
N PRO A 110 -17.58 8.80 6.39
CA PRO A 110 -18.68 8.08 7.06
C PRO A 110 -19.62 8.99 7.87
N ALA A 111 -19.20 10.23 8.16
CA ALA A 111 -19.92 11.25 8.95
C ALA A 111 -20.29 10.87 10.41
N SER A 112 -19.78 9.74 10.92
CA SER A 112 -19.99 9.22 12.28
C SER A 112 -18.75 8.43 12.74
N VAL A 113 -18.38 8.60 14.02
CA VAL A 113 -17.31 7.83 14.71
C VAL A 113 -17.64 6.33 14.86
N SER A 1 3.85 5.67 -13.29
CA SER A 1 3.30 5.06 -12.06
C SER A 1 2.63 6.10 -11.18
N ASP A 2 1.39 5.84 -10.74
CA ASP A 2 0.70 6.63 -9.69
C ASP A 2 1.03 6.07 -8.30
N VAL A 3 1.27 4.76 -8.21
CA VAL A 3 1.81 4.04 -7.05
C VAL A 3 3.30 4.37 -6.86
N LEU A 4 3.71 4.55 -5.60
CA LEU A 4 5.11 4.73 -5.20
C LEU A 4 5.88 3.40 -5.21
N GLU A 5 7.15 3.41 -5.61
CA GLU A 5 7.96 2.20 -5.80
C GLU A 5 9.18 2.21 -4.86
N LEU A 6 8.90 2.02 -3.57
CA LEU A 6 9.87 2.04 -2.48
C LEU A 6 10.76 0.78 -2.46
N THR A 7 11.91 0.87 -1.81
CA THR A 7 12.97 -0.15 -1.78
C THR A 7 13.68 -0.20 -0.42
N ASP A 8 14.52 -1.22 -0.20
CA ASP A 8 15.38 -1.34 0.98
C ASP A 8 16.31 -0.12 1.21
N ASP A 9 16.58 0.66 0.16
CA ASP A 9 17.39 1.89 0.22
C ASP A 9 16.63 3.11 0.79
N ASN A 10 15.29 3.12 0.72
CA ASN A 10 14.49 4.31 1.04
C ASN A 10 13.21 4.10 1.89
N PHE A 11 12.64 2.88 1.95
CA PHE A 11 11.34 2.63 2.57
C PHE A 11 11.22 3.19 4.00
N GLU A 12 12.24 2.96 4.82
CA GLU A 12 12.27 3.21 6.27
C GLU A 12 12.18 4.69 6.69
N SER A 13 12.13 5.63 5.74
CA SER A 13 11.85 7.06 5.97
C SER A 13 10.94 7.69 4.90
N ARG A 14 10.21 6.86 4.15
CA ARG A 14 9.12 7.24 3.22
C ARG A 14 7.74 6.80 3.68
N ILE A 15 7.64 5.94 4.69
CA ILE A 15 6.36 5.61 5.37
C ILE A 15 5.62 6.87 5.87
N SER A 16 6.39 7.94 6.11
CA SER A 16 5.94 9.26 6.57
C SER A 16 5.30 10.13 5.48
N ASP A 17 5.31 9.68 4.21
CA ASP A 17 4.75 10.38 3.04
C ASP A 17 3.22 10.21 2.94
N THR A 18 2.52 10.43 4.05
CA THR A 18 1.07 10.28 4.24
C THR A 18 0.26 11.23 3.35
N GLY A 19 -0.99 10.82 3.09
CA GLY A 19 -1.99 11.63 2.39
C GLY A 19 -2.88 12.43 3.34
N SER A 20 -3.87 13.15 2.78
CA SER A 20 -4.82 14.00 3.52
C SER A 20 -5.66 13.24 4.56
N ALA A 21 -5.84 11.93 4.38
CA ALA A 21 -6.47 11.03 5.36
C ALA A 21 -5.68 10.85 6.67
N GLY A 22 -4.40 11.24 6.71
CA GLY A 22 -3.52 11.11 7.88
C GLY A 22 -2.75 9.79 7.93
N LEU A 23 -2.65 9.06 6.82
CA LEU A 23 -1.93 7.78 6.73
C LEU A 23 -1.32 7.52 5.34
N MET A 24 -0.54 6.45 5.23
CA MET A 24 -0.02 5.88 3.97
C MET A 24 -0.36 4.37 3.92
N LEU A 25 -0.52 3.82 2.71
CA LEU A 25 -0.82 2.40 2.46
C LEU A 25 0.31 1.79 1.61
N VAL A 26 0.77 0.58 1.93
CA VAL A 26 1.81 -0.15 1.18
C VAL A 26 1.44 -1.61 0.99
N GLU A 27 1.83 -2.20 -0.14
CA GLU A 27 1.65 -3.61 -0.50
C GLU A 27 3.03 -4.24 -0.73
N PHE A 28 3.55 -4.94 0.28
CA PHE A 28 4.75 -5.75 0.09
C PHE A 28 4.38 -7.02 -0.67
N PHE A 29 5.19 -7.42 -1.65
CA PHE A 29 4.83 -8.49 -2.61
C PHE A 29 6.06 -9.21 -3.20
N ALA A 30 5.87 -10.33 -3.90
CA ALA A 30 6.91 -10.99 -4.69
C ALA A 30 6.33 -11.36 -6.08
N PRO A 31 6.68 -10.61 -7.15
CA PRO A 31 6.05 -10.75 -8.46
C PRO A 31 6.48 -11.99 -9.25
N TRP A 32 7.64 -12.58 -8.91
CA TRP A 32 8.22 -13.78 -9.54
C TRP A 32 8.10 -13.82 -11.08
N CYS A 33 8.38 -12.67 -11.72
CA CYS A 33 8.37 -12.45 -13.17
C CYS A 33 7.05 -12.80 -13.90
N GLY A 34 5.89 -12.69 -13.24
CA GLY A 34 4.58 -12.94 -13.88
C GLY A 34 3.32 -12.50 -13.13
N HIS A 35 3.37 -12.27 -11.82
CA HIS A 35 2.21 -11.97 -10.99
C HIS A 35 1.93 -10.47 -10.80
N CYS A 36 2.89 -9.59 -11.13
CA CYS A 36 2.69 -8.13 -11.11
C CYS A 36 1.61 -7.70 -12.11
N LYS A 37 1.66 -8.24 -13.34
CA LYS A 37 0.75 -7.92 -14.47
C LYS A 37 -0.74 -8.11 -14.14
N ARG A 38 -1.04 -9.03 -13.22
CA ARG A 38 -2.39 -9.46 -12.85
C ARG A 38 -3.05 -8.61 -11.74
N LEU A 39 -2.28 -7.76 -11.06
CA LEU A 39 -2.75 -6.95 -9.93
C LEU A 39 -2.33 -5.46 -10.00
N ALA A 40 -1.22 -5.13 -10.67
CA ALA A 40 -0.72 -3.77 -10.80
C ALA A 40 -1.76 -2.75 -11.34
N PRO A 41 -2.58 -3.05 -12.38
CA PRO A 41 -3.52 -2.05 -12.90
C PRO A 41 -4.67 -1.74 -11.93
N GLU A 42 -4.98 -2.64 -10.98
CA GLU A 42 -5.96 -2.34 -9.93
C GLU A 42 -5.37 -1.46 -8.81
N TYR A 43 -4.10 -1.70 -8.45
CA TYR A 43 -3.43 -0.92 -7.41
C TYR A 43 -3.09 0.52 -7.91
N GLU A 44 -2.75 0.67 -9.19
CA GLU A 44 -2.61 1.96 -9.89
C GLU A 44 -3.94 2.72 -9.97
N ALA A 45 -5.01 1.99 -10.29
CA ALA A 45 -6.37 2.54 -10.33
C ALA A 45 -6.78 3.08 -8.95
N ALA A 46 -6.53 2.34 -7.87
CA ALA A 46 -6.74 2.83 -6.50
C ALA A 46 -5.90 4.09 -6.19
N ALA A 47 -4.62 4.10 -6.55
CA ALA A 47 -3.73 5.25 -6.33
C ALA A 47 -4.17 6.50 -7.13
N THR A 48 -4.75 6.30 -8.32
CA THR A 48 -5.34 7.36 -9.15
C THR A 48 -6.66 7.86 -8.58
N ARG A 49 -7.53 6.95 -8.11
CA ARG A 49 -8.86 7.26 -7.56
C ARG A 49 -8.82 7.94 -6.18
N LEU A 50 -7.71 7.78 -5.46
CA LEU A 50 -7.48 8.28 -4.10
C LEU A 50 -6.31 9.28 -4.03
N LYS A 51 -5.81 9.77 -5.18
CA LYS A 51 -4.65 10.67 -5.33
C LYS A 51 -4.78 11.92 -4.43
N GLY A 52 -3.84 12.06 -3.49
CA GLY A 52 -3.79 13.15 -2.50
C GLY A 52 -4.57 12.89 -1.21
N ILE A 53 -5.57 11.98 -1.25
CA ILE A 53 -6.33 11.54 -0.06
C ILE A 53 -5.54 10.47 0.68
N VAL A 54 -5.06 9.44 -0.03
CA VAL A 54 -4.13 8.43 0.47
C VAL A 54 -3.25 7.90 -0.67
N PRO A 55 -1.93 8.18 -0.68
CA PRO A 55 -1.02 7.55 -1.62
C PRO A 55 -0.78 6.07 -1.28
N LEU A 56 -0.49 5.29 -2.31
CA LEU A 56 -0.23 3.85 -2.26
C LEU A 56 1.20 3.56 -2.68
N ALA A 57 1.82 2.53 -2.11
CA ALA A 57 3.20 2.14 -2.36
C ALA A 57 3.39 0.62 -2.48
N LYS A 58 4.55 0.18 -2.99
CA LYS A 58 4.96 -1.24 -3.03
C LYS A 58 6.41 -1.42 -2.57
N VAL A 59 6.74 -2.67 -2.17
CA VAL A 59 8.11 -3.15 -1.89
C VAL A 59 8.20 -4.62 -2.34
N ASP A 60 9.16 -4.95 -3.20
CA ASP A 60 9.33 -6.29 -3.78
C ASP A 60 10.23 -7.18 -2.89
N CYS A 61 9.65 -8.07 -2.09
CA CYS A 61 10.34 -8.94 -1.12
C CYS A 61 11.50 -9.76 -1.73
N THR A 62 11.29 -10.31 -2.93
CA THR A 62 12.31 -11.08 -3.67
C THR A 62 13.54 -10.25 -4.05
N ALA A 63 13.38 -8.92 -4.13
CA ALA A 63 14.44 -7.95 -4.45
C ALA A 63 14.87 -7.07 -3.25
N ASN A 64 14.15 -7.15 -2.11
CA ASN A 64 14.32 -6.31 -0.91
C ASN A 64 14.09 -7.11 0.38
N THR A 65 14.77 -8.24 0.42
CA THR A 65 14.61 -9.32 1.42
C THR A 65 15.01 -8.90 2.83
N ASN A 66 15.96 -7.98 2.96
CA ASN A 66 16.34 -7.36 4.25
C ASN A 66 15.16 -6.59 4.88
N THR A 67 14.42 -5.81 4.09
CA THR A 67 13.18 -5.13 4.55
C THR A 67 12.02 -6.12 4.73
N CYS A 68 11.93 -7.16 3.89
CA CYS A 68 10.83 -8.14 3.95
C CYS A 68 10.85 -9.01 5.21
N ASN A 69 12.00 -9.63 5.53
CA ASN A 69 12.13 -10.57 6.65
C ASN A 69 12.05 -9.87 8.02
N LYS A 70 12.55 -8.63 8.07
CA LYS A 70 12.46 -7.72 9.24
C LYS A 70 11.03 -7.49 9.75
N TYR A 71 10.03 -7.62 8.85
CA TYR A 71 8.60 -7.41 9.14
C TYR A 71 7.76 -8.68 9.01
N GLY A 72 8.37 -9.80 8.59
CA GLY A 72 7.73 -11.12 8.48
C GLY A 72 6.69 -11.21 7.35
N VAL A 73 6.92 -10.46 6.26
CA VAL A 73 6.00 -10.27 5.12
C VAL A 73 5.72 -11.51 4.27
N SER A 74 6.57 -12.55 4.36
CA SER A 74 6.67 -13.77 3.50
C SER A 74 5.39 -14.61 3.23
N GLY A 75 4.21 -14.09 3.60
CA GLY A 75 2.88 -14.60 3.26
C GLY A 75 2.14 -13.70 2.26
N TYR A 76 2.89 -13.06 1.35
CA TYR A 76 2.43 -12.05 0.38
C TYR A 76 1.24 -12.48 -0.53
N PRO A 77 0.46 -11.52 -1.08
CA PRO A 77 0.55 -10.07 -0.87
C PRO A 77 0.24 -9.63 0.56
N THR A 78 0.98 -8.62 1.03
CA THR A 78 0.99 -8.15 2.42
C THR A 78 0.74 -6.65 2.47
N LEU A 79 -0.53 -6.25 2.63
CA LEU A 79 -0.93 -4.84 2.66
C LEU A 79 -0.95 -4.30 4.09
N LYS A 80 -0.30 -3.15 4.33
CA LYS A 80 -0.10 -2.53 5.64
C LYS A 80 -0.34 -1.02 5.61
N ILE A 81 -0.62 -0.45 6.78
CA ILE A 81 -1.03 0.95 6.98
C ILE A 81 -0.08 1.61 7.97
N PHE A 82 0.26 2.87 7.69
CA PHE A 82 1.14 3.70 8.51
C PHE A 82 0.49 5.05 8.80
N ARG A 83 -0.25 5.10 9.91
CA ARG A 83 -0.93 6.31 10.42
C ARG A 83 0.08 7.33 10.94
N ASP A 84 0.03 8.54 10.40
CA ASP A 84 0.94 9.66 10.68
C ASP A 84 2.44 9.27 10.59
N GLY A 85 2.78 8.36 9.66
CA GLY A 85 4.15 7.87 9.45
C GLY A 85 4.64 6.84 10.48
N GLU A 86 3.75 6.05 11.07
CA GLU A 86 4.05 5.01 12.07
C GLU A 86 3.08 3.83 11.89
N GLU A 87 3.57 2.59 12.08
CA GLU A 87 2.77 1.37 11.85
C GLU A 87 1.44 1.38 12.63
N ALA A 88 0.31 1.44 11.91
CA ALA A 88 -1.02 1.23 12.49
C ALA A 88 -1.27 -0.28 12.69
N GLY A 89 -0.92 -1.09 11.67
CA GLY A 89 -0.86 -2.54 11.76
C GLY A 89 -0.92 -3.25 10.41
N ALA A 90 -2.11 -3.34 9.85
CA ALA A 90 -2.44 -4.07 8.63
C ALA A 90 -3.67 -3.45 7.92
N TYR A 91 -3.77 -3.65 6.61
CA TYR A 91 -4.94 -3.28 5.79
C TYR A 91 -6.20 -4.09 6.17
N ASP A 92 -7.39 -3.55 5.87
CA ASP A 92 -8.70 -4.09 6.30
C ASP A 92 -9.78 -3.90 5.23
N GLY A 93 -9.61 -4.59 4.10
CA GLY A 93 -10.57 -4.64 2.99
C GLY A 93 -10.16 -5.62 1.88
N PRO A 94 -10.95 -5.74 0.79
CA PRO A 94 -10.54 -6.48 -0.41
C PRO A 94 -9.26 -5.91 -1.03
N ARG A 95 -8.35 -6.77 -1.52
CA ARG A 95 -7.08 -6.37 -2.19
C ARG A 95 -7.27 -5.99 -3.67
N THR A 96 -8.29 -5.17 -3.96
CA THR A 96 -8.76 -4.78 -5.29
C THR A 96 -9.05 -3.28 -5.35
N ALA A 97 -8.99 -2.66 -6.53
CA ALA A 97 -9.20 -1.21 -6.71
C ALA A 97 -10.43 -0.63 -5.99
N ASP A 98 -11.58 -1.29 -6.15
CA ASP A 98 -12.84 -0.90 -5.50
C ASP A 98 -12.84 -1.16 -3.99
N GLY A 99 -12.07 -2.16 -3.53
CA GLY A 99 -11.85 -2.46 -2.12
C GLY A 99 -11.06 -1.37 -1.41
N ILE A 100 -9.97 -0.87 -2.02
CA ILE A 100 -9.16 0.21 -1.44
C ILE A 100 -10.01 1.48 -1.26
N VAL A 101 -10.75 1.85 -2.32
CA VAL A 101 -11.68 3.01 -2.30
C VAL A 101 -12.77 2.82 -1.25
N SER A 102 -13.40 1.65 -1.19
CA SER A 102 -14.43 1.34 -0.19
C SER A 102 -13.91 1.46 1.25
N HIS A 103 -12.72 0.95 1.54
CA HIS A 103 -12.04 1.07 2.83
C HIS A 103 -11.73 2.54 3.19
N LEU A 104 -11.38 3.36 2.20
CA LEU A 104 -11.09 4.79 2.37
C LEU A 104 -12.35 5.63 2.63
N LYS A 105 -13.42 5.47 1.82
CA LYS A 105 -14.66 6.25 1.98
C LYS A 105 -15.31 6.08 3.35
N LYS A 106 -15.22 4.87 3.91
CA LYS A 106 -15.72 4.47 5.24
C LYS A 106 -15.09 5.23 6.43
N GLN A 107 -14.02 6.00 6.21
CA GLN A 107 -13.33 6.78 7.23
C GLN A 107 -13.11 8.25 6.82
N ALA A 108 -12.88 8.51 5.52
CA ALA A 108 -12.70 9.86 4.99
C ALA A 108 -14.01 10.66 4.86
N GLY A 109 -15.17 9.99 4.72
CA GLY A 109 -16.47 10.65 4.52
C GLY A 109 -17.68 9.70 4.51
N PRO A 110 -17.90 8.87 5.57
CA PRO A 110 -18.99 7.89 5.62
C PRO A 110 -20.40 8.52 5.68
N ALA A 111 -20.50 9.81 6.03
CA ALA A 111 -21.75 10.56 6.13
C ALA A 111 -21.91 11.64 5.03
N SER A 112 -20.96 11.72 4.08
CA SER A 112 -20.94 12.68 2.97
C SER A 112 -21.81 12.26 1.76
N VAL A 113 -22.53 11.13 1.86
CA VAL A 113 -23.36 10.50 0.81
C VAL A 113 -24.76 10.10 1.29
N SER A 1 4.31 4.61 -12.22
CA SER A 1 2.85 4.85 -12.07
C SER A 1 2.56 5.80 -10.90
N ASP A 2 1.29 6.00 -10.55
CA ASP A 2 0.85 6.82 -9.41
C ASP A 2 1.22 6.22 -8.03
N VAL A 3 1.54 4.92 -7.96
CA VAL A 3 2.05 4.21 -6.77
C VAL A 3 3.53 4.55 -6.54
N LEU A 4 3.91 4.88 -5.30
CA LEU A 4 5.31 5.04 -4.89
C LEU A 4 6.05 3.70 -4.86
N GLU A 5 7.26 3.64 -5.41
CA GLU A 5 8.10 2.42 -5.45
C GLU A 5 9.27 2.56 -4.47
N LEU A 6 9.10 2.03 -3.26
CA LEU A 6 9.99 2.26 -2.11
C LEU A 6 10.65 0.99 -1.57
N THR A 7 11.63 1.18 -0.68
CA THR A 7 12.29 0.13 0.13
C THR A 7 13.02 0.76 1.33
N ASP A 8 13.60 -0.04 2.22
CA ASP A 8 14.27 0.42 3.47
C ASP A 8 15.33 1.53 3.26
N ASP A 9 15.97 1.55 2.08
CA ASP A 9 16.96 2.55 1.66
C ASP A 9 16.39 3.99 1.55
N ASN A 10 15.08 4.14 1.31
CA ASN A 10 14.43 5.42 0.98
C ASN A 10 13.08 5.68 1.67
N PHE A 11 12.41 4.63 2.18
CA PHE A 11 11.07 4.71 2.81
C PHE A 11 11.03 5.67 4.01
N GLU A 12 12.12 5.70 4.80
CA GLU A 12 12.30 6.52 6.01
C GLU A 12 12.31 8.04 5.78
N SER A 13 12.19 8.48 4.53
CA SER A 13 12.05 9.89 4.12
C SER A 13 10.86 10.09 3.16
N ARG A 14 9.86 9.21 3.25
CA ARG A 14 8.55 9.31 2.53
C ARG A 14 7.32 9.18 3.44
N ILE A 15 7.50 8.65 4.66
CA ILE A 15 6.46 8.54 5.70
C ILE A 15 5.82 9.89 6.07
N SER A 16 6.52 10.98 5.78
CA SER A 16 6.13 12.37 6.06
C SER A 16 5.00 12.87 5.15
N ASP A 17 4.72 12.16 4.04
CA ASP A 17 3.64 12.50 3.11
C ASP A 17 2.22 12.22 3.68
N THR A 18 2.15 11.58 4.84
CA THR A 18 0.91 11.24 5.59
C THR A 18 0.11 12.43 6.13
N GLY A 19 0.74 13.60 6.29
CA GLY A 19 0.19 14.78 7.00
C GLY A 19 -1.28 15.13 6.72
N SER A 20 -1.69 15.12 5.44
CA SER A 20 -3.07 15.44 5.02
C SER A 20 -4.03 14.25 5.04
N ALA A 21 -3.50 13.02 5.02
CA ALA A 21 -4.26 11.77 4.91
C ALA A 21 -4.54 11.11 6.28
N GLY A 22 -3.68 11.33 7.27
CA GLY A 22 -3.71 10.69 8.59
C GLY A 22 -3.00 9.33 8.65
N LEU A 23 -2.87 8.63 7.52
CA LEU A 23 -2.13 7.35 7.42
C LEU A 23 -1.55 7.13 6.00
N MET A 24 -0.72 6.09 5.88
CA MET A 24 -0.18 5.55 4.62
C MET A 24 -0.57 4.09 4.46
N LEU A 25 -0.77 3.65 3.22
CA LEU A 25 -1.05 2.25 2.85
C LEU A 25 0.07 1.76 1.93
N VAL A 26 0.61 0.57 2.18
CA VAL A 26 1.75 0.05 1.42
C VAL A 26 1.57 -1.45 1.13
N GLU A 27 1.92 -1.89 -0.08
CA GLU A 27 1.74 -3.26 -0.57
C GLU A 27 3.11 -3.94 -0.76
N PHE A 28 3.40 -4.93 0.07
CA PHE A 28 4.58 -5.77 -0.04
C PHE A 28 4.22 -7.00 -0.90
N PHE A 29 4.90 -7.16 -2.04
CA PHE A 29 4.52 -8.13 -3.08
C PHE A 29 5.73 -8.67 -3.87
N ALA A 30 5.54 -9.76 -4.62
CA ALA A 30 6.55 -10.37 -5.50
C ALA A 30 6.04 -10.38 -6.97
N PRO A 31 6.44 -9.40 -7.81
CA PRO A 31 6.00 -9.21 -9.22
C PRO A 31 6.24 -10.34 -10.26
N TRP A 32 6.25 -11.62 -9.87
CA TRP A 32 6.35 -12.76 -10.78
C TRP A 32 5.21 -12.81 -11.81
N CYS A 33 5.52 -13.29 -13.02
CA CYS A 33 4.63 -13.24 -14.21
C CYS A 33 3.29 -13.97 -14.03
N GLY A 34 3.20 -14.94 -13.12
CA GLY A 34 1.95 -15.65 -12.79
C GLY A 34 0.94 -14.83 -11.99
N HIS A 35 1.34 -13.70 -11.40
CA HIS A 35 0.52 -12.91 -10.46
C HIS A 35 0.53 -11.39 -10.71
N CYS A 36 1.62 -10.79 -11.21
CA CYS A 36 1.69 -9.32 -11.38
C CYS A 36 0.62 -8.76 -12.33
N LYS A 37 0.26 -9.49 -13.40
CA LYS A 37 -0.83 -9.16 -14.34
C LYS A 37 -2.21 -9.02 -13.68
N ARG A 38 -2.38 -9.57 -12.47
CA ARG A 38 -3.66 -9.64 -11.74
C ARG A 38 -3.84 -8.55 -10.67
N LEU A 39 -2.75 -7.89 -10.28
CA LEU A 39 -2.71 -6.95 -9.14
C LEU A 39 -2.04 -5.61 -9.47
N ALA A 40 -1.11 -5.57 -10.44
CA ALA A 40 -0.48 -4.33 -10.89
C ALA A 40 -1.48 -3.25 -11.37
N PRO A 41 -2.51 -3.58 -12.19
CA PRO A 41 -3.51 -2.60 -12.61
C PRO A 41 -4.54 -2.26 -11.52
N GLU A 42 -4.66 -3.07 -10.46
CA GLU A 42 -5.61 -2.82 -9.37
C GLU A 42 -5.11 -1.77 -8.40
N TYR A 43 -3.86 -1.91 -7.93
CA TYR A 43 -3.33 -1.02 -6.90
C TYR A 43 -2.99 0.39 -7.43
N GLU A 44 -2.61 0.53 -8.71
CA GLU A 44 -2.46 1.83 -9.34
C GLU A 44 -3.79 2.55 -9.61
N ALA A 45 -4.85 1.79 -9.88
CA ALA A 45 -6.21 2.32 -9.94
C ALA A 45 -6.66 2.84 -8.56
N ALA A 46 -6.36 2.14 -7.46
CA ALA A 46 -6.60 2.64 -6.10
C ALA A 46 -5.80 3.93 -5.82
N ALA A 47 -4.52 3.97 -6.19
CA ALA A 47 -3.66 5.14 -6.01
C ALA A 47 -4.10 6.35 -6.86
N THR A 48 -4.70 6.11 -8.02
CA THR A 48 -5.34 7.12 -8.88
C THR A 48 -6.66 7.63 -8.26
N ARG A 49 -7.49 6.74 -7.72
CA ARG A 49 -8.81 7.07 -7.15
C ARG A 49 -8.74 7.74 -5.77
N LEU A 50 -7.69 7.47 -5.00
CA LEU A 50 -7.39 8.06 -3.68
C LEU A 50 -6.27 9.12 -3.73
N LYS A 51 -5.85 9.59 -4.91
CA LYS A 51 -4.65 10.42 -5.13
C LYS A 51 -4.54 11.69 -4.25
N GLY A 52 -5.67 12.30 -3.92
CA GLY A 52 -5.74 13.48 -3.03
C GLY A 52 -6.18 13.16 -1.60
N ILE A 53 -6.29 11.87 -1.24
CA ILE A 53 -6.90 11.40 0.03
C ILE A 53 -5.97 10.48 0.83
N VAL A 54 -5.23 9.57 0.19
CA VAL A 54 -4.33 8.60 0.85
C VAL A 54 -3.08 8.32 -0.01
N PRO A 55 -1.85 8.45 0.53
CA PRO A 55 -0.63 7.99 -0.14
C PRO A 55 -0.53 6.47 -0.17
N LEU A 56 -0.29 5.89 -1.35
CA LEU A 56 -0.13 4.46 -1.58
C LEU A 56 1.28 4.14 -2.10
N ALA A 57 1.90 3.07 -1.58
CA ALA A 57 3.24 2.63 -1.98
C ALA A 57 3.32 1.12 -2.16
N LYS A 58 4.42 0.63 -2.76
CA LYS A 58 4.73 -0.80 -2.80
C LYS A 58 6.21 -1.09 -2.54
N VAL A 59 6.50 -2.35 -2.20
CA VAL A 59 7.84 -2.91 -1.97
C VAL A 59 7.92 -4.27 -2.64
N ASP A 60 8.94 -4.48 -3.47
CA ASP A 60 9.05 -5.64 -4.35
C ASP A 60 9.93 -6.73 -3.72
N CYS A 61 9.35 -7.63 -2.93
CA CYS A 61 10.03 -8.63 -2.11
C CYS A 61 10.94 -9.62 -2.88
N THR A 62 10.69 -9.83 -4.17
CA THR A 62 11.60 -10.58 -5.07
C THR A 62 12.95 -9.87 -5.30
N ALA A 63 13.01 -8.57 -5.03
CA ALA A 63 14.18 -7.69 -5.14
C ALA A 63 14.58 -7.03 -3.80
N ASN A 64 13.75 -7.17 -2.75
CA ASN A 64 13.84 -6.48 -1.47
C ASN A 64 13.44 -7.37 -0.27
N THR A 65 13.96 -8.57 -0.32
CA THR A 65 13.64 -9.68 0.62
C THR A 65 14.04 -9.31 2.05
N ASN A 66 15.14 -8.57 2.22
CA ASN A 66 15.59 -8.02 3.50
C ASN A 66 14.58 -7.02 4.10
N THR A 67 13.96 -6.18 3.25
CA THR A 67 12.89 -5.25 3.65
C THR A 67 11.59 -5.98 4.01
N CYS A 68 11.24 -7.05 3.28
CA CYS A 68 9.95 -7.73 3.41
C CYS A 68 9.89 -8.77 4.55
N ASN A 69 10.93 -9.59 4.71
CA ASN A 69 10.91 -10.68 5.72
C ASN A 69 10.97 -10.16 7.16
N LYS A 70 11.67 -9.04 7.33
CA LYS A 70 11.77 -8.26 8.59
C LYS A 70 10.41 -7.87 9.19
N TYR A 71 9.37 -7.77 8.35
CA TYR A 71 8.00 -7.37 8.75
C TYR A 71 6.98 -8.52 8.64
N GLY A 72 7.42 -9.68 8.15
CA GLY A 72 6.64 -10.93 8.15
C GLY A 72 5.94 -11.24 6.83
N VAL A 73 6.36 -10.60 5.73
CA VAL A 73 5.84 -10.81 4.36
C VAL A 73 6.38 -12.12 3.76
N SER A 74 6.11 -13.24 4.45
CA SER A 74 6.42 -14.61 4.00
C SER A 74 5.35 -15.20 3.05
N GLY A 75 4.29 -14.45 2.74
CA GLY A 75 3.12 -14.92 1.97
C GLY A 75 2.43 -13.80 1.20
N TYR A 76 3.21 -13.02 0.42
CA TYR A 76 2.73 -11.94 -0.45
C TYR A 76 1.58 -12.35 -1.42
N PRO A 77 0.72 -11.40 -1.85
CA PRO A 77 0.69 -9.99 -1.47
C PRO A 77 0.24 -9.78 -0.01
N THR A 78 0.82 -8.74 0.62
CA THR A 78 0.55 -8.35 2.01
C THR A 78 0.53 -6.83 2.11
N LEU A 79 -0.61 -6.24 2.47
CA LEU A 79 -0.73 -4.79 2.63
C LEU A 79 -0.60 -4.41 4.12
N LYS A 80 -0.04 -3.22 4.40
CA LYS A 80 0.18 -2.70 5.76
C LYS A 80 -0.20 -1.22 5.87
N ILE A 81 -0.69 -0.86 7.05
CA ILE A 81 -1.23 0.47 7.39
C ILE A 81 -0.33 1.14 8.44
N PHE A 82 -0.06 2.43 8.20
CA PHE A 82 0.87 3.23 9.00
C PHE A 82 0.29 4.62 9.32
N ARG A 83 -0.32 4.77 10.50
CA ARG A 83 -0.90 6.03 10.99
C ARG A 83 0.22 7.05 11.25
N ASP A 84 0.10 8.24 10.67
CA ASP A 84 1.08 9.33 10.71
C ASP A 84 2.54 8.90 10.40
N GLY A 85 2.72 7.81 9.64
CA GLY A 85 4.02 7.28 9.21
C GLY A 85 4.62 6.16 10.07
N GLU A 86 3.85 5.56 11.00
CA GLU A 86 4.28 4.45 11.86
C GLU A 86 3.15 3.42 11.98
N GLU A 87 3.52 2.16 12.19
CA GLU A 87 2.62 1.00 12.13
C GLU A 87 1.36 1.15 12.98
N ALA A 88 0.19 0.87 12.39
CA ALA A 88 -1.10 0.84 13.08
C ALA A 88 -1.82 -0.51 12.92
N GLY A 89 -1.40 -1.34 11.95
CA GLY A 89 -1.83 -2.72 11.81
C GLY A 89 -1.40 -3.34 10.48
N ALA A 90 -2.41 -3.81 9.75
CA ALA A 90 -2.31 -4.58 8.51
C ALA A 90 -3.65 -4.58 7.74
N TYR A 91 -3.58 -4.96 6.46
CA TYR A 91 -4.75 -5.17 5.59
C TYR A 91 -4.65 -6.47 4.79
N ASP A 92 -5.76 -7.23 4.77
CA ASP A 92 -5.89 -8.55 4.15
C ASP A 92 -7.25 -8.73 3.43
N GLY A 93 -7.91 -7.61 3.09
CA GLY A 93 -9.22 -7.56 2.44
C GLY A 93 -9.23 -7.98 0.95
N PRO A 94 -10.26 -7.59 0.18
CA PRO A 94 -10.48 -7.96 -1.22
C PRO A 94 -9.36 -7.72 -2.25
N ARG A 95 -8.22 -7.09 -1.88
CA ARG A 95 -6.99 -6.94 -2.69
C ARG A 95 -7.23 -6.59 -4.17
N THR A 96 -8.12 -5.61 -4.35
CA THR A 96 -8.62 -5.05 -5.62
C THR A 96 -8.90 -3.56 -5.43
N ALA A 97 -8.85 -2.77 -6.51
CA ALA A 97 -8.99 -1.31 -6.47
C ALA A 97 -10.21 -0.84 -5.65
N ASP A 98 -11.37 -1.43 -5.94
CA ASP A 98 -12.65 -1.12 -5.27
C ASP A 98 -12.68 -1.59 -3.81
N GLY A 99 -11.91 -2.63 -3.45
CA GLY A 99 -11.70 -3.01 -2.05
C GLY A 99 -10.98 -1.91 -1.26
N ILE A 100 -9.93 -1.31 -1.84
CA ILE A 100 -9.19 -0.19 -1.21
C ILE A 100 -10.08 1.05 -1.07
N VAL A 101 -10.82 1.40 -2.13
CA VAL A 101 -11.77 2.52 -2.15
C VAL A 101 -12.88 2.33 -1.11
N SER A 102 -13.42 1.11 -1.00
CA SER A 102 -14.39 0.73 0.04
C SER A 102 -13.82 0.87 1.46
N HIS A 103 -12.60 0.39 1.71
CA HIS A 103 -11.91 0.54 2.98
C HIS A 103 -11.73 2.02 3.39
N LEU A 104 -11.44 2.90 2.42
CA LEU A 104 -11.30 4.34 2.63
C LEU A 104 -12.66 5.04 2.85
N LYS A 105 -13.66 4.82 1.99
CA LYS A 105 -14.96 5.53 2.10
C LYS A 105 -15.73 5.21 3.38
N LYS A 106 -15.45 4.05 4.01
CA LYS A 106 -16.01 3.62 5.31
C LYS A 106 -15.48 4.39 6.53
N GLN A 107 -14.39 5.18 6.38
CA GLN A 107 -13.76 5.95 7.47
C GLN A 107 -13.62 7.45 7.15
N ALA A 108 -13.34 7.79 5.88
CA ALA A 108 -13.32 9.17 5.39
C ALA A 108 -14.71 9.71 4.99
N GLY A 109 -15.73 8.84 4.96
CA GLY A 109 -17.13 9.17 4.61
C GLY A 109 -17.42 9.06 3.10
N PRO A 110 -18.70 8.95 2.71
CA PRO A 110 -19.10 8.73 1.32
C PRO A 110 -18.80 9.91 0.38
N ALA A 111 -18.63 11.12 0.93
CA ALA A 111 -18.22 12.33 0.19
C ALA A 111 -16.74 12.34 -0.24
N SER A 112 -15.90 11.45 0.29
CA SER A 112 -14.45 11.37 0.02
C SER A 112 -14.08 10.76 -1.35
N VAL A 113 -15.06 10.19 -2.07
CA VAL A 113 -14.88 9.38 -3.31
C VAL A 113 -15.89 9.72 -4.41
N SER A 1 0.89 5.59 -13.81
CA SER A 1 0.91 5.08 -12.41
C SER A 1 1.16 6.19 -11.39
N ASP A 2 0.70 5.99 -10.15
CA ASP A 2 0.90 6.92 -9.02
C ASP A 2 1.35 6.22 -7.71
N VAL A 3 1.63 4.91 -7.75
CA VAL A 3 2.15 4.13 -6.62
C VAL A 3 3.64 4.44 -6.38
N LEU A 4 4.03 4.72 -5.13
CA LEU A 4 5.41 4.89 -4.71
C LEU A 4 6.18 3.55 -4.73
N GLU A 5 7.17 3.42 -5.61
CA GLU A 5 7.98 2.20 -5.78
C GLU A 5 9.14 2.13 -4.76
N LEU A 6 8.80 2.14 -3.48
CA LEU A 6 9.78 2.23 -2.38
C LEU A 6 10.73 1.03 -2.28
N THR A 7 11.96 1.30 -1.80
CA THR A 7 13.01 0.30 -1.52
C THR A 7 14.01 0.88 -0.50
N ASP A 8 14.93 0.07 0.04
CA ASP A 8 15.93 0.47 1.04
C ASP A 8 16.74 1.74 0.70
N ASP A 9 16.89 2.05 -0.59
CA ASP A 9 17.56 3.26 -1.10
C ASP A 9 16.81 4.57 -0.79
N ASN A 10 15.49 4.51 -0.57
CA ASN A 10 14.62 5.69 -0.43
C ASN A 10 13.55 5.62 0.67
N PHE A 11 13.15 4.43 1.13
CA PHE A 11 11.98 4.23 2.01
C PHE A 11 11.97 5.17 3.22
N GLU A 12 13.12 5.31 3.89
CA GLU A 12 13.29 6.09 5.14
C GLU A 12 13.09 7.61 4.99
N SER A 13 12.89 8.09 3.76
CA SER A 13 12.62 9.51 3.42
C SER A 13 11.19 9.79 2.93
N ARG A 14 10.45 8.74 2.51
CA ARG A 14 9.16 8.85 1.81
C ARG A 14 7.95 8.59 2.71
N ILE A 15 8.14 7.92 3.84
CA ILE A 15 7.10 7.74 4.89
C ILE A 15 6.56 9.06 5.45
N SER A 16 7.32 10.14 5.26
CA SER A 16 7.01 11.51 5.72
C SER A 16 5.89 12.17 4.92
N ASP A 17 5.58 11.64 3.72
CA ASP A 17 4.48 12.12 2.88
C ASP A 17 3.07 11.78 3.43
N THR A 18 3.01 11.02 4.53
CA THR A 18 1.78 10.71 5.29
C THR A 18 1.11 11.92 5.94
N GLY A 19 1.84 13.02 6.18
CA GLY A 19 1.41 14.18 6.97
C GLY A 19 0.04 14.80 6.61
N SER A 20 -0.34 14.79 5.32
CA SER A 20 -1.63 15.34 4.85
C SER A 20 -2.79 14.34 4.93
N ALA A 21 -2.54 13.07 4.63
CA ALA A 21 -3.53 11.99 4.60
C ALA A 21 -3.79 11.32 5.96
N GLY A 22 -2.82 11.39 6.89
CA GLY A 22 -2.82 10.75 8.21
C GLY A 22 -2.12 9.38 8.23
N LEU A 23 -2.14 8.64 7.12
CA LEU A 23 -1.50 7.32 6.96
C LEU A 23 -1.07 7.03 5.52
N MET A 24 -0.37 5.93 5.31
CA MET A 24 -0.03 5.35 3.99
C MET A 24 -0.41 3.86 3.96
N LEU A 25 -0.87 3.40 2.80
CA LEU A 25 -1.10 1.99 2.50
C LEU A 25 0.09 1.47 1.67
N VAL A 26 0.62 0.29 2.00
CA VAL A 26 1.79 -0.28 1.30
C VAL A 26 1.61 -1.78 1.04
N GLU A 27 2.00 -2.23 -0.14
CA GLU A 27 1.86 -3.62 -0.58
C GLU A 27 3.24 -4.30 -0.70
N PHE A 28 3.41 -5.42 -0.01
CA PHE A 28 4.62 -6.22 -0.01
C PHE A 28 4.36 -7.49 -0.83
N PHE A 29 5.18 -7.73 -1.85
CA PHE A 29 4.97 -8.75 -2.88
C PHE A 29 6.30 -9.34 -3.41
N ALA A 30 6.30 -10.01 -4.57
CA ALA A 30 7.49 -10.44 -5.31
C ALA A 30 7.15 -10.52 -6.82
N PRO A 31 8.07 -10.19 -7.74
CA PRO A 31 7.78 -10.08 -9.17
C PRO A 31 7.52 -11.45 -9.86
N TRP A 32 8.05 -12.54 -9.29
CA TRP A 32 8.01 -13.89 -9.88
C TRP A 32 6.68 -14.63 -9.68
N CYS A 33 5.70 -14.04 -8.98
CA CYS A 33 4.40 -14.68 -8.69
C CYS A 33 3.53 -14.92 -9.95
N GLY A 34 3.79 -14.19 -11.04
CA GLY A 34 3.08 -14.28 -12.32
C GLY A 34 1.71 -13.59 -12.31
N HIS A 35 0.86 -13.91 -11.34
CA HIS A 35 -0.42 -13.23 -11.09
C HIS A 35 -0.25 -11.80 -10.52
N CYS A 36 0.98 -11.36 -10.21
CA CYS A 36 1.28 -9.97 -9.88
C CYS A 36 0.83 -8.99 -10.98
N LYS A 37 0.92 -9.41 -12.25
CA LYS A 37 0.47 -8.65 -13.43
C LYS A 37 -1.05 -8.40 -13.50
N ARG A 38 -1.86 -9.17 -12.73
CA ARG A 38 -3.32 -8.97 -12.57
C ARG A 38 -3.67 -7.93 -11.52
N LEU A 39 -2.77 -7.66 -10.56
CA LEU A 39 -2.99 -6.78 -9.42
C LEU A 39 -2.24 -5.43 -9.52
N ALA A 40 -1.07 -5.40 -10.19
CA ALA A 40 -0.37 -4.17 -10.53
C ALA A 40 -1.25 -3.09 -11.22
N PRO A 41 -2.10 -3.40 -12.23
CA PRO A 41 -2.98 -2.40 -12.86
C PRO A 41 -4.17 -2.00 -11.96
N GLU A 42 -4.53 -2.81 -10.97
CA GLU A 42 -5.58 -2.48 -9.99
C GLU A 42 -5.05 -1.51 -8.92
N TYR A 43 -3.86 -1.77 -8.39
CA TYR A 43 -3.30 -0.97 -7.29
C TYR A 43 -2.89 0.45 -7.75
N GLU A 44 -2.44 0.63 -9.00
CA GLU A 44 -2.23 1.97 -9.58
C GLU A 44 -3.53 2.73 -9.87
N ALA A 45 -4.60 2.03 -10.24
CA ALA A 45 -5.93 2.62 -10.36
C ALA A 45 -6.43 3.12 -8.99
N ALA A 46 -6.21 2.37 -7.90
CA ALA A 46 -6.50 2.85 -6.55
C ALA A 46 -5.67 4.10 -6.16
N ALA A 47 -4.37 4.11 -6.48
CA ALA A 47 -3.49 5.25 -6.21
C ALA A 47 -3.90 6.50 -7.01
N THR A 48 -4.45 6.31 -8.21
CA THR A 48 -5.02 7.38 -9.06
C THR A 48 -6.36 7.88 -8.49
N ARG A 49 -7.24 6.97 -8.04
CA ARG A 49 -8.59 7.28 -7.50
C ARG A 49 -8.58 7.91 -6.12
N LEU A 50 -7.52 7.64 -5.33
CA LEU A 50 -7.30 8.16 -3.96
C LEU A 50 -6.15 9.17 -3.89
N LYS A 51 -5.72 9.73 -5.02
CA LYS A 51 -4.63 10.72 -5.13
C LYS A 51 -4.88 11.96 -4.27
N GLY A 52 -4.03 12.21 -3.27
CA GLY A 52 -4.19 13.27 -2.27
C GLY A 52 -5.08 12.90 -1.07
N ILE A 53 -5.64 11.68 -1.03
CA ILE A 53 -6.56 11.19 0.00
C ILE A 53 -5.93 10.01 0.77
N VAL A 54 -5.26 9.08 0.07
CA VAL A 54 -4.46 7.99 0.64
C VAL A 54 -3.25 7.74 -0.29
N PRO A 55 -2.00 8.02 0.14
CA PRO A 55 -0.81 7.60 -0.60
C PRO A 55 -0.66 6.07 -0.55
N LEU A 56 -0.25 5.47 -1.67
CA LEU A 56 -0.05 4.04 -1.86
C LEU A 56 1.41 3.75 -2.25
N ALA A 57 1.99 2.65 -1.76
CA ALA A 57 3.33 2.23 -2.12
C ALA A 57 3.42 0.73 -2.36
N LYS A 58 4.48 0.28 -3.03
CA LYS A 58 4.79 -1.14 -3.25
C LYS A 58 6.27 -1.45 -3.00
N VAL A 59 6.52 -2.65 -2.49
CA VAL A 59 7.83 -3.18 -2.08
C VAL A 59 7.89 -4.66 -2.46
N ASP A 60 9.06 -5.15 -2.85
CA ASP A 60 9.26 -6.55 -3.24
C ASP A 60 10.20 -7.26 -2.25
N CYS A 61 9.74 -8.34 -1.59
CA CYS A 61 10.52 -9.12 -0.64
C CYS A 61 11.75 -9.83 -1.25
N THR A 62 11.79 -10.01 -2.58
CA THR A 62 13.00 -10.45 -3.29
C THR A 62 14.09 -9.38 -3.33
N ALA A 63 13.70 -8.10 -3.31
CA ALA A 63 14.59 -6.94 -3.27
C ALA A 63 14.83 -6.40 -1.84
N ASN A 64 13.89 -6.63 -0.93
CA ASN A 64 13.91 -6.12 0.46
C ASN A 64 13.46 -7.19 1.49
N THR A 65 14.23 -8.25 1.52
CA THR A 65 13.97 -9.47 2.32
C THR A 65 14.04 -9.20 3.82
N ASN A 66 15.02 -8.40 4.24
CA ASN A 66 15.18 -8.00 5.64
C ASN A 66 14.01 -7.15 6.14
N THR A 67 13.52 -6.21 5.32
CA THR A 67 12.31 -5.43 5.62
C THR A 67 11.09 -6.33 5.73
N CYS A 68 10.91 -7.28 4.79
CA CYS A 68 9.77 -8.19 4.81
C CYS A 68 9.79 -9.15 6.01
N ASN A 69 10.96 -9.66 6.41
CA ASN A 69 11.10 -10.57 7.56
C ASN A 69 10.94 -9.85 8.90
N LYS A 70 11.38 -8.58 9.00
CA LYS A 70 11.12 -7.69 10.14
C LYS A 70 9.63 -7.34 10.25
N TYR A 71 8.91 -7.29 9.13
CA TYR A 71 7.51 -6.84 9.06
C TYR A 71 6.50 -8.00 9.17
N GLY A 72 6.99 -9.24 9.09
CA GLY A 72 6.20 -10.47 9.17
C GLY A 72 5.55 -10.87 7.85
N VAL A 73 6.06 -10.39 6.70
CA VAL A 73 5.63 -10.76 5.34
C VAL A 73 6.21 -12.12 4.94
N SER A 74 5.88 -13.16 5.72
CA SER A 74 6.21 -14.57 5.46
C SER A 74 5.50 -15.16 4.22
N GLY A 75 4.58 -14.41 3.61
CA GLY A 75 3.90 -14.68 2.36
C GLY A 75 3.26 -13.40 1.81
N TYR A 76 2.81 -13.46 0.56
CA TYR A 76 2.34 -12.32 -0.22
C TYR A 76 1.33 -12.70 -1.34
N PRO A 77 0.55 -11.73 -1.89
CA PRO A 77 0.54 -10.29 -1.61
C PRO A 77 0.03 -9.97 -0.19
N THR A 78 0.63 -8.93 0.42
CA THR A 78 0.38 -8.51 1.80
C THR A 78 0.30 -6.98 1.87
N LEU A 79 -0.90 -6.45 2.14
CA LEU A 79 -1.13 -5.00 2.25
C LEU A 79 -1.18 -4.57 3.73
N LYS A 80 -0.41 -3.52 4.08
CA LYS A 80 -0.18 -3.01 5.45
C LYS A 80 -0.41 -1.50 5.53
N ILE A 81 -0.77 -1.02 6.72
CA ILE A 81 -1.22 0.36 6.99
C ILE A 81 -0.30 1.01 8.02
N PHE A 82 0.12 2.26 7.72
CA PHE A 82 1.14 2.98 8.46
C PHE A 82 0.71 4.41 8.78
N ARG A 83 0.21 4.63 10.00
CA ARG A 83 -0.18 5.94 10.53
C ARG A 83 1.05 6.83 10.74
N ASP A 84 1.05 8.01 10.14
CA ASP A 84 2.14 9.01 10.23
C ASP A 84 3.55 8.45 9.92
N GLY A 85 3.64 7.35 9.14
CA GLY A 85 4.89 6.72 8.69
C GLY A 85 5.37 5.52 9.52
N GLU A 86 4.52 4.95 10.40
CA GLU A 86 4.81 3.80 11.26
C GLU A 86 3.61 2.85 11.34
N GLU A 87 3.86 1.54 11.41
CA GLU A 87 2.82 0.51 11.28
C GLU A 87 1.70 0.70 12.33
N ALA A 88 0.44 0.66 11.89
CA ALA A 88 -0.73 0.91 12.73
C ALA A 88 -1.82 -0.15 12.54
N GLY A 89 -1.72 -0.92 11.46
CA GLY A 89 -2.52 -2.10 11.21
C GLY A 89 -2.18 -2.72 9.86
N ALA A 90 -3.22 -3.25 9.25
CA ALA A 90 -3.21 -3.95 7.97
C ALA A 90 -4.57 -3.85 7.24
N TYR A 91 -4.54 -4.03 5.92
CA TYR A 91 -5.71 -3.98 5.05
C TYR A 91 -6.73 -5.11 5.34
N ASP A 92 -8.01 -4.86 5.04
CA ASP A 92 -9.13 -5.76 5.40
C ASP A 92 -10.28 -5.66 4.38
N GLY A 93 -9.97 -5.83 3.09
CA GLY A 93 -10.93 -5.78 1.98
C GLY A 93 -10.51 -6.58 0.74
N PRO A 94 -11.31 -6.54 -0.36
CA PRO A 94 -11.01 -7.17 -1.64
C PRO A 94 -9.63 -6.80 -2.22
N ARG A 95 -8.96 -7.75 -2.89
CA ARG A 95 -7.68 -7.53 -3.60
C ARG A 95 -7.89 -6.93 -4.99
N THR A 96 -8.50 -5.75 -5.03
CA THR A 96 -8.90 -4.99 -6.23
C THR A 96 -8.86 -3.48 -5.96
N ALA A 97 -8.79 -2.65 -7.01
CA ALA A 97 -8.89 -1.19 -6.92
C ALA A 97 -10.15 -0.72 -6.17
N ASP A 98 -11.30 -1.33 -6.50
CA ASP A 98 -12.59 -1.06 -5.85
C ASP A 98 -12.57 -1.38 -4.36
N GLY A 99 -11.85 -2.44 -3.98
CA GLY A 99 -11.59 -2.82 -2.60
C GLY A 99 -10.92 -1.69 -1.81
N ILE A 100 -9.86 -1.09 -2.36
CA ILE A 100 -9.14 0.01 -1.71
C ILE A 100 -10.04 1.25 -1.53
N VAL A 101 -10.73 1.65 -2.60
CA VAL A 101 -11.65 2.82 -2.61
C VAL A 101 -12.83 2.61 -1.66
N SER A 102 -13.47 1.44 -1.68
CA SER A 102 -14.56 1.10 -0.75
C SER A 102 -14.12 1.07 0.72
N HIS A 103 -12.97 0.45 1.01
CA HIS A 103 -12.36 0.44 2.35
C HIS A 103 -12.08 1.87 2.86
N LEU A 104 -11.66 2.80 1.99
CA LEU A 104 -11.47 4.21 2.33
C LEU A 104 -12.80 4.95 2.53
N LYS A 105 -13.75 4.87 1.59
CA LYS A 105 -15.00 5.66 1.64
C LYS A 105 -15.92 5.28 2.81
N LYS A 106 -15.78 4.06 3.34
CA LYS A 106 -16.44 3.54 4.56
C LYS A 106 -16.03 4.27 5.86
N GLN A 107 -14.88 4.94 5.88
CA GLN A 107 -14.29 5.58 7.07
C GLN A 107 -13.99 7.07 6.90
N ALA A 108 -13.64 7.50 5.70
CA ALA A 108 -13.45 8.90 5.33
C ALA A 108 -14.72 9.77 5.46
N GLY A 109 -15.91 9.19 5.21
CA GLY A 109 -17.20 9.88 5.31
C GLY A 109 -18.25 9.59 4.21
N PRO A 110 -17.90 9.49 2.91
CA PRO A 110 -18.86 9.42 1.79
C PRO A 110 -19.95 8.37 1.91
N ALA A 111 -19.64 7.22 2.52
CA ALA A 111 -20.60 6.12 2.75
C ALA A 111 -21.69 6.41 3.81
N SER A 112 -21.56 7.48 4.61
CA SER A 112 -22.41 7.72 5.80
C SER A 112 -22.88 9.17 5.99
N VAL A 113 -22.30 10.17 5.30
CA VAL A 113 -22.78 11.57 5.28
C VAL A 113 -24.21 11.73 4.76
N SER A 1 1.32 6.32 -14.46
CA SER A 1 1.35 5.54 -13.20
C SER A 1 1.27 6.43 -11.97
N ASP A 2 0.64 5.91 -10.91
CA ASP A 2 0.27 6.67 -9.70
C ASP A 2 0.72 5.98 -8.38
N VAL A 3 1.51 4.91 -8.49
CA VAL A 3 1.99 4.08 -7.36
C VAL A 3 3.49 4.27 -7.18
N LEU A 4 3.94 4.42 -5.94
CA LEU A 4 5.36 4.51 -5.55
C LEU A 4 6.02 3.11 -5.58
N GLU A 5 7.29 3.07 -5.96
CA GLU A 5 8.13 1.85 -6.01
C GLU A 5 9.39 2.08 -5.17
N LEU A 6 9.35 1.58 -3.94
CA LEU A 6 10.33 1.88 -2.88
C LEU A 6 11.23 0.69 -2.53
N THR A 7 12.31 1.00 -1.80
CA THR A 7 13.36 0.07 -1.36
C THR A 7 14.00 0.59 -0.06
N ASP A 8 14.60 -0.31 0.72
CA ASP A 8 15.18 -0.02 2.05
C ASP A 8 16.20 1.15 2.07
N ASP A 9 16.84 1.43 0.93
CA ASP A 9 17.75 2.57 0.72
C ASP A 9 17.10 3.96 0.95
N ASN A 10 15.78 4.08 0.77
CA ASN A 10 15.04 5.34 0.92
C ASN A 10 13.64 5.26 1.55
N PHE A 11 13.06 4.06 1.66
CA PHE A 11 11.70 3.83 2.21
C PHE A 11 11.43 4.57 3.53
N GLU A 12 12.41 4.58 4.44
CA GLU A 12 12.36 5.25 5.76
C GLU A 12 12.02 6.75 5.74
N SER A 13 12.29 7.41 4.62
CA SER A 13 11.99 8.84 4.40
C SER A 13 10.57 9.12 3.86
N ARG A 14 9.90 8.10 3.31
CA ARG A 14 8.64 8.26 2.54
C ARG A 14 7.37 8.00 3.35
N ILE A 15 7.46 7.15 4.37
CA ILE A 15 6.27 6.66 5.10
C ILE A 15 5.47 7.77 5.79
N SER A 16 6.15 8.89 6.06
CA SER A 16 5.60 10.09 6.72
C SER A 16 4.75 10.97 5.78
N ASP A 17 4.76 10.72 4.48
CA ASP A 17 4.08 11.52 3.45
C ASP A 17 2.56 11.20 3.34
N THR A 18 1.93 10.85 4.45
CA THR A 18 0.52 10.44 4.58
C THR A 18 -0.44 11.46 3.95
N GLY A 19 -1.52 10.95 3.37
CA GLY A 19 -2.56 11.74 2.73
C GLY A 19 -3.58 12.31 3.72
N SER A 20 -4.62 12.97 3.20
CA SER A 20 -5.68 13.63 3.99
C SER A 20 -6.41 12.74 5.00
N ALA A 21 -6.45 11.41 4.78
CA ALA A 21 -7.00 10.44 5.73
C ALA A 21 -6.13 10.21 6.98
N GLY A 22 -4.85 10.64 6.97
CA GLY A 22 -3.92 10.50 8.08
C GLY A 22 -3.12 9.20 8.06
N LEU A 23 -3.07 8.48 6.92
CA LEU A 23 -2.30 7.23 6.78
C LEU A 23 -1.70 7.01 5.39
N MET A 24 -0.91 5.94 5.26
CA MET A 24 -0.38 5.37 4.01
C MET A 24 -0.72 3.87 3.95
N LEU A 25 -0.92 3.34 2.75
CA LEU A 25 -1.19 1.92 2.48
C LEU A 25 -0.11 1.38 1.51
N VAL A 26 0.54 0.27 1.86
CA VAL A 26 1.68 -0.29 1.13
C VAL A 26 1.51 -1.80 0.94
N GLU A 27 2.09 -2.36 -0.12
CA GLU A 27 2.05 -3.80 -0.44
C GLU A 27 3.48 -4.35 -0.62
N PHE A 28 3.85 -5.30 0.24
CA PHE A 28 5.07 -6.08 0.09
C PHE A 28 4.78 -7.28 -0.83
N PHE A 29 5.57 -7.43 -1.89
CA PHE A 29 5.31 -8.39 -3.00
C PHE A 29 6.63 -8.81 -3.69
N ALA A 30 6.59 -9.25 -4.95
CA ALA A 30 7.74 -9.57 -5.80
C ALA A 30 7.42 -9.22 -7.27
N PRO A 31 8.43 -8.98 -8.15
CA PRO A 31 8.23 -8.44 -9.50
C PRO A 31 7.80 -9.48 -10.56
N TRP A 32 7.37 -10.67 -10.15
CA TRP A 32 7.00 -11.80 -11.01
C TRP A 32 5.88 -11.44 -12.01
N CYS A 33 6.22 -11.34 -13.30
CA CYS A 33 5.32 -10.89 -14.37
C CYS A 33 4.04 -11.75 -14.51
N GLY A 34 4.12 -13.04 -14.19
CA GLY A 34 3.00 -13.99 -14.18
C GLY A 34 1.89 -13.67 -13.16
N HIS A 35 2.19 -12.82 -12.17
CA HIS A 35 1.24 -12.40 -11.12
C HIS A 35 1.03 -10.88 -11.08
N CYS A 36 2.04 -10.08 -11.47
CA CYS A 36 1.92 -8.62 -11.59
C CYS A 36 0.88 -8.19 -12.64
N LYS A 37 0.75 -8.93 -13.75
CA LYS A 37 -0.19 -8.67 -14.85
C LYS A 37 -1.65 -8.47 -14.43
N ARG A 38 -2.09 -9.18 -13.37
CA ARG A 38 -3.43 -9.23 -12.82
C ARG A 38 -3.64 -8.24 -11.65
N LEU A 39 -2.57 -7.73 -11.04
CA LEU A 39 -2.62 -6.96 -9.79
C LEU A 39 -2.10 -5.51 -9.94
N ALA A 40 -1.23 -5.24 -10.91
CA ALA A 40 -0.85 -3.88 -11.28
C ALA A 40 -2.07 -3.00 -11.67
N PRO A 41 -3.00 -3.45 -12.55
CA PRO A 41 -4.18 -2.65 -12.90
C PRO A 41 -5.21 -2.54 -11.77
N GLU A 42 -5.08 -3.33 -10.69
CA GLU A 42 -5.88 -3.15 -9.48
C GLU A 42 -5.33 -2.01 -8.60
N TYR A 43 -4.01 -2.01 -8.38
CA TYR A 43 -3.39 -1.14 -7.40
C TYR A 43 -3.15 0.28 -7.92
N GLU A 44 -2.84 0.44 -9.22
CA GLU A 44 -2.76 1.75 -9.88
C GLU A 44 -4.11 2.47 -9.92
N ALA A 45 -5.15 1.68 -10.18
CA ALA A 45 -6.54 2.14 -10.14
C ALA A 45 -6.94 2.64 -8.75
N ALA A 46 -6.59 1.90 -7.69
CA ALA A 46 -6.78 2.33 -6.30
C ALA A 46 -6.03 3.64 -5.99
N ALA A 47 -4.76 3.74 -6.40
CA ALA A 47 -3.91 4.89 -6.17
C ALA A 47 -4.42 6.15 -6.88
N THR A 48 -4.98 5.97 -8.08
CA THR A 48 -5.66 7.03 -8.85
C THR A 48 -6.94 7.50 -8.15
N ARG A 49 -7.75 6.56 -7.64
CA ARG A 49 -9.05 6.84 -6.98
C ARG A 49 -8.90 7.48 -5.57
N LEU A 50 -7.78 7.24 -4.89
CA LEU A 50 -7.45 7.75 -3.55
C LEU A 50 -6.37 8.85 -3.56
N LYS A 51 -5.96 9.34 -4.74
CA LYS A 51 -4.86 10.30 -4.94
C LYS A 51 -4.95 11.52 -4.01
N GLY A 52 -3.98 11.65 -3.10
CA GLY A 52 -3.89 12.71 -2.09
C GLY A 52 -4.63 12.42 -0.77
N ILE A 53 -5.61 11.51 -0.78
CA ILE A 53 -6.36 11.07 0.42
C ILE A 53 -5.60 9.95 1.12
N VAL A 54 -5.09 8.97 0.37
CA VAL A 54 -4.15 7.92 0.83
C VAL A 54 -3.17 7.60 -0.31
N PRO A 55 -1.86 7.87 -0.17
CA PRO A 55 -0.85 7.45 -1.14
C PRO A 55 -0.62 5.94 -1.07
N LEU A 56 -0.24 5.34 -2.21
CA LEU A 56 -0.06 3.90 -2.38
C LEU A 56 1.36 3.58 -2.88
N ALA A 57 1.96 2.52 -2.34
CA ALA A 57 3.33 2.13 -2.64
C ALA A 57 3.53 0.60 -2.61
N LYS A 58 4.64 0.12 -3.18
CA LYS A 58 5.11 -1.26 -3.07
C LYS A 58 6.60 -1.36 -2.69
N VAL A 59 6.97 -2.51 -2.15
CA VAL A 59 8.35 -2.93 -1.82
C VAL A 59 8.51 -4.42 -2.18
N ASP A 60 9.52 -4.75 -2.97
CA ASP A 60 9.76 -6.13 -3.44
C ASP A 60 10.58 -6.92 -2.42
N CYS A 61 9.96 -7.87 -1.70
CA CYS A 61 10.61 -8.75 -0.72
C CYS A 61 11.84 -9.50 -1.26
N THR A 62 11.81 -9.92 -2.54
CA THR A 62 12.94 -10.63 -3.18
C THR A 62 14.18 -9.75 -3.37
N ALA A 63 14.00 -8.41 -3.33
CA ALA A 63 15.07 -7.41 -3.41
C ALA A 63 15.28 -6.60 -2.12
N ASN A 64 14.43 -6.82 -1.09
CA ASN A 64 14.40 -6.09 0.19
C ASN A 64 14.09 -7.02 1.37
N THR A 65 14.76 -8.15 1.35
CA THR A 65 14.50 -9.32 2.22
C THR A 65 14.76 -9.00 3.70
N ASN A 66 15.73 -8.12 3.98
CA ASN A 66 16.06 -7.61 5.30
C ASN A 66 14.93 -6.75 5.88
N THR A 67 14.27 -5.94 5.06
CA THR A 67 13.04 -5.20 5.43
C THR A 67 11.87 -6.17 5.61
N CYS A 68 11.72 -7.09 4.64
CA CYS A 68 10.57 -7.98 4.50
C CYS A 68 10.38 -8.89 5.72
N ASN A 69 11.44 -9.57 6.14
CA ASN A 69 11.36 -10.50 7.29
C ASN A 69 11.21 -9.78 8.64
N LYS A 70 11.88 -8.62 8.77
CA LYS A 70 11.75 -7.71 9.93
C LYS A 70 10.33 -7.15 10.08
N TYR A 71 9.59 -7.02 8.96
CA TYR A 71 8.24 -6.43 8.92
C TYR A 71 7.13 -7.49 9.07
N GLY A 72 7.52 -8.77 9.07
CA GLY A 72 6.62 -9.92 9.32
C GLY A 72 6.05 -10.54 8.04
N VAL A 73 6.59 -10.17 6.87
CA VAL A 73 6.17 -10.63 5.54
C VAL A 73 6.81 -11.99 5.23
N SER A 74 6.50 -13.00 6.06
CA SER A 74 6.85 -14.42 5.85
C SER A 74 6.25 -15.06 4.59
N GLY A 75 5.31 -14.37 3.93
CA GLY A 75 4.72 -14.64 2.63
C GLY A 75 4.06 -13.37 2.09
N TYR A 76 3.72 -13.37 0.81
CA TYR A 76 3.22 -12.20 0.07
C TYR A 76 2.36 -12.59 -1.17
N PRO A 77 1.54 -11.68 -1.74
CA PRO A 77 1.37 -10.26 -1.40
C PRO A 77 0.81 -10.03 0.01
N THR A 78 1.35 -9.02 0.69
CA THR A 78 1.03 -8.66 2.09
C THR A 78 0.90 -7.14 2.21
N LEU A 79 -0.32 -6.66 2.45
CA LEU A 79 -0.61 -5.23 2.57
C LEU A 79 -0.58 -4.75 4.03
N LYS A 80 -0.02 -3.56 4.27
CA LYS A 80 0.15 -2.95 5.60
C LYS A 80 -0.24 -1.46 5.62
N ILE A 81 -0.59 -0.96 6.80
CA ILE A 81 -1.10 0.39 7.06
C ILE A 81 -0.16 1.11 8.03
N PHE A 82 0.11 2.38 7.74
CA PHE A 82 0.97 3.25 8.55
C PHE A 82 0.28 4.58 8.84
N ARG A 83 -0.46 4.63 9.96
CA ARG A 83 -1.15 5.82 10.46
C ARG A 83 -0.14 6.86 10.95
N ASP A 84 -0.21 8.07 10.40
CA ASP A 84 0.73 9.18 10.62
C ASP A 84 2.22 8.76 10.43
N GLY A 85 2.48 7.82 9.52
CA GLY A 85 3.83 7.29 9.23
C GLY A 85 4.40 6.35 10.32
N GLU A 86 3.54 5.62 11.02
CA GLU A 86 3.88 4.62 12.03
C GLU A 86 2.93 3.41 11.93
N GLU A 87 3.44 2.19 12.11
CA GLU A 87 2.69 0.95 11.90
C GLU A 87 1.36 0.90 12.69
N ALA A 88 0.23 0.94 11.98
CA ALA A 88 -1.09 0.69 12.58
C ALA A 88 -1.28 -0.82 12.78
N GLY A 89 -0.81 -1.61 11.82
CA GLY A 89 -0.69 -3.07 11.93
C GLY A 89 -0.62 -3.75 10.57
N ALA A 90 -1.79 -4.00 9.99
CA ALA A 90 -1.98 -4.71 8.72
C ALA A 90 -3.33 -4.36 8.06
N TYR A 91 -3.43 -4.56 6.74
CA TYR A 91 -4.68 -4.46 5.99
C TYR A 91 -5.66 -5.62 6.32
N ASP A 92 -6.95 -5.44 6.04
CA ASP A 92 -8.04 -6.34 6.46
C ASP A 92 -9.17 -6.45 5.42
N GLY A 93 -8.81 -6.64 4.14
CA GLY A 93 -9.72 -6.81 3.01
C GLY A 93 -9.08 -7.48 1.78
N PRO A 94 -9.80 -7.56 0.65
CA PRO A 94 -9.23 -8.02 -0.61
C PRO A 94 -8.31 -6.95 -1.24
N ARG A 95 -7.25 -7.40 -1.94
CA ARG A 95 -6.22 -6.55 -2.58
C ARG A 95 -6.62 -5.93 -3.93
N THR A 96 -7.87 -6.10 -4.32
CA THR A 96 -8.48 -5.55 -5.55
C THR A 96 -8.76 -4.06 -5.39
N ALA A 97 -8.76 -3.29 -6.49
CA ALA A 97 -8.96 -1.84 -6.51
C ALA A 97 -10.10 -1.35 -5.60
N ASP A 98 -11.27 -1.96 -5.75
CA ASP A 98 -12.49 -1.61 -5.02
C ASP A 98 -12.44 -2.04 -3.55
N GLY A 99 -11.66 -3.07 -3.20
CA GLY A 99 -11.36 -3.43 -1.81
C GLY A 99 -10.58 -2.31 -1.09
N ILE A 100 -9.49 -1.85 -1.71
CA ILE A 100 -8.67 -0.74 -1.18
C ILE A 100 -9.51 0.53 -1.00
N VAL A 101 -10.34 0.85 -2.01
CA VAL A 101 -11.25 2.01 -2.00
C VAL A 101 -12.30 1.89 -0.90
N SER A 102 -12.97 0.74 -0.80
CA SER A 102 -14.02 0.49 0.20
C SER A 102 -13.51 0.63 1.63
N HIS A 103 -12.32 0.11 1.94
CA HIS A 103 -11.66 0.28 3.24
C HIS A 103 -11.41 1.75 3.61
N LEU A 104 -11.09 2.60 2.63
CA LEU A 104 -10.89 4.03 2.82
C LEU A 104 -12.22 4.80 2.92
N LYS A 105 -13.20 4.57 2.04
CA LYS A 105 -14.50 5.27 2.07
C LYS A 105 -15.27 5.07 3.36
N LYS A 106 -15.08 3.91 4.00
CA LYS A 106 -15.65 3.54 5.31
C LYS A 106 -15.13 4.39 6.49
N GLN A 107 -14.07 5.17 6.31
CA GLN A 107 -13.45 6.02 7.36
C GLN A 107 -13.25 7.48 6.95
N ALA A 108 -12.99 7.74 5.67
CA ALA A 108 -12.85 9.08 5.09
C ALA A 108 -14.15 9.91 5.10
N GLY A 109 -15.32 9.25 5.03
CA GLY A 109 -16.65 9.89 5.09
C GLY A 109 -17.41 9.90 3.73
N PRO A 110 -18.63 10.48 3.70
CA PRO A 110 -19.51 10.46 2.53
C PRO A 110 -19.05 11.38 1.38
N ALA A 111 -18.20 12.39 1.66
CA ALA A 111 -17.52 13.26 0.71
C ALA A 111 -18.39 13.75 -0.50
N SER A 112 -19.64 14.16 -0.23
CA SER A 112 -20.65 14.47 -1.25
C SER A 112 -21.27 15.88 -1.13
N VAL A 113 -20.68 16.75 -0.29
CA VAL A 113 -21.06 18.17 -0.07
C VAL A 113 -19.86 19.10 0.06
N SER A 1 3.07 5.65 -14.13
CA SER A 1 2.68 5.00 -12.84
C SER A 1 2.05 6.02 -11.89
N ASP A 2 1.34 5.52 -10.86
CA ASP A 2 0.62 6.32 -9.86
C ASP A 2 0.93 5.87 -8.42
N VAL A 3 1.28 4.60 -8.21
CA VAL A 3 1.82 4.05 -6.96
C VAL A 3 3.31 4.43 -6.81
N LEU A 4 3.74 4.79 -5.60
CA LEU A 4 5.17 4.97 -5.28
C LEU A 4 5.91 3.63 -5.28
N GLU A 5 6.88 3.44 -6.18
CA GLU A 5 7.78 2.32 -6.15
C GLU A 5 8.97 2.61 -5.21
N LEU A 6 9.00 1.93 -4.06
CA LEU A 6 9.98 2.15 -2.98
C LEU A 6 10.89 0.93 -2.75
N THR A 7 12.02 1.21 -2.09
CA THR A 7 13.03 0.22 -1.64
C THR A 7 13.85 0.81 -0.49
N ASP A 8 14.56 -0.02 0.27
CA ASP A 8 15.30 0.35 1.49
C ASP A 8 16.27 1.54 1.32
N ASP A 9 16.78 1.77 0.09
CA ASP A 9 17.64 2.90 -0.27
C ASP A 9 16.99 4.29 -0.08
N ASN A 10 15.65 4.37 -0.13
CA ASN A 10 14.91 5.64 -0.03
C ASN A 10 13.59 5.60 0.76
N PHE A 11 13.04 4.42 1.05
CA PHE A 11 11.77 4.21 1.79
C PHE A 11 11.65 5.03 3.09
N GLU A 12 12.74 5.12 3.86
CA GLU A 12 12.84 5.85 5.13
C GLU A 12 12.55 7.37 5.03
N SER A 13 12.58 7.94 3.82
CA SER A 13 12.26 9.35 3.53
C SER A 13 11.05 9.51 2.60
N ARG A 14 10.18 8.50 2.55
CA ARG A 14 8.94 8.45 1.74
C ARG A 14 7.73 7.95 2.52
N ILE A 15 7.94 6.99 3.41
CA ILE A 15 6.93 6.36 4.23
C ILE A 15 6.21 7.35 5.15
N SER A 16 6.95 8.34 5.63
CA SER A 16 6.53 9.49 6.44
C SER A 16 5.82 10.61 5.66
N ASP A 17 5.74 10.52 4.32
CA ASP A 17 5.07 11.51 3.46
C ASP A 17 3.53 11.35 3.44
N THR A 18 2.95 11.04 4.61
CA THR A 18 1.54 10.66 4.80
C THR A 18 0.54 11.75 4.43
N GLY A 19 0.92 13.02 4.62
CA GLY A 19 0.04 14.17 4.48
C GLY A 19 -1.14 14.18 5.45
N SER A 20 -2.14 14.99 5.13
CA SER A 20 -3.40 15.16 5.86
C SER A 20 -4.22 13.87 6.03
N ALA A 21 -3.97 12.86 5.20
CA ALA A 21 -4.54 11.51 5.32
C ALA A 21 -4.14 10.79 6.63
N GLY A 22 -3.05 11.20 7.29
CA GLY A 22 -2.60 10.69 8.58
C GLY A 22 -1.89 9.32 8.55
N LEU A 23 -1.82 8.66 7.39
CA LEU A 23 -1.14 7.37 7.21
C LEU A 23 -0.64 7.16 5.77
N MET A 24 0.15 6.10 5.59
CA MET A 24 0.57 5.57 4.29
C MET A 24 0.15 4.09 4.20
N LEU A 25 -0.22 3.65 2.99
CA LEU A 25 -0.70 2.31 2.67
C LEU A 25 0.27 1.71 1.65
N VAL A 26 0.89 0.56 1.96
CA VAL A 26 1.99 0.01 1.16
C VAL A 26 1.85 -1.49 0.93
N GLU A 27 2.06 -1.95 -0.30
CA GLU A 27 2.02 -3.36 -0.71
C GLU A 27 3.41 -4.01 -0.67
N PHE A 28 3.47 -5.26 -0.19
CA PHE A 28 4.67 -6.09 -0.19
C PHE A 28 4.40 -7.40 -0.96
N PHE A 29 5.19 -7.64 -2.00
CA PHE A 29 4.98 -8.72 -2.98
C PHE A 29 6.30 -9.09 -3.69
N ALA A 30 6.30 -10.10 -4.57
CA ALA A 30 7.47 -10.50 -5.36
C ALA A 30 7.06 -10.64 -6.85
N PRO A 31 7.73 -9.95 -7.80
CA PRO A 31 7.39 -9.96 -9.23
C PRO A 31 7.26 -11.32 -9.90
N TRP A 32 7.87 -12.37 -9.34
CA TRP A 32 7.83 -13.75 -9.85
C TRP A 32 6.42 -14.36 -9.87
N CYS A 33 5.50 -13.85 -9.03
CA CYS A 33 4.15 -14.39 -8.87
C CYS A 33 3.28 -14.22 -10.14
N GLY A 34 2.39 -15.18 -10.40
CA GLY A 34 1.56 -15.23 -11.62
C GLY A 34 0.46 -14.16 -11.69
N HIS A 35 -0.03 -13.69 -10.55
CA HIS A 35 -1.12 -12.69 -10.46
C HIS A 35 -0.64 -11.30 -10.02
N CYS A 36 0.67 -11.09 -9.78
CA CYS A 36 1.25 -9.76 -9.58
C CYS A 36 1.00 -8.85 -10.81
N LYS A 37 1.01 -9.42 -12.02
CA LYS A 37 0.73 -8.76 -13.30
C LYS A 37 -0.74 -8.27 -13.39
N ARG A 38 -1.66 -8.90 -12.65
CA ARG A 38 -3.10 -8.59 -12.62
C ARG A 38 -3.50 -7.69 -11.45
N LEU A 39 -2.77 -7.75 -10.33
CA LEU A 39 -2.97 -6.87 -9.17
C LEU A 39 -2.32 -5.49 -9.34
N ALA A 40 -1.18 -5.38 -10.04
CA ALA A 40 -0.53 -4.11 -10.30
C ALA A 40 -1.46 -3.01 -10.88
N PRO A 41 -2.24 -3.26 -11.96
CA PRO A 41 -3.16 -2.26 -12.51
C PRO A 41 -4.37 -1.97 -11.61
N GLU A 42 -4.72 -2.89 -10.68
CA GLU A 42 -5.77 -2.62 -9.68
C GLU A 42 -5.26 -1.64 -8.60
N TYR A 43 -4.02 -1.83 -8.15
CA TYR A 43 -3.43 -0.97 -7.12
C TYR A 43 -3.06 0.43 -7.69
N GLU A 44 -2.67 0.51 -8.98
CA GLU A 44 -2.49 1.78 -9.72
C GLU A 44 -3.81 2.55 -9.86
N ALA A 45 -4.88 1.83 -10.17
CA ALA A 45 -6.24 2.39 -10.24
C ALA A 45 -6.65 2.97 -8.88
N ALA A 46 -6.42 2.24 -7.78
CA ALA A 46 -6.65 2.77 -6.42
C ALA A 46 -5.80 4.02 -6.13
N ALA A 47 -4.52 4.03 -6.49
CA ALA A 47 -3.63 5.18 -6.30
C ALA A 47 -4.08 6.40 -7.12
N THR A 48 -4.68 6.17 -8.28
CA THR A 48 -5.31 7.20 -9.12
C THR A 48 -6.60 7.74 -8.48
N ARG A 49 -7.47 6.85 -7.98
CA ARG A 49 -8.75 7.23 -7.33
C ARG A 49 -8.58 7.93 -5.98
N LEU A 50 -7.47 7.66 -5.28
CA LEU A 50 -7.18 8.13 -3.92
C LEU A 50 -6.02 9.14 -3.86
N LYS A 51 -5.56 9.67 -5.00
CA LYS A 51 -4.35 10.50 -5.13
C LYS A 51 -4.29 11.73 -4.21
N GLY A 52 -5.44 12.33 -3.93
CA GLY A 52 -5.61 13.46 -3.00
C GLY A 52 -6.36 13.09 -1.71
N ILE A 53 -6.37 11.80 -1.36
CA ILE A 53 -7.21 11.23 -0.29
C ILE A 53 -6.40 10.33 0.67
N VAL A 54 -5.57 9.42 0.16
CA VAL A 54 -4.61 8.60 0.92
C VAL A 54 -3.49 8.06 0.00
N PRO A 55 -2.19 8.29 0.30
CA PRO A 55 -1.09 7.87 -0.58
C PRO A 55 -0.84 6.35 -0.53
N LEU A 56 -0.33 5.81 -1.65
CA LEU A 56 -0.10 4.38 -1.89
C LEU A 56 1.35 4.10 -2.33
N ALA A 57 1.95 2.98 -1.90
CA ALA A 57 3.30 2.58 -2.32
C ALA A 57 3.42 1.06 -2.47
N LYS A 58 4.53 0.59 -3.05
CA LYS A 58 4.89 -0.84 -3.10
C LYS A 58 6.39 -1.06 -2.85
N VAL A 59 6.73 -2.25 -2.33
CA VAL A 59 8.10 -2.70 -2.02
C VAL A 59 8.23 -4.17 -2.43
N ASP A 60 9.32 -4.50 -3.16
CA ASP A 60 9.59 -5.85 -3.64
C ASP A 60 10.30 -6.70 -2.56
N CYS A 61 9.62 -7.73 -2.05
CA CYS A 61 10.15 -8.64 -1.03
C CYS A 61 11.41 -9.38 -1.49
N THR A 62 11.44 -9.85 -2.74
CA THR A 62 12.61 -10.54 -3.33
C THR A 62 13.84 -9.64 -3.45
N ALA A 63 13.63 -8.32 -3.54
CA ALA A 63 14.69 -7.31 -3.56
C ALA A 63 15.18 -6.92 -2.14
N ASN A 64 14.33 -7.09 -1.11
CA ASN A 64 14.64 -6.75 0.29
C ASN A 64 14.10 -7.79 1.29
N THR A 65 14.81 -8.91 1.39
CA THR A 65 14.42 -10.07 2.22
C THR A 65 14.44 -9.75 3.72
N ASN A 66 15.40 -8.92 4.14
CA ASN A 66 15.58 -8.47 5.53
C ASN A 66 14.42 -7.60 6.01
N THR A 67 13.95 -6.67 5.17
CA THR A 67 12.72 -5.91 5.43
C THR A 67 11.49 -6.81 5.38
N CYS A 68 11.39 -7.69 4.38
CA CYS A 68 10.21 -8.50 4.11
C CYS A 68 9.85 -9.44 5.28
N ASN A 69 10.83 -10.18 5.80
CA ASN A 69 10.59 -11.13 6.90
C ASN A 69 10.32 -10.41 8.24
N LYS A 70 11.03 -9.31 8.47
CA LYS A 70 10.84 -8.43 9.64
C LYS A 70 9.45 -7.78 9.68
N TYR A 71 8.84 -7.59 8.50
CA TYR A 71 7.51 -6.93 8.34
C TYR A 71 6.36 -7.95 8.38
N GLY A 72 6.69 -9.24 8.39
CA GLY A 72 5.72 -10.34 8.55
C GLY A 72 5.08 -10.80 7.24
N VAL A 73 5.72 -10.49 6.10
CA VAL A 73 5.26 -10.80 4.73
C VAL A 73 5.61 -12.27 4.38
N SER A 74 5.16 -13.19 5.24
CA SER A 74 5.37 -14.64 5.13
C SER A 74 4.54 -15.33 4.03
N GLY A 75 3.66 -14.60 3.34
CA GLY A 75 2.70 -15.12 2.36
C GLY A 75 2.03 -14.03 1.52
N TYR A 76 2.84 -13.28 0.76
CA TYR A 76 2.38 -12.18 -0.10
C TYR A 76 1.29 -12.56 -1.14
N PRO A 77 0.48 -11.59 -1.65
CA PRO A 77 0.54 -10.15 -1.37
C PRO A 77 0.13 -9.79 0.07
N THR A 78 0.81 -8.79 0.65
CA THR A 78 0.57 -8.30 2.01
C THR A 78 0.55 -6.77 1.97
N LEU A 79 -0.62 -6.17 2.14
CA LEU A 79 -0.78 -4.71 2.23
C LEU A 79 -0.75 -4.29 3.71
N LYS A 80 -0.01 -3.21 4.01
CA LYS A 80 0.31 -2.74 5.37
C LYS A 80 0.08 -1.23 5.52
N ILE A 81 -0.19 -0.82 6.77
CA ILE A 81 -0.60 0.53 7.15
C ILE A 81 0.44 1.14 8.10
N PHE A 82 0.77 2.40 7.85
CA PHE A 82 1.81 3.14 8.57
C PHE A 82 1.32 4.55 8.96
N ARG A 83 0.66 4.62 10.13
CA ARG A 83 0.16 5.87 10.73
C ARG A 83 1.32 6.83 10.99
N ASP A 84 1.23 8.04 10.43
CA ASP A 84 2.32 9.05 10.39
C ASP A 84 3.70 8.49 9.95
N GLY A 85 3.70 7.40 9.17
CA GLY A 85 4.93 6.72 8.68
C GLY A 85 5.52 5.66 9.62
N GLU A 86 4.75 5.15 10.59
CA GLU A 86 5.15 4.11 11.54
C GLU A 86 4.05 3.04 11.65
N GLU A 87 4.44 1.76 11.72
CA GLU A 87 3.54 0.60 11.62
C GLU A 87 2.31 0.68 12.54
N ALA A 88 1.11 0.63 11.93
CA ALA A 88 -0.17 0.47 12.63
C ALA A 88 -0.63 -1.00 12.59
N GLY A 89 -0.32 -1.72 11.51
CA GLY A 89 -0.48 -3.17 11.41
C GLY A 89 -0.57 -3.68 9.97
N ALA A 90 -1.81 -3.78 9.48
CA ALA A 90 -2.15 -4.44 8.21
C ALA A 90 -3.51 -4.00 7.63
N TYR A 91 -3.64 -4.11 6.30
CA TYR A 91 -4.89 -3.97 5.54
C TYR A 91 -5.89 -5.12 5.86
N ASP A 92 -7.17 -4.94 5.51
CA ASP A 92 -8.27 -5.84 5.93
C ASP A 92 -9.34 -6.15 4.85
N GLY A 93 -9.05 -5.87 3.57
CA GLY A 93 -10.02 -5.98 2.47
C GLY A 93 -9.56 -6.81 1.25
N PRO A 94 -10.39 -6.87 0.19
CA PRO A 94 -10.07 -7.53 -1.08
C PRO A 94 -8.78 -7.01 -1.75
N ARG A 95 -8.10 -7.87 -2.50
CA ARG A 95 -6.96 -7.50 -3.36
C ARG A 95 -7.46 -6.97 -4.71
N THR A 96 -8.14 -5.81 -4.66
CA THR A 96 -8.72 -5.09 -5.81
C THR A 96 -8.72 -3.57 -5.54
N ALA A 97 -8.79 -2.76 -6.60
CA ALA A 97 -8.93 -1.30 -6.50
C ALA A 97 -10.10 -0.86 -5.61
N ASP A 98 -11.26 -1.52 -5.79
CA ASP A 98 -12.49 -1.27 -5.02
C ASP A 98 -12.33 -1.62 -3.54
N GLY A 99 -11.50 -2.62 -3.20
CA GLY A 99 -11.12 -2.95 -1.83
C GLY A 99 -10.41 -1.78 -1.14
N ILE A 100 -9.41 -1.18 -1.81
CA ILE A 100 -8.65 -0.05 -1.25
C ILE A 100 -9.55 1.17 -1.02
N VAL A 101 -10.37 1.54 -2.04
CA VAL A 101 -11.30 2.67 -1.95
C VAL A 101 -12.35 2.44 -0.87
N SER A 102 -13.01 1.29 -0.84
CA SER A 102 -14.06 1.00 0.16
C SER A 102 -13.53 1.01 1.60
N HIS A 103 -12.35 0.42 1.84
CA HIS A 103 -11.62 0.51 3.10
C HIS A 103 -11.42 1.97 3.60
N LEU A 104 -11.23 2.94 2.68
CA LEU A 104 -11.18 4.37 3.02
C LEU A 104 -12.57 4.96 3.26
N LYS A 105 -13.54 4.76 2.35
CA LYS A 105 -14.91 5.32 2.47
C LYS A 105 -15.64 4.88 3.76
N LYS A 106 -15.36 3.67 4.24
CA LYS A 106 -15.88 3.10 5.50
C LYS A 106 -15.41 3.81 6.79
N GLN A 107 -14.40 4.68 6.71
CA GLN A 107 -13.86 5.46 7.83
C GLN A 107 -13.89 6.98 7.59
N ALA A 108 -13.68 7.41 6.35
CA ALA A 108 -13.82 8.82 5.94
C ALA A 108 -15.30 9.28 5.84
N GLY A 109 -16.22 8.35 5.63
CA GLY A 109 -17.65 8.56 5.37
C GLY A 109 -18.00 8.37 3.88
N PRO A 110 -19.25 7.98 3.55
CA PRO A 110 -19.65 7.68 2.17
C PRO A 110 -19.80 8.94 1.28
N ALA A 111 -20.15 10.08 1.88
CA ALA A 111 -20.35 11.40 1.25
C ALA A 111 -21.18 11.42 -0.06
N SER A 112 -22.07 10.43 -0.25
CA SER A 112 -22.79 10.18 -1.52
C SER A 112 -24.27 9.77 -1.36
N VAL A 113 -24.70 9.38 -0.16
CA VAL A 113 -26.02 8.81 0.18
C VAL A 113 -26.50 9.23 1.58
N SER A 1 3.24 6.62 -12.83
CA SER A 1 2.18 6.05 -11.96
C SER A 1 2.24 6.65 -10.54
N ASP A 2 1.09 6.70 -9.86
CA ASP A 2 0.95 7.35 -8.55
C ASP A 2 1.51 6.51 -7.36
N VAL A 3 1.70 5.20 -7.55
CA VAL A 3 2.32 4.31 -6.54
C VAL A 3 3.81 4.65 -6.35
N LEU A 4 4.22 4.86 -5.10
CA LEU A 4 5.63 5.01 -4.70
C LEU A 4 6.36 3.66 -4.73
N GLU A 5 7.42 3.56 -5.54
CA GLU A 5 8.21 2.32 -5.69
C GLU A 5 9.36 2.28 -4.67
N LEU A 6 9.00 2.16 -3.39
CA LEU A 6 9.93 2.20 -2.26
C LEU A 6 10.92 1.02 -2.24
N THR A 7 12.12 1.27 -1.71
CA THR A 7 13.21 0.28 -1.57
C THR A 7 14.04 0.55 -0.30
N ASP A 8 14.90 -0.39 0.07
CA ASP A 8 15.89 -0.23 1.15
C ASP A 8 16.77 1.04 1.03
N ASP A 9 16.96 1.58 -0.18
CA ASP A 9 17.72 2.80 -0.46
C ASP A 9 16.97 4.12 -0.11
N ASN A 10 15.62 4.10 -0.09
CA ASN A 10 14.80 5.32 0.01
C ASN A 10 13.64 5.27 1.03
N PHE A 11 13.22 4.08 1.49
CA PHE A 11 12.05 3.89 2.35
C PHE A 11 12.13 4.71 3.65
N GLU A 12 13.32 4.77 4.27
CA GLU A 12 13.55 5.30 5.62
C GLU A 12 13.37 6.82 5.82
N SER A 13 12.97 7.56 4.78
CA SER A 13 12.55 8.97 4.89
C SER A 13 11.31 9.32 4.06
N ARG A 14 10.83 8.39 3.20
CA ARG A 14 9.54 8.50 2.51
C ARG A 14 8.35 8.27 3.44
N ILE A 15 8.54 7.56 4.57
CA ILE A 15 7.49 7.42 5.60
C ILE A 15 6.97 8.76 6.15
N SER A 16 7.79 9.81 6.02
CA SER A 16 7.51 11.18 6.48
C SER A 16 6.38 11.84 5.68
N ASP A 17 6.11 11.35 4.46
CA ASP A 17 5.05 11.86 3.59
C ASP A 17 3.64 11.64 4.15
N THR A 18 3.51 10.77 5.15
CA THR A 18 2.26 10.51 5.89
C THR A 18 1.66 11.75 6.55
N GLY A 19 2.46 12.78 6.84
CA GLY A 19 1.97 14.09 7.31
C GLY A 19 0.96 14.76 6.38
N SER A 20 0.95 14.41 5.09
CA SER A 20 0.07 15.02 4.07
C SER A 20 -1.38 14.54 4.06
N ALA A 21 -1.59 13.25 4.33
CA ALA A 21 -2.89 12.57 4.27
C ALA A 21 -3.27 11.84 5.58
N GLY A 22 -2.36 11.84 6.56
CA GLY A 22 -2.52 11.21 7.88
C GLY A 22 -2.02 9.76 7.95
N LEU A 23 -1.99 9.05 6.82
CA LEU A 23 -1.49 7.66 6.70
C LEU A 23 -0.93 7.38 5.31
N MET A 24 -0.31 6.20 5.15
CA MET A 24 0.11 5.63 3.86
C MET A 24 -0.27 4.14 3.80
N LEU A 25 -0.60 3.65 2.61
CA LEU A 25 -0.88 2.24 2.33
C LEU A 25 0.32 1.64 1.58
N VAL A 26 0.74 0.42 1.92
CA VAL A 26 1.86 -0.27 1.26
C VAL A 26 1.50 -1.72 0.92
N GLU A 27 2.07 -2.22 -0.18
CA GLU A 27 1.91 -3.58 -0.69
C GLU A 27 3.28 -4.26 -0.83
N PHE A 28 3.55 -5.22 0.05
CA PHE A 28 4.72 -6.10 -0.07
C PHE A 28 4.42 -7.20 -1.09
N PHE A 29 5.33 -7.41 -2.04
CA PHE A 29 5.10 -8.24 -3.23
C PHE A 29 6.39 -8.89 -3.79
N ALA A 30 6.33 -9.51 -4.96
CA ALA A 30 7.47 -10.01 -5.74
C ALA A 30 7.11 -10.07 -7.25
N PRO A 31 8.09 -10.08 -8.19
CA PRO A 31 7.86 -10.14 -9.64
C PRO A 31 7.17 -11.40 -10.21
N TRP A 32 6.77 -12.36 -9.37
CA TRP A 32 6.31 -13.69 -9.77
C TRP A 32 5.04 -13.71 -10.65
N CYS A 33 5.07 -14.54 -11.70
CA CYS A 33 4.04 -14.61 -12.77
C CYS A 33 2.62 -15.01 -12.30
N GLY A 34 2.50 -15.60 -11.11
CA GLY A 34 1.20 -15.96 -10.50
C GLY A 34 0.28 -14.76 -10.25
N HIS A 35 0.85 -13.58 -9.98
CA HIS A 35 0.10 -12.35 -9.68
C HIS A 35 0.61 -11.08 -10.37
N CYS A 36 1.86 -10.99 -10.85
CA CYS A 36 2.41 -9.71 -11.37
C CYS A 36 1.68 -9.17 -12.61
N LYS A 37 0.96 -10.05 -13.34
CA LYS A 37 0.10 -9.73 -14.50
C LYS A 37 -1.37 -9.48 -14.13
N ARG A 38 -1.79 -9.86 -12.92
CA ARG A 38 -3.18 -9.82 -12.41
C ARG A 38 -3.42 -8.71 -11.38
N LEU A 39 -2.37 -8.26 -10.69
CA LEU A 39 -2.44 -7.31 -9.57
C LEU A 39 -1.87 -5.92 -9.91
N ALA A 40 -0.91 -5.83 -10.84
CA ALA A 40 -0.37 -4.55 -11.31
C ALA A 40 -1.46 -3.55 -11.79
N PRO A 41 -2.46 -3.93 -12.62
CA PRO A 41 -3.46 -2.97 -13.09
C PRO A 41 -4.50 -2.60 -12.00
N GLU A 42 -4.56 -3.32 -10.88
CA GLU A 42 -5.44 -2.99 -9.75
C GLU A 42 -4.82 -1.92 -8.83
N TYR A 43 -3.57 -2.11 -8.41
CA TYR A 43 -2.97 -1.28 -7.37
C TYR A 43 -2.53 0.10 -7.89
N GLU A 44 -2.10 0.20 -9.16
CA GLU A 44 -1.83 1.48 -9.83
C GLU A 44 -3.08 2.34 -9.94
N ALA A 45 -4.16 1.68 -10.34
CA ALA A 45 -5.49 2.29 -10.48
C ALA A 45 -6.02 2.83 -9.14
N ALA A 46 -5.86 2.07 -8.05
CA ALA A 46 -6.20 2.53 -6.70
C ALA A 46 -5.46 3.83 -6.31
N ALA A 47 -4.17 3.94 -6.62
CA ALA A 47 -3.36 5.11 -6.28
C ALA A 47 -3.79 6.37 -7.05
N THR A 48 -4.22 6.23 -8.31
CA THR A 48 -4.81 7.33 -9.10
C THR A 48 -6.22 7.69 -8.61
N ARG A 49 -7.06 6.70 -8.25
CA ARG A 49 -8.43 6.90 -7.73
C ARG A 49 -8.48 7.53 -6.34
N LEU A 50 -7.37 7.46 -5.60
CA LEU A 50 -7.18 8.04 -4.25
C LEU A 50 -6.05 9.09 -4.22
N LYS A 51 -5.67 9.66 -5.36
CA LYS A 51 -4.64 10.70 -5.48
C LYS A 51 -4.98 11.93 -4.63
N GLY A 52 -4.08 12.31 -3.72
CA GLY A 52 -4.29 13.38 -2.75
C GLY A 52 -5.22 13.02 -1.57
N ILE A 53 -5.61 11.75 -1.45
CA ILE A 53 -6.55 11.22 -0.44
C ILE A 53 -5.92 10.07 0.37
N VAL A 54 -5.23 9.14 -0.30
CA VAL A 54 -4.43 8.07 0.30
C VAL A 54 -3.19 7.81 -0.57
N PRO A 55 -1.96 8.13 -0.12
CA PRO A 55 -0.75 7.74 -0.83
C PRO A 55 -0.53 6.22 -0.72
N LEU A 56 -0.13 5.60 -1.82
CA LEU A 56 0.10 4.16 -1.97
C LEU A 56 1.56 3.88 -2.34
N ALA A 57 2.09 2.73 -1.92
CA ALA A 57 3.46 2.31 -2.19
C ALA A 57 3.57 0.80 -2.37
N LYS A 58 4.67 0.31 -2.95
CA LYS A 58 4.99 -1.12 -3.03
C LYS A 58 6.46 -1.40 -2.71
N VAL A 59 6.74 -2.61 -2.23
CA VAL A 59 8.07 -3.09 -1.82
C VAL A 59 8.23 -4.57 -2.23
N ASP A 60 9.17 -4.86 -3.13
CA ASP A 60 9.48 -6.23 -3.53
C ASP A 60 10.28 -6.96 -2.44
N CYS A 61 9.69 -7.93 -1.73
CA CYS A 61 10.34 -8.75 -0.72
C CYS A 61 11.61 -9.47 -1.20
N THR A 62 11.62 -9.97 -2.45
CA THR A 62 12.80 -10.65 -3.04
C THR A 62 13.99 -9.69 -3.24
N ALA A 63 13.73 -8.39 -3.44
CA ALA A 63 14.75 -7.35 -3.60
C ALA A 63 15.05 -6.57 -2.29
N ASN A 64 14.16 -6.65 -1.28
CA ASN A 64 14.22 -5.90 -0.02
C ASN A 64 13.83 -6.78 1.18
N THR A 65 14.58 -7.86 1.30
CA THR A 65 14.28 -8.99 2.20
C THR A 65 14.48 -8.62 3.66
N ASN A 66 15.45 -7.75 3.97
CA ASN A 66 15.65 -7.24 5.34
C ASN A 66 14.42 -6.45 5.83
N THR A 67 13.85 -5.58 4.98
CA THR A 67 12.57 -4.90 5.23
C THR A 67 11.43 -5.91 5.32
N CYS A 68 11.36 -6.89 4.42
CA CYS A 68 10.30 -7.90 4.39
C CYS A 68 10.21 -8.71 5.70
N ASN A 69 11.37 -9.01 6.32
CA ASN A 69 11.45 -9.74 7.59
C ASN A 69 11.32 -8.82 8.82
N LYS A 70 11.84 -7.60 8.75
CA LYS A 70 11.63 -6.54 9.76
C LYS A 70 10.16 -6.13 9.91
N TYR A 71 9.36 -6.34 8.84
CA TYR A 71 7.92 -6.00 8.80
C TYR A 71 7.02 -7.25 8.80
N GLY A 72 7.64 -8.43 8.93
CA GLY A 72 6.98 -9.73 9.17
C GLY A 72 6.02 -10.20 8.08
N VAL A 73 6.26 -9.78 6.82
CA VAL A 73 5.40 -10.02 5.64
C VAL A 73 5.02 -11.49 5.50
N SER A 74 5.98 -12.41 5.73
CA SER A 74 5.84 -13.89 5.78
C SER A 74 5.38 -14.58 4.48
N GLY A 75 4.78 -13.86 3.55
CA GLY A 75 4.25 -14.28 2.26
C GLY A 75 3.54 -13.09 1.62
N TYR A 76 3.23 -13.17 0.33
CA TYR A 76 2.72 -12.04 -0.45
C TYR A 76 1.83 -12.46 -1.64
N PRO A 77 0.99 -11.56 -2.20
CA PRO A 77 0.81 -10.14 -1.84
C PRO A 77 0.30 -9.91 -0.40
N THR A 78 0.83 -8.87 0.23
CA THR A 78 0.55 -8.49 1.64
C THR A 78 0.38 -6.96 1.71
N LEU A 79 -0.84 -6.51 2.01
CA LEU A 79 -1.17 -5.07 2.08
C LEU A 79 -1.34 -4.62 3.54
N LYS A 80 -0.82 -3.43 3.87
CA LYS A 80 -0.81 -2.85 5.23
C LYS A 80 -1.01 -1.33 5.19
N ILE A 81 -1.58 -0.78 6.27
CA ILE A 81 -1.82 0.65 6.50
C ILE A 81 -0.94 1.13 7.66
N PHE A 82 -0.33 2.31 7.50
CA PHE A 82 0.55 2.96 8.48
C PHE A 82 0.12 4.40 8.73
N ARG A 83 -0.55 4.65 9.87
CA ARG A 83 -0.92 6.00 10.33
C ARG A 83 0.30 6.74 10.88
N ASP A 84 0.56 7.93 10.35
CA ASP A 84 1.70 8.80 10.69
C ASP A 84 3.09 8.10 10.66
N GLY A 85 3.24 7.05 9.83
CA GLY A 85 4.49 6.29 9.66
C GLY A 85 4.66 5.09 10.61
N GLU A 86 3.59 4.59 11.22
CA GLU A 86 3.57 3.48 12.19
C GLU A 86 2.37 2.56 11.94
N GLU A 87 2.55 1.24 12.07
CA GLU A 87 1.55 0.22 11.70
C GLU A 87 0.20 0.44 12.41
N ALA A 88 -0.89 0.47 11.64
CA ALA A 88 -2.23 0.83 12.13
C ALA A 88 -3.34 -0.11 11.62
N GLY A 89 -3.07 -0.97 10.63
CA GLY A 89 -3.99 -2.03 10.24
C GLY A 89 -3.54 -2.84 9.03
N ALA A 90 -3.33 -4.15 9.20
CA ALA A 90 -3.15 -5.05 8.07
C ALA A 90 -4.48 -5.17 7.29
N TYR A 91 -4.43 -5.06 5.96
CA TYR A 91 -5.62 -5.06 5.10
C TYR A 91 -6.41 -6.38 5.18
N ASP A 92 -7.73 -6.30 5.01
CA ASP A 92 -8.68 -7.41 5.25
C ASP A 92 -9.86 -7.39 4.25
N GLY A 93 -9.55 -7.10 2.98
CA GLY A 93 -10.49 -7.04 1.86
C GLY A 93 -9.92 -7.63 0.56
N PRO A 94 -10.63 -7.51 -0.58
CA PRO A 94 -10.14 -7.97 -1.88
C PRO A 94 -8.99 -7.09 -2.37
N ARG A 95 -7.93 -7.70 -2.91
CA ARG A 95 -6.76 -7.01 -3.50
C ARG A 95 -7.07 -6.49 -4.92
N THR A 96 -8.08 -5.63 -5.00
CA THR A 96 -8.59 -4.99 -6.22
C THR A 96 -8.82 -3.50 -5.99
N ALA A 97 -8.69 -2.68 -7.03
CA ALA A 97 -8.82 -1.22 -6.95
C ALA A 97 -10.09 -0.75 -6.21
N ASP A 98 -11.23 -1.40 -6.51
CA ASP A 98 -12.52 -1.10 -5.91
C ASP A 98 -12.56 -1.43 -4.41
N GLY A 99 -11.83 -2.46 -3.96
CA GLY A 99 -11.63 -2.78 -2.55
C GLY A 99 -10.84 -1.69 -1.80
N ILE A 100 -9.73 -1.22 -2.39
CA ILE A 100 -8.90 -0.15 -1.79
C ILE A 100 -9.70 1.15 -1.63
N VAL A 101 -10.41 1.56 -2.70
CA VAL A 101 -11.29 2.75 -2.71
C VAL A 101 -12.45 2.60 -1.71
N SER A 102 -13.13 1.46 -1.70
CA SER A 102 -14.23 1.19 -0.75
C SER A 102 -13.77 1.26 0.72
N HIS A 103 -12.60 0.71 1.03
CA HIS A 103 -11.98 0.78 2.36
C HIS A 103 -11.73 2.23 2.82
N LEU A 104 -11.42 3.16 1.90
CA LEU A 104 -11.34 4.59 2.21
C LEU A 104 -12.73 5.23 2.35
N LYS A 105 -13.64 5.05 1.38
CA LYS A 105 -14.96 5.71 1.38
C LYS A 105 -15.81 5.40 2.60
N LYS A 106 -15.67 4.18 3.13
CA LYS A 106 -16.37 3.70 4.35
C LYS A 106 -15.94 4.38 5.66
N GLN A 107 -14.84 5.15 5.67
CA GLN A 107 -14.32 5.86 6.84
C GLN A 107 -14.15 7.37 6.64
N ALA A 108 -13.84 7.80 5.42
CA ALA A 108 -13.59 9.21 5.06
C ALA A 108 -14.73 9.88 4.25
N GLY A 109 -15.81 9.15 3.93
CA GLY A 109 -16.98 9.66 3.20
C GLY A 109 -18.00 10.43 4.06
N PRO A 110 -19.11 10.90 3.45
CA PRO A 110 -20.16 11.68 4.12
C PRO A 110 -21.12 10.85 5.00
N ALA A 111 -20.89 9.55 5.16
CA ALA A 111 -21.75 8.59 5.87
C ALA A 111 -21.94 8.85 7.38
N SER A 112 -21.25 9.83 7.97
CA SER A 112 -21.36 10.24 9.39
C SER A 112 -22.74 10.78 9.79
N VAL A 113 -23.59 11.16 8.82
CA VAL A 113 -24.97 11.65 9.02
C VAL A 113 -25.87 10.72 9.85
N SER A 1 2.71 7.25 -12.86
CA SER A 1 2.44 6.25 -11.79
C SER A 1 2.09 6.96 -10.48
N ASP A 2 0.85 6.82 -10.01
CA ASP A 2 0.41 7.40 -8.73
C ASP A 2 0.86 6.57 -7.51
N VAL A 3 1.14 5.27 -7.69
CA VAL A 3 1.75 4.41 -6.65
C VAL A 3 3.25 4.71 -6.53
N LEU A 4 3.74 4.91 -5.29
CA LEU A 4 5.16 5.04 -4.98
C LEU A 4 5.87 3.67 -5.00
N GLU A 5 6.88 3.50 -5.86
CA GLU A 5 7.62 2.23 -5.98
C GLU A 5 8.84 2.20 -5.04
N LEU A 6 8.56 2.22 -3.72
CA LEU A 6 9.55 2.27 -2.64
C LEU A 6 10.45 1.02 -2.59
N THR A 7 11.61 1.17 -1.94
CA THR A 7 12.57 0.09 -1.62
C THR A 7 13.28 0.39 -0.30
N ASP A 8 13.83 -0.62 0.37
CA ASP A 8 14.46 -0.51 1.70
C ASP A 8 15.54 0.61 1.82
N ASP A 9 16.23 0.91 0.71
CA ASP A 9 17.28 1.96 0.63
C ASP A 9 16.73 3.40 0.60
N ASN A 10 15.42 3.55 0.39
CA ASN A 10 14.72 4.80 0.11
C ASN A 10 13.47 5.03 0.98
N PHE A 11 12.74 3.97 1.34
CA PHE A 11 11.49 3.98 2.11
C PHE A 11 11.55 4.90 3.33
N GLU A 12 12.61 4.80 4.13
CA GLU A 12 12.82 5.52 5.40
C GLU A 12 12.86 7.06 5.28
N SER A 13 12.87 7.59 4.06
CA SER A 13 12.83 9.03 3.75
C SER A 13 11.48 9.52 3.20
N ARG A 14 10.59 8.62 2.78
CA ARG A 14 9.36 8.96 2.03
C ARG A 14 8.08 8.90 2.86
N ILE A 15 8.09 8.07 3.91
CA ILE A 15 6.97 7.91 4.85
C ILE A 15 6.68 9.15 5.71
N SER A 16 7.67 10.04 5.78
CA SER A 16 7.60 11.34 6.49
C SER A 16 6.67 12.34 5.79
N ASP A 17 6.39 12.13 4.49
CA ASP A 17 5.52 13.00 3.69
C ASP A 17 4.01 12.77 3.95
N THR A 18 3.67 11.77 4.78
CA THR A 18 2.29 11.35 5.11
C THR A 18 1.40 12.41 5.74
N GLY A 19 1.97 13.44 6.38
CA GLY A 19 1.23 14.50 7.09
C GLY A 19 0.05 15.10 6.33
N SER A 20 0.12 15.17 5.00
CA SER A 20 -0.95 15.68 4.11
C SER A 20 -2.22 14.81 4.03
N ALA A 21 -2.13 13.54 4.42
CA ALA A 21 -3.24 12.57 4.42
C ALA A 21 -3.37 11.76 5.73
N GLY A 22 -2.42 11.91 6.65
CA GLY A 22 -2.40 11.27 7.97
C GLY A 22 -1.75 9.88 8.04
N LEU A 23 -1.67 9.14 6.92
CA LEU A 23 -1.09 7.80 6.85
C LEU A 23 -0.59 7.40 5.46
N MET A 24 0.13 6.28 5.38
CA MET A 24 0.52 5.59 4.14
C MET A 24 -0.10 4.20 4.11
N LEU A 25 -0.61 3.81 2.93
CA LEU A 25 -1.03 2.44 2.62
C LEU A 25 0.04 1.82 1.71
N VAL A 26 0.52 0.63 2.03
CA VAL A 26 1.62 -0.03 1.30
C VAL A 26 1.30 -1.50 1.02
N GLU A 27 1.83 -2.04 -0.08
CA GLU A 27 1.65 -3.41 -0.54
C GLU A 27 3.01 -4.11 -0.73
N PHE A 28 3.31 -5.07 0.15
CA PHE A 28 4.47 -5.96 0.03
C PHE A 28 4.10 -7.17 -0.84
N PHE A 29 4.86 -7.45 -1.90
CA PHE A 29 4.63 -8.54 -2.84
C PHE A 29 5.94 -9.09 -3.44
N ALA A 30 5.90 -10.17 -4.24
CA ALA A 30 7.08 -10.84 -4.78
C ALA A 30 6.85 -11.33 -6.23
N PRO A 31 7.44 -10.67 -7.26
CA PRO A 31 7.19 -10.99 -8.68
C PRO A 31 7.39 -12.45 -9.10
N TRP A 32 8.37 -13.15 -8.52
CA TRP A 32 8.70 -14.55 -8.85
C TRP A 32 7.84 -15.60 -8.13
N CYS A 33 7.02 -15.17 -7.16
CA CYS A 33 6.21 -16.01 -6.26
C CYS A 33 4.76 -15.49 -6.10
N GLY A 34 4.28 -14.69 -7.05
CA GLY A 34 3.01 -13.95 -6.94
C GLY A 34 2.41 -13.52 -8.30
N HIS A 35 1.58 -12.47 -8.24
CA HIS A 35 0.72 -12.00 -9.33
C HIS A 35 0.82 -10.47 -9.53
N CYS A 36 2.00 -9.89 -9.27
CA CYS A 36 2.25 -8.44 -9.33
C CYS A 36 1.82 -7.84 -10.69
N LYS A 37 2.08 -8.56 -11.78
CA LYS A 37 1.69 -8.25 -13.18
C LYS A 37 0.18 -8.11 -13.45
N ARG A 38 -0.63 -8.70 -12.57
CA ARG A 38 -2.12 -8.67 -12.58
C ARG A 38 -2.73 -7.73 -11.54
N LEU A 39 -2.01 -7.43 -10.46
CA LEU A 39 -2.52 -6.58 -9.36
C LEU A 39 -2.03 -5.12 -9.42
N ALA A 40 -0.85 -4.86 -10.00
CA ALA A 40 -0.35 -3.50 -10.23
C ALA A 40 -1.36 -2.56 -10.94
N PRO A 41 -2.07 -2.95 -12.03
CA PRO A 41 -3.01 -2.06 -12.71
C PRO A 41 -4.28 -1.77 -11.88
N GLU A 42 -4.64 -2.65 -10.93
CA GLU A 42 -5.72 -2.36 -9.98
C GLU A 42 -5.26 -1.33 -8.93
N TYR A 43 -4.05 -1.50 -8.40
CA TYR A 43 -3.54 -0.66 -7.31
C TYR A 43 -3.19 0.77 -7.80
N GLU A 44 -2.70 0.91 -9.04
CA GLU A 44 -2.52 2.21 -9.72
C GLU A 44 -3.84 2.91 -9.96
N ALA A 45 -4.84 2.15 -10.44
CA ALA A 45 -6.18 2.68 -10.68
C ALA A 45 -6.83 3.21 -9.39
N ALA A 46 -6.61 2.55 -8.25
CA ALA A 46 -6.98 3.08 -6.93
C ALA A 46 -6.18 4.33 -6.56
N ALA A 47 -4.86 4.33 -6.78
CA ALA A 47 -3.99 5.45 -6.45
C ALA A 47 -4.37 6.73 -7.23
N THR A 48 -4.79 6.62 -8.49
CA THR A 48 -5.35 7.74 -9.27
C THR A 48 -6.68 8.27 -8.70
N ARG A 49 -7.56 7.39 -8.18
CA ARG A 49 -8.82 7.80 -7.50
C ARG A 49 -8.57 8.45 -6.13
N LEU A 50 -7.48 8.10 -5.47
CA LEU A 50 -7.17 8.44 -4.07
C LEU A 50 -6.00 9.44 -3.93
N LYS A 51 -5.47 9.99 -5.04
CA LYS A 51 -4.22 10.79 -5.08
C LYS A 51 -4.16 12.02 -4.18
N GLY A 52 -5.32 12.64 -3.92
CA GLY A 52 -5.49 13.78 -3.01
C GLY A 52 -6.22 13.39 -1.71
N ILE A 53 -6.25 12.10 -1.40
CA ILE A 53 -7.08 11.51 -0.33
C ILE A 53 -6.26 10.60 0.60
N VAL A 54 -5.50 9.63 0.05
CA VAL A 54 -4.58 8.74 0.77
C VAL A 54 -3.51 8.18 -0.19
N PRO A 55 -2.20 8.34 0.09
CA PRO A 55 -1.13 7.84 -0.77
C PRO A 55 -0.98 6.30 -0.69
N LEU A 56 -0.51 5.72 -1.80
CA LEU A 56 -0.31 4.28 -1.98
C LEU A 56 1.15 3.98 -2.39
N ALA A 57 1.68 2.85 -1.95
CA ALA A 57 3.05 2.42 -2.27
C ALA A 57 3.18 0.89 -2.41
N LYS A 58 4.25 0.43 -3.06
CA LYS A 58 4.59 -1.00 -3.22
C LYS A 58 6.06 -1.28 -2.88
N VAL A 59 6.32 -2.52 -2.42
CA VAL A 59 7.64 -3.02 -2.02
C VAL A 59 7.79 -4.49 -2.47
N ASP A 60 9.01 -4.85 -2.89
CA ASP A 60 9.32 -6.13 -3.54
C ASP A 60 10.17 -7.03 -2.62
N CYS A 61 9.55 -8.09 -2.07
CA CYS A 61 10.21 -9.07 -1.21
C CYS A 61 11.22 -10.00 -1.91
N THR A 62 11.28 -10.06 -3.25
CA THR A 62 12.37 -10.75 -3.97
C THR A 62 13.63 -9.87 -4.03
N ALA A 63 13.44 -8.55 -3.96
CA ALA A 63 14.50 -7.53 -3.95
C ALA A 63 14.96 -7.17 -2.53
N ASN A 64 14.07 -7.24 -1.53
CA ASN A 64 14.35 -6.96 -0.11
C ASN A 64 13.72 -8.00 0.84
N THR A 65 14.23 -9.21 0.75
CA THR A 65 13.75 -10.38 1.52
C THR A 65 14.04 -10.25 3.01
N ASN A 66 15.19 -9.65 3.35
CA ASN A 66 15.63 -9.40 4.73
C ASN A 66 14.71 -8.42 5.49
N THR A 67 14.21 -7.42 4.76
CA THR A 67 13.16 -6.50 5.24
C THR A 67 11.83 -7.24 5.38
N CYS A 68 11.41 -7.98 4.36
CA CYS A 68 10.07 -8.55 4.29
C CYS A 68 9.82 -9.66 5.33
N ASN A 69 10.77 -10.57 5.54
CA ASN A 69 10.55 -11.65 6.52
C ASN A 69 10.56 -11.14 7.96
N LYS A 70 11.40 -10.13 8.23
CA LYS A 70 11.44 -9.37 9.48
C LYS A 70 10.15 -8.56 9.74
N TYR A 71 9.46 -8.15 8.66
CA TYR A 71 8.19 -7.39 8.71
C TYR A 71 6.95 -8.29 8.77
N GLY A 72 7.15 -9.59 8.59
CA GLY A 72 6.13 -10.65 8.69
C GLY A 72 5.41 -10.96 7.38
N VAL A 73 5.98 -10.59 6.23
CA VAL A 73 5.44 -10.84 4.88
C VAL A 73 5.73 -12.30 4.44
N SER A 74 5.29 -13.26 5.27
CA SER A 74 5.45 -14.71 5.06
C SER A 74 4.45 -15.30 4.03
N GLY A 75 3.53 -14.49 3.49
CA GLY A 75 2.42 -14.95 2.64
C GLY A 75 1.81 -13.83 1.80
N TYR A 76 2.66 -13.11 1.05
CA TYR A 76 2.27 -12.04 0.12
C TYR A 76 1.16 -12.46 -0.90
N PRO A 77 0.36 -11.53 -1.43
CA PRO A 77 0.41 -10.07 -1.19
C PRO A 77 -0.06 -9.70 0.23
N THR A 78 0.57 -8.67 0.79
CA THR A 78 0.32 -8.21 2.17
C THR A 78 0.24 -6.69 2.18
N LEU A 79 -0.98 -6.15 2.40
CA LEU A 79 -1.21 -4.71 2.51
C LEU A 79 -1.21 -4.27 3.98
N LYS A 80 -0.52 -3.16 4.28
CA LYS A 80 -0.26 -2.63 5.63
C LYS A 80 -0.47 -1.11 5.70
N ILE A 81 -0.76 -0.59 6.90
CA ILE A 81 -1.13 0.80 7.16
C ILE A 81 -0.18 1.41 8.19
N PHE A 82 0.31 2.62 7.87
CA PHE A 82 1.32 3.35 8.63
C PHE A 82 0.88 4.79 8.92
N ARG A 83 0.27 5.01 10.08
CA ARG A 83 -0.13 6.35 10.54
C ARG A 83 1.11 7.21 10.81
N ASP A 84 1.14 8.41 10.24
CA ASP A 84 2.30 9.32 10.27
C ASP A 84 3.63 8.67 9.81
N GLY A 85 3.55 7.58 9.04
CA GLY A 85 4.73 6.82 8.57
C GLY A 85 5.24 5.73 9.53
N GLU A 86 4.44 5.31 10.50
CA GLU A 86 4.75 4.24 11.47
C GLU A 86 3.58 3.27 11.59
N GLU A 87 3.85 1.96 11.62
CA GLU A 87 2.83 0.91 11.50
C GLU A 87 1.70 1.08 12.55
N ALA A 88 0.44 1.06 12.11
CA ALA A 88 -0.71 1.36 12.97
C ALA A 88 -1.85 0.34 12.77
N GLY A 89 -1.78 -0.44 11.69
CA GLY A 89 -2.67 -1.55 11.42
C GLY A 89 -2.37 -2.20 10.07
N ALA A 90 -3.45 -2.60 9.42
CA ALA A 90 -3.47 -3.32 8.16
C ALA A 90 -4.80 -3.14 7.41
N TYR A 91 -4.73 -3.30 6.08
CA TYR A 91 -5.84 -3.23 5.13
C TYR A 91 -6.90 -4.35 5.35
N ASP A 92 -8.12 -4.13 4.86
CA ASP A 92 -9.28 -5.00 5.10
C ASP A 92 -9.21 -6.39 4.44
N GLY A 93 -8.68 -6.48 3.21
CA GLY A 93 -8.47 -7.77 2.50
C GLY A 93 -8.87 -7.85 1.00
N PRO A 94 -9.93 -7.19 0.49
CA PRO A 94 -10.46 -7.39 -0.88
C PRO A 94 -9.47 -7.27 -2.04
N ARG A 95 -8.43 -6.44 -1.91
CA ARG A 95 -7.27 -6.26 -2.82
C ARG A 95 -7.64 -6.19 -4.31
N THR A 96 -8.49 -5.21 -4.61
CA THR A 96 -8.90 -4.75 -5.96
C THR A 96 -9.10 -3.23 -5.91
N ALA A 97 -9.02 -2.52 -7.04
CA ALA A 97 -9.13 -1.06 -7.13
C ALA A 97 -10.36 -0.49 -6.39
N ASP A 98 -11.52 -1.09 -6.62
CA ASP A 98 -12.80 -0.74 -5.98
C ASP A 98 -12.77 -0.98 -4.48
N GLY A 99 -12.07 -2.04 -4.07
CA GLY A 99 -11.87 -2.44 -2.68
C GLY A 99 -10.99 -1.47 -1.89
N ILE A 100 -9.97 -0.87 -2.50
CA ILE A 100 -9.14 0.17 -1.86
C ILE A 100 -9.96 1.45 -1.62
N VAL A 101 -10.66 1.91 -2.67
CA VAL A 101 -11.59 3.06 -2.58
C VAL A 101 -12.68 2.80 -1.54
N SER A 102 -13.31 1.62 -1.55
CA SER A 102 -14.34 1.24 -0.57
C SER A 102 -13.81 1.27 0.88
N HIS A 103 -12.62 0.73 1.12
CA HIS A 103 -11.96 0.75 2.42
C HIS A 103 -11.71 2.18 2.95
N LEU A 104 -11.43 3.14 2.06
CA LEU A 104 -11.35 4.57 2.41
C LEU A 104 -12.74 5.17 2.69
N LYS A 105 -13.73 5.00 1.79
CA LYS A 105 -15.07 5.62 1.95
C LYS A 105 -15.77 5.17 3.24
N LYS A 106 -15.58 3.91 3.64
CA LYS A 106 -16.10 3.28 4.87
C LYS A 106 -15.60 3.89 6.19
N GLN A 107 -14.63 4.82 6.14
CA GLN A 107 -14.12 5.58 7.28
C GLN A 107 -14.16 7.10 7.05
N ALA A 108 -13.91 7.55 5.81
CA ALA A 108 -13.97 8.96 5.42
C ALA A 108 -15.40 9.53 5.28
N GLY A 109 -16.39 8.68 5.01
CA GLY A 109 -17.79 9.08 4.78
C GLY A 109 -18.77 7.90 4.75
N PRO A 110 -18.98 7.17 5.87
CA PRO A 110 -19.83 5.96 5.94
C PRO A 110 -21.25 6.12 5.37
N ALA A 111 -21.82 7.32 5.44
CA ALA A 111 -23.15 7.66 4.89
C ALA A 111 -23.21 7.73 3.34
N SER A 112 -22.08 7.65 2.65
CA SER A 112 -21.94 7.93 1.20
C SER A 112 -21.11 6.89 0.43
N VAL A 113 -20.81 5.73 1.02
CA VAL A 113 -20.09 4.57 0.42
C VAL A 113 -20.71 4.13 -0.90
N SER A 1 3.10 6.74 -14.43
CA SER A 1 3.10 6.07 -13.11
C SER A 1 2.57 7.01 -12.03
N ASP A 2 1.71 6.49 -11.14
CA ASP A 2 0.97 7.25 -10.12
C ASP A 2 1.08 6.64 -8.71
N VAL A 3 1.94 5.62 -8.54
CA VAL A 3 2.19 4.92 -7.27
C VAL A 3 3.69 4.66 -7.07
N LEU A 4 4.18 4.84 -5.85
CA LEU A 4 5.60 4.75 -5.49
C LEU A 4 6.15 3.32 -5.56
N GLU A 5 7.46 3.20 -5.79
CA GLU A 5 8.22 1.98 -5.75
C GLU A 5 9.44 2.22 -4.84
N LEU A 6 9.35 1.70 -3.61
CA LEU A 6 10.26 2.02 -2.50
C LEU A 6 11.06 0.82 -1.97
N THR A 7 12.12 1.11 -1.22
CA THR A 7 12.91 0.17 -0.43
C THR A 7 13.71 0.91 0.66
N ASP A 8 14.43 0.18 1.53
CA ASP A 8 15.22 0.68 2.67
C ASP A 8 16.17 1.85 2.34
N ASP A 9 16.61 1.97 1.08
CA ASP A 9 17.38 3.10 0.54
C ASP A 9 16.76 4.50 0.81
N ASN A 10 15.42 4.60 0.78
CA ASN A 10 14.70 5.87 0.98
C ASN A 10 13.32 5.78 1.68
N PHE A 11 12.74 4.58 1.84
CA PHE A 11 11.41 4.37 2.45
C PHE A 11 11.22 5.12 3.77
N GLU A 12 12.24 5.08 4.65
CA GLU A 12 12.26 5.66 6.00
C GLU A 12 12.22 7.21 6.06
N SER A 13 12.11 7.86 4.91
CA SER A 13 11.89 9.31 4.74
C SER A 13 10.52 9.65 4.12
N ARG A 14 9.88 8.71 3.39
CA ARG A 14 8.61 8.95 2.66
C ARG A 14 7.40 9.00 3.59
N ILE A 15 7.45 8.21 4.67
CA ILE A 15 6.39 8.01 5.67
C ILE A 15 5.97 9.31 6.39
N SER A 16 6.83 10.32 6.33
CA SER A 16 6.60 11.66 6.90
C SER A 16 5.48 12.42 6.19
N ASP A 17 5.13 12.03 4.96
CA ASP A 17 4.06 12.65 4.17
C ASP A 17 2.64 12.36 4.72
N THR A 18 2.53 11.42 5.65
CA THR A 18 1.28 11.02 6.32
C THR A 18 0.56 12.12 7.10
N GLY A 19 1.26 13.19 7.50
CA GLY A 19 0.70 14.34 8.22
C GLY A 19 -0.52 15.01 7.57
N SER A 20 -0.73 14.82 6.25
CA SER A 20 -1.86 15.38 5.48
C SER A 20 -2.91 14.34 5.07
N ALA A 21 -2.68 13.07 5.39
CA ALA A 21 -3.47 11.91 4.97
C ALA A 21 -3.93 11.00 6.12
N GLY A 22 -3.35 11.12 7.32
CA GLY A 22 -3.62 10.30 8.50
C GLY A 22 -2.88 8.96 8.51
N LEU A 23 -2.64 8.34 7.35
CA LEU A 23 -1.91 7.09 7.17
C LEU A 23 -1.28 6.97 5.78
N MET A 24 -0.46 5.94 5.60
CA MET A 24 0.10 5.48 4.32
C MET A 24 -0.22 3.99 4.13
N LEU A 25 -0.38 3.53 2.88
CA LEU A 25 -0.69 2.16 2.51
C LEU A 25 0.37 1.64 1.53
N VAL A 26 0.92 0.44 1.76
CA VAL A 26 2.01 -0.10 0.94
C VAL A 26 1.81 -1.59 0.66
N GLU A 27 2.12 -2.03 -0.57
CA GLU A 27 1.96 -3.39 -1.06
C GLU A 27 3.32 -4.07 -1.19
N PHE A 28 3.44 -5.31 -0.70
CA PHE A 28 4.65 -6.12 -0.74
C PHE A 28 4.38 -7.40 -1.56
N PHE A 29 5.26 -7.71 -2.54
CA PHE A 29 5.01 -8.73 -3.56
C PHE A 29 6.27 -9.45 -4.09
N ALA A 30 6.11 -10.29 -5.12
CA ALA A 30 7.16 -10.89 -5.94
C ALA A 30 6.67 -11.10 -7.39
N PRO A 31 7.55 -11.32 -8.38
CA PRO A 31 7.18 -11.60 -9.78
C PRO A 31 6.60 -13.02 -10.01
N TRP A 32 6.54 -13.84 -8.95
CA TRP A 32 6.11 -15.25 -8.96
C TRP A 32 5.35 -15.61 -7.68
N CYS A 33 4.78 -16.82 -7.63
CA CYS A 33 4.00 -17.37 -6.50
C CYS A 33 2.85 -16.45 -6.01
N GLY A 34 2.27 -15.67 -6.93
CA GLY A 34 1.23 -14.67 -6.66
C GLY A 34 0.66 -14.03 -7.94
N HIS A 35 -0.23 -13.05 -7.75
CA HIS A 35 -1.03 -12.45 -8.84
C HIS A 35 -0.56 -11.03 -9.23
N CYS A 36 0.73 -10.71 -9.02
CA CYS A 36 1.29 -9.37 -9.20
C CYS A 36 1.02 -8.79 -10.60
N LYS A 37 1.11 -9.64 -11.63
CA LYS A 37 0.88 -9.29 -13.04
C LYS A 37 -0.57 -8.88 -13.36
N ARG A 38 -1.52 -9.20 -12.46
CA ARG A 38 -2.95 -8.84 -12.57
C ARG A 38 -3.40 -7.79 -11.55
N LEU A 39 -2.76 -7.73 -10.37
CA LEU A 39 -3.12 -6.80 -9.31
C LEU A 39 -2.35 -5.46 -9.37
N ALA A 40 -1.11 -5.43 -9.89
CA ALA A 40 -0.35 -4.19 -10.07
C ALA A 40 -1.09 -3.08 -10.85
N PRO A 41 -1.79 -3.34 -11.98
CA PRO A 41 -2.53 -2.31 -12.71
C PRO A 41 -3.81 -1.84 -11.98
N GLU A 42 -4.29 -2.59 -10.98
CA GLU A 42 -5.37 -2.15 -10.08
C GLU A 42 -4.82 -1.31 -8.92
N TYR A 43 -3.69 -1.67 -8.34
CA TYR A 43 -3.12 -0.92 -7.22
C TYR A 43 -2.63 0.48 -7.62
N GLU A 44 -2.02 0.65 -8.81
CA GLU A 44 -1.70 1.98 -9.35
C GLU A 44 -2.95 2.81 -9.68
N ALA A 45 -4.03 2.14 -10.09
CA ALA A 45 -5.34 2.78 -10.27
C ALA A 45 -5.95 3.22 -8.92
N ALA A 46 -5.75 2.49 -7.81
CA ALA A 46 -6.17 2.93 -6.48
C ALA A 46 -5.39 4.18 -6.04
N ALA A 47 -4.08 4.20 -6.30
CA ALA A 47 -3.24 5.37 -6.02
C ALA A 47 -3.65 6.58 -6.89
N THR A 48 -4.02 6.35 -8.15
CA THR A 48 -4.59 7.37 -9.05
C THR A 48 -5.94 7.90 -8.53
N ARG A 49 -6.82 7.02 -8.04
CA ARG A 49 -8.17 7.37 -7.55
C ARG A 49 -8.19 8.04 -6.16
N LEU A 50 -7.11 7.88 -5.38
CA LEU A 50 -6.94 8.42 -4.02
C LEU A 50 -5.76 9.42 -3.92
N LYS A 51 -5.25 9.91 -5.06
CA LYS A 51 -4.00 10.69 -5.19
C LYS A 51 -3.90 11.95 -4.31
N GLY A 52 -5.05 12.57 -4.02
CA GLY A 52 -5.17 13.75 -3.14
C GLY A 52 -5.63 13.44 -1.72
N ILE A 53 -5.63 12.17 -1.30
CA ILE A 53 -6.24 11.71 -0.03
C ILE A 53 -5.35 10.70 0.73
N VAL A 54 -4.69 9.76 0.04
CA VAL A 54 -3.84 8.71 0.66
C VAL A 54 -2.58 8.43 -0.19
N PRO A 55 -1.36 8.54 0.37
CA PRO A 55 -0.15 8.07 -0.31
C PRO A 55 -0.09 6.53 -0.35
N LEU A 56 0.18 5.97 -1.53
CA LEU A 56 0.32 4.53 -1.77
C LEU A 56 1.72 4.19 -2.33
N ALA A 57 2.23 2.99 -2.00
CA ALA A 57 3.53 2.52 -2.49
C ALA A 57 3.61 0.99 -2.69
N LYS A 58 4.67 0.52 -3.33
CA LYS A 58 4.98 -0.89 -3.59
C LYS A 58 6.41 -1.25 -3.19
N VAL A 59 6.63 -2.52 -2.85
CA VAL A 59 7.90 -3.15 -2.43
C VAL A 59 7.93 -4.61 -2.96
N ASP A 60 9.13 -5.18 -3.13
CA ASP A 60 9.33 -6.52 -3.68
C ASP A 60 10.27 -7.37 -2.82
N CYS A 61 9.79 -8.54 -2.36
CA CYS A 61 10.46 -9.40 -1.39
C CYS A 61 11.54 -10.33 -1.95
N THR A 62 11.74 -10.40 -3.28
CA THR A 62 12.91 -11.11 -3.86
C THR A 62 13.98 -10.13 -4.35
N ALA A 63 13.57 -8.91 -4.74
CA ALA A 63 14.49 -7.80 -5.00
C ALA A 63 15.03 -7.20 -3.69
N ASN A 64 14.21 -7.15 -2.63
CA ASN A 64 14.50 -6.54 -1.34
C ASN A 64 13.89 -7.33 -0.17
N THR A 65 14.50 -8.48 0.09
CA THR A 65 14.07 -9.44 1.13
C THR A 65 14.27 -8.86 2.53
N ASN A 66 15.30 -8.04 2.73
CA ASN A 66 15.57 -7.30 3.96
C ASN A 66 14.48 -6.28 4.29
N THR A 67 13.98 -5.56 3.28
CA THR A 67 12.85 -4.61 3.43
C THR A 67 11.55 -5.35 3.78
N CYS A 68 11.32 -6.54 3.19
CA CYS A 68 10.18 -7.38 3.57
C CYS A 68 10.30 -8.05 4.96
N ASN A 69 11.50 -8.47 5.36
CA ASN A 69 11.77 -9.08 6.68
C ASN A 69 11.67 -8.08 7.84
N LYS A 70 11.81 -6.77 7.55
CA LYS A 70 11.51 -5.68 8.51
C LYS A 70 10.05 -5.71 9.02
N TYR A 71 9.12 -6.28 8.25
CA TYR A 71 7.68 -6.26 8.52
C TYR A 71 7.01 -7.65 8.59
N GLY A 72 7.67 -8.69 8.08
CA GLY A 72 7.24 -10.09 8.22
C GLY A 72 6.52 -10.64 6.99
N VAL A 73 6.81 -10.09 5.80
CA VAL A 73 6.24 -10.53 4.51
C VAL A 73 6.90 -11.83 4.03
N SER A 74 6.70 -12.89 4.81
CA SER A 74 7.05 -14.28 4.47
C SER A 74 6.18 -14.88 3.34
N GLY A 75 5.15 -14.17 2.86
CA GLY A 75 4.27 -14.53 1.75
C GLY A 75 3.50 -13.31 1.27
N TYR A 76 2.95 -13.41 0.06
CA TYR A 76 2.35 -12.29 -0.69
C TYR A 76 1.20 -12.74 -1.64
N PRO A 77 0.31 -11.82 -2.09
CA PRO A 77 0.27 -10.39 -1.77
C PRO A 77 0.00 -10.09 -0.29
N THR A 78 0.66 -9.04 0.21
CA THR A 78 0.54 -8.55 1.59
C THR A 78 0.54 -7.03 1.53
N LEU A 79 -0.51 -6.40 2.06
CA LEU A 79 -0.62 -4.94 2.18
C LEU A 79 -0.52 -4.51 3.65
N LYS A 80 0.14 -3.38 3.88
CA LYS A 80 0.43 -2.83 5.22
C LYS A 80 0.01 -1.37 5.33
N ILE A 81 -0.55 -1.02 6.50
CA ILE A 81 -0.98 0.34 6.84
C ILE A 81 -0.04 0.92 7.89
N PHE A 82 0.28 2.21 7.72
CA PHE A 82 1.19 2.96 8.59
C PHE A 82 0.55 4.28 9.03
N ARG A 83 -0.22 4.23 10.12
CA ARG A 83 -0.91 5.38 10.72
C ARG A 83 0.12 6.39 11.23
N ASP A 84 0.03 7.63 10.75
CA ASP A 84 1.01 8.71 10.99
C ASP A 84 2.49 8.30 10.75
N GLY A 85 2.72 7.31 9.87
CA GLY A 85 4.04 6.85 9.44
C GLY A 85 4.65 5.68 10.22
N GLU A 86 3.86 4.95 11.02
CA GLU A 86 4.28 3.76 11.77
C GLU A 86 3.21 2.66 11.73
N GLU A 87 3.63 1.39 11.75
CA GLU A 87 2.77 0.22 11.48
C GLU A 87 1.51 0.17 12.38
N ALA A 88 0.33 0.39 11.78
CA ALA A 88 -0.96 0.17 12.43
C ALA A 88 -1.28 -1.34 12.47
N GLY A 89 -0.90 -2.07 11.42
CA GLY A 89 -0.93 -3.55 11.40
C GLY A 89 -0.81 -4.14 10.00
N ALA A 90 -1.94 -4.23 9.30
CA ALA A 90 -2.09 -4.84 7.97
C ALA A 90 -3.43 -4.45 7.30
N TYR A 91 -3.54 -4.72 6.00
CA TYR A 91 -4.79 -4.61 5.23
C TYR A 91 -5.14 -5.95 4.56
N ASP A 92 -6.43 -6.29 4.57
CA ASP A 92 -7.03 -7.41 3.83
C ASP A 92 -8.50 -7.08 3.47
N GLY A 93 -8.98 -7.60 2.35
CA GLY A 93 -10.28 -7.24 1.78
C GLY A 93 -10.52 -7.86 0.39
N PRO A 94 -11.28 -7.19 -0.49
CA PRO A 94 -11.51 -7.63 -1.88
C PRO A 94 -10.25 -7.89 -2.73
N ARG A 95 -9.08 -7.31 -2.35
CA ARG A 95 -7.81 -7.33 -3.12
C ARG A 95 -8.00 -6.89 -4.56
N THR A 96 -8.53 -5.66 -4.71
CA THR A 96 -8.85 -4.96 -5.97
C THR A 96 -8.77 -3.44 -5.75
N ALA A 97 -8.61 -2.64 -6.82
CA ALA A 97 -8.65 -1.17 -6.75
C ALA A 97 -9.89 -0.62 -6.01
N ASP A 98 -11.06 -1.19 -6.31
CA ASP A 98 -12.33 -0.79 -5.72
C ASP A 98 -12.42 -1.10 -4.22
N GLY A 99 -11.75 -2.16 -3.75
CA GLY A 99 -11.62 -2.46 -2.32
C GLY A 99 -10.83 -1.39 -1.55
N ILE A 100 -9.73 -0.89 -2.13
CA ILE A 100 -8.92 0.19 -1.51
C ILE A 100 -9.72 1.50 -1.40
N VAL A 101 -10.40 1.89 -2.49
CA VAL A 101 -11.27 3.07 -2.53
C VAL A 101 -12.46 2.94 -1.58
N SER A 102 -13.06 1.74 -1.50
CA SER A 102 -14.13 1.43 -0.53
C SER A 102 -13.67 1.53 0.94
N HIS A 103 -12.45 1.06 1.25
CA HIS A 103 -11.83 1.18 2.58
C HIS A 103 -11.58 2.65 2.95
N LEU A 104 -11.18 3.49 1.99
CA LEU A 104 -10.97 4.93 2.20
C LEU A 104 -12.30 5.69 2.37
N LYS A 105 -13.27 5.51 1.46
CA LYS A 105 -14.52 6.29 1.48
C LYS A 105 -15.34 6.10 2.76
N LYS A 106 -15.23 4.93 3.41
CA LYS A 106 -15.88 4.57 4.69
C LYS A 106 -15.28 5.25 5.94
N GLN A 107 -14.15 5.95 5.82
CA GLN A 107 -13.47 6.67 6.91
C GLN A 107 -13.24 8.16 6.61
N ALA A 108 -13.00 8.49 5.34
CA ALA A 108 -12.97 9.88 4.83
C ALA A 108 -14.34 10.59 4.90
N GLY A 109 -15.43 9.86 5.04
CA GLY A 109 -16.80 10.39 5.18
C GLY A 109 -17.85 9.33 5.60
N PRO A 110 -19.13 9.71 5.71
CA PRO A 110 -20.25 8.81 6.05
C PRO A 110 -20.49 7.66 5.05
N ALA A 111 -20.05 7.84 3.79
CA ALA A 111 -20.28 6.94 2.63
C ALA A 111 -21.76 6.70 2.25
N SER A 112 -22.68 7.51 2.79
CA SER A 112 -24.16 7.43 2.59
C SER A 112 -24.81 8.82 2.38
N VAL A 113 -24.00 9.84 2.09
CA VAL A 113 -24.42 11.25 1.82
C VAL A 113 -25.37 11.41 0.62
N SER A 1 1.52 3.29 -14.85
CA SER A 1 1.91 3.13 -13.43
C SER A 1 1.60 4.39 -12.62
N ASP A 2 0.87 4.24 -11.52
CA ASP A 2 0.46 5.34 -10.61
C ASP A 2 0.74 5.00 -9.12
N VAL A 3 1.53 3.95 -8.87
CA VAL A 3 1.92 3.44 -7.54
C VAL A 3 3.41 3.71 -7.31
N LEU A 4 3.78 4.23 -6.12
CA LEU A 4 5.17 4.54 -5.77
C LEU A 4 6.01 3.26 -5.59
N GLU A 5 6.99 3.04 -6.46
CA GLU A 5 7.89 1.86 -6.45
C GLU A 5 9.06 2.00 -5.45
N LEU A 6 8.72 2.24 -4.18
CA LEU A 6 9.65 2.51 -3.08
C LEU A 6 10.62 1.35 -2.76
N THR A 7 11.71 1.69 -2.07
CA THR A 7 12.78 0.78 -1.61
C THR A 7 13.45 1.37 -0.36
N ASP A 8 14.09 0.52 0.43
CA ASP A 8 14.74 0.88 1.72
C ASP A 8 15.77 2.03 1.61
N ASP A 9 16.34 2.27 0.44
CA ASP A 9 17.24 3.40 0.14
C ASP A 9 16.59 4.79 0.33
N ASN A 10 15.25 4.88 0.25
CA ASN A 10 14.50 6.14 0.42
C ASN A 10 13.19 6.04 1.23
N PHE A 11 12.62 4.84 1.42
CA PHE A 11 11.37 4.61 2.16
C PHE A 11 11.37 5.24 3.57
N GLU A 12 12.51 5.22 4.27
CA GLU A 12 12.71 5.75 5.62
C GLU A 12 12.50 7.26 5.82
N SER A 13 12.14 8.00 4.76
CA SER A 13 11.69 9.40 4.84
C SER A 13 10.45 9.70 3.98
N ARG A 14 9.87 8.69 3.32
CA ARG A 14 8.55 8.78 2.64
C ARG A 14 7.40 8.71 3.65
N ILE A 15 7.60 7.99 4.76
CA ILE A 15 6.62 7.84 5.86
C ILE A 15 6.16 9.18 6.45
N SER A 16 6.99 10.22 6.29
CA SER A 16 6.75 11.58 6.79
C SER A 16 5.65 12.33 6.02
N ASP A 17 5.35 11.88 4.79
CA ASP A 17 4.33 12.49 3.92
C ASP A 17 2.88 12.18 4.36
N THR A 18 2.72 11.26 5.32
CA THR A 18 1.43 10.80 5.85
C THR A 18 0.61 11.87 6.60
N GLY A 19 1.24 12.95 7.07
CA GLY A 19 0.64 13.98 7.92
C GLY A 19 -0.71 14.55 7.46
N SER A 20 -0.90 14.74 6.15
CA SER A 20 -2.16 15.20 5.55
C SER A 20 -3.20 14.07 5.32
N ALA A 21 -2.73 12.90 4.88
CA ALA A 21 -3.54 11.73 4.55
C ALA A 21 -4.07 10.96 5.78
N GLY A 22 -3.33 11.00 6.90
CA GLY A 22 -3.56 10.22 8.12
C GLY A 22 -2.85 8.86 8.13
N LEU A 23 -2.56 8.27 6.96
CA LEU A 23 -1.84 6.99 6.80
C LEU A 23 -1.21 6.85 5.40
N MET A 24 -0.51 5.71 5.22
CA MET A 24 -0.01 5.20 3.94
C MET A 24 -0.36 3.71 3.87
N LEU A 25 -0.64 3.19 2.67
CA LEU A 25 -1.04 1.80 2.44
C LEU A 25 -0.15 1.23 1.32
N VAL A 26 0.56 0.15 1.60
CA VAL A 26 1.64 -0.36 0.72
C VAL A 26 1.49 -1.86 0.48
N GLU A 27 1.79 -2.31 -0.73
CA GLU A 27 1.76 -3.73 -1.13
C GLU A 27 3.17 -4.33 -1.22
N PHE A 28 3.33 -5.53 -0.67
CA PHE A 28 4.59 -6.27 -0.62
C PHE A 28 4.44 -7.58 -1.40
N PHE A 29 5.35 -7.79 -2.34
CA PHE A 29 5.29 -8.86 -3.36
C PHE A 29 6.68 -9.29 -3.85
N ALA A 30 6.77 -10.16 -4.84
CA ALA A 30 8.01 -10.56 -5.50
C ALA A 30 7.77 -10.80 -7.02
N PRO A 31 8.80 -10.71 -7.89
CA PRO A 31 8.65 -10.73 -9.36
C PRO A 31 8.41 -12.16 -9.94
N TRP A 32 7.78 -13.05 -9.19
CA TRP A 32 7.57 -14.47 -9.54
C TRP A 32 6.42 -14.74 -10.54
N CYS A 33 5.79 -13.68 -11.09
CA CYS A 33 4.64 -13.73 -12.01
C CYS A 33 3.37 -14.41 -11.45
N GLY A 34 3.28 -14.56 -10.11
CA GLY A 34 2.11 -15.15 -9.44
C GLY A 34 0.88 -14.24 -9.50
N HIS A 35 1.03 -12.96 -9.09
CA HIS A 35 -0.05 -11.96 -9.04
C HIS A 35 0.36 -10.55 -9.52
N CYS A 36 1.66 -10.29 -9.75
CA CYS A 36 2.17 -8.96 -10.10
C CYS A 36 1.77 -8.46 -11.49
N LYS A 37 1.23 -9.34 -12.34
CA LYS A 37 0.68 -9.04 -13.68
C LYS A 37 -0.86 -9.07 -13.72
N ARG A 38 -1.51 -9.29 -12.57
CA ARG A 38 -2.97 -9.57 -12.42
C ARG A 38 -3.65 -8.57 -11.50
N LEU A 39 -2.97 -8.12 -10.44
CA LEU A 39 -3.47 -7.16 -9.45
C LEU A 39 -2.91 -5.74 -9.62
N ALA A 40 -1.73 -5.59 -10.24
CA ALA A 40 -1.15 -4.29 -10.57
C ALA A 40 -2.08 -3.31 -11.34
N PRO A 41 -2.89 -3.74 -12.34
CA PRO A 41 -3.79 -2.82 -13.05
C PRO A 41 -5.00 -2.36 -12.20
N GLU A 42 -5.29 -3.05 -11.10
CA GLU A 42 -6.29 -2.60 -10.12
C GLU A 42 -5.65 -1.74 -9.01
N TYR A 43 -4.44 -2.06 -8.56
CA TYR A 43 -3.78 -1.30 -7.51
C TYR A 43 -3.35 0.10 -7.98
N GLU A 44 -2.94 0.27 -9.25
CA GLU A 44 -2.72 1.60 -9.85
C GLU A 44 -4.01 2.42 -9.99
N ALA A 45 -5.15 1.76 -10.28
CA ALA A 45 -6.46 2.41 -10.26
C ALA A 45 -6.83 2.88 -8.84
N ALA A 46 -6.60 2.07 -7.80
CA ALA A 46 -6.76 2.48 -6.42
C ALA A 46 -5.86 3.68 -6.06
N ALA A 47 -4.59 3.66 -6.46
CA ALA A 47 -3.64 4.74 -6.22
C ALA A 47 -4.02 6.04 -6.93
N THR A 48 -4.59 5.93 -8.14
CA THR A 48 -5.18 7.07 -8.88
C THR A 48 -6.44 7.62 -8.18
N ARG A 49 -7.33 6.74 -7.71
CA ARG A 49 -8.57 7.09 -7.00
C ARG A 49 -8.35 7.71 -5.61
N LEU A 50 -7.22 7.38 -4.98
CA LEU A 50 -6.84 7.81 -3.62
C LEU A 50 -5.65 8.78 -3.59
N LYS A 51 -5.20 9.30 -4.74
CA LYS A 51 -4.10 10.28 -4.83
C LYS A 51 -4.42 11.55 -4.02
N GLY A 52 -3.63 11.83 -2.98
CA GLY A 52 -3.90 12.92 -2.02
C GLY A 52 -4.90 12.58 -0.90
N ILE A 53 -5.35 11.31 -0.83
CA ILE A 53 -6.30 10.80 0.19
C ILE A 53 -5.63 9.69 1.03
N VAL A 54 -4.99 8.72 0.36
CA VAL A 54 -4.10 7.69 0.93
C VAL A 54 -3.00 7.38 -0.09
N PRO A 55 -1.76 7.89 0.09
CA PRO A 55 -0.61 7.49 -0.72
C PRO A 55 -0.45 5.97 -0.78
N LEU A 56 -0.21 5.44 -2.00
CA LEU A 56 -0.08 4.01 -2.29
C LEU A 56 1.30 3.69 -2.87
N ALA A 57 1.92 2.60 -2.38
CA ALA A 57 3.26 2.19 -2.79
C ALA A 57 3.36 0.66 -2.97
N LYS A 58 4.44 0.20 -3.61
CA LYS A 58 4.73 -1.22 -3.81
C LYS A 58 6.23 -1.52 -3.62
N VAL A 59 6.54 -2.68 -3.02
CA VAL A 59 7.90 -3.06 -2.58
C VAL A 59 8.17 -4.53 -2.85
N ASP A 60 9.32 -4.83 -3.46
CA ASP A 60 9.78 -6.20 -3.77
C ASP A 60 10.51 -6.86 -2.58
N CYS A 61 9.97 -7.96 -2.06
CA CYS A 61 10.57 -8.80 -1.02
C CYS A 61 11.95 -9.37 -1.39
N THR A 62 12.15 -9.79 -2.65
CA THR A 62 13.46 -10.29 -3.11
C THR A 62 14.50 -9.16 -3.23
N ALA A 63 14.05 -7.92 -3.44
CA ALA A 63 14.91 -6.73 -3.48
C ALA A 63 15.23 -6.17 -2.08
N ASN A 64 14.30 -6.31 -1.12
CA ASN A 64 14.46 -5.89 0.28
C ASN A 64 13.91 -6.94 1.26
N THR A 65 14.69 -7.99 1.44
CA THR A 65 14.31 -9.15 2.27
C THR A 65 14.38 -8.81 3.77
N ASN A 66 15.24 -7.87 4.15
CA ASN A 66 15.32 -7.25 5.46
C ASN A 66 14.01 -6.56 5.89
N THR A 67 13.39 -5.79 5.00
CA THR A 67 12.03 -5.24 5.20
C THR A 67 11.00 -6.37 5.23
N CYS A 68 11.09 -7.30 4.28
CA CYS A 68 10.07 -8.34 4.04
C CYS A 68 9.84 -9.25 5.26
N ASN A 69 10.93 -9.77 5.84
CA ASN A 69 10.83 -10.69 6.98
C ASN A 69 10.45 -9.97 8.28
N LYS A 70 10.97 -8.75 8.46
CA LYS A 70 10.62 -7.89 9.60
C LYS A 70 9.12 -7.52 9.60
N TYR A 71 8.51 -7.45 8.42
CA TYR A 71 7.12 -6.99 8.19
C TYR A 71 6.09 -8.13 8.22
N GLY A 72 6.57 -9.38 8.22
CA GLY A 72 5.74 -10.59 8.28
C GLY A 72 5.22 -11.04 6.91
N VAL A 73 5.88 -10.61 5.82
CA VAL A 73 5.49 -10.89 4.43
C VAL A 73 5.99 -12.29 4.00
N SER A 74 5.54 -13.31 4.73
CA SER A 74 5.78 -14.74 4.45
C SER A 74 5.17 -15.27 3.13
N GLY A 75 4.35 -14.46 2.45
CA GLY A 75 3.72 -14.72 1.15
C GLY A 75 3.13 -13.42 0.59
N TYR A 76 2.52 -13.52 -0.59
CA TYR A 76 2.04 -12.37 -1.39
C TYR A 76 0.73 -12.67 -2.18
N PRO A 77 0.01 -11.65 -2.65
CA PRO A 77 0.18 -10.22 -2.36
C PRO A 77 -0.22 -9.90 -0.92
N THR A 78 0.56 -9.05 -0.25
CA THR A 78 0.39 -8.69 1.17
C THR A 78 0.36 -7.17 1.31
N LEU A 79 -0.80 -6.63 1.68
CA LEU A 79 -1.00 -5.18 1.88
C LEU A 79 -0.91 -4.82 3.38
N LYS A 80 -0.24 -3.70 3.70
CA LYS A 80 -0.03 -3.21 5.08
C LYS A 80 -0.29 -1.71 5.22
N ILE A 81 -0.74 -1.31 6.40
CA ILE A 81 -1.12 0.08 6.76
C ILE A 81 -0.06 0.67 7.71
N PHE A 82 0.21 1.96 7.50
CA PHE A 82 1.19 2.73 8.27
C PHE A 82 0.58 4.07 8.72
N ARG A 83 -0.24 3.99 9.78
CA ARG A 83 -0.98 5.14 10.35
C ARG A 83 0.02 6.17 10.94
N ASP A 84 -0.13 7.42 10.54
CA ASP A 84 0.81 8.53 10.81
C ASP A 84 2.30 8.18 10.53
N GLY A 85 2.55 7.26 9.58
CA GLY A 85 3.90 6.89 9.16
C GLY A 85 4.56 5.78 9.99
N GLU A 86 3.76 4.96 10.69
CA GLU A 86 4.22 3.86 11.56
C GLU A 86 3.27 2.67 11.46
N GLU A 87 3.80 1.44 11.51
CA GLU A 87 3.05 0.19 11.31
C GLU A 87 1.80 0.10 12.21
N ALA A 88 0.61 0.17 11.59
CA ALA A 88 -0.65 -0.16 12.26
C ALA A 88 -0.82 -1.69 12.33
N GLY A 89 -0.47 -2.38 11.22
CA GLY A 89 -0.34 -3.84 11.18
C GLY A 89 -0.49 -4.44 9.79
N ALA A 90 -1.74 -4.49 9.32
CA ALA A 90 -2.13 -5.11 8.06
C ALA A 90 -3.42 -4.47 7.49
N TYR A 91 -3.58 -4.56 6.16
CA TYR A 91 -4.79 -4.13 5.45
C TYR A 91 -6.04 -4.93 5.88
N ASP A 92 -7.23 -4.32 5.75
CA ASP A 92 -8.51 -4.84 6.26
C ASP A 92 -9.67 -4.54 5.30
N GLY A 93 -9.60 -5.10 4.09
CA GLY A 93 -10.64 -5.02 3.06
C GLY A 93 -10.40 -5.99 1.88
N PRO A 94 -11.27 -5.98 0.85
CA PRO A 94 -11.03 -6.72 -0.39
C PRO A 94 -9.76 -6.20 -1.09
N ARG A 95 -8.90 -7.10 -1.59
CA ARG A 95 -7.67 -6.74 -2.34
C ARG A 95 -7.95 -6.53 -3.84
N THR A 96 -8.78 -5.51 -4.12
CA THR A 96 -9.26 -5.10 -5.45
C THR A 96 -9.43 -3.57 -5.49
N ALA A 97 -9.35 -2.92 -6.66
CA ALA A 97 -9.45 -1.47 -6.80
C ALA A 97 -10.65 -0.83 -6.08
N ASP A 98 -11.82 -1.46 -6.17
CA ASP A 98 -13.03 -1.01 -5.48
C ASP A 98 -12.97 -1.26 -3.96
N GLY A 99 -12.27 -2.31 -3.54
CA GLY A 99 -12.06 -2.66 -2.14
C GLY A 99 -11.11 -1.69 -1.42
N ILE A 100 -10.02 -1.26 -2.07
CA ILE A 100 -9.05 -0.33 -1.47
C ILE A 100 -9.74 1.00 -1.12
N VAL A 101 -10.51 1.53 -2.09
CA VAL A 101 -11.33 2.74 -1.89
C VAL A 101 -12.42 2.51 -0.83
N SER A 102 -13.15 1.39 -0.89
CA SER A 102 -14.19 1.07 0.10
C SER A 102 -13.66 1.02 1.54
N HIS A 103 -12.49 0.41 1.77
CA HIS A 103 -11.81 0.37 3.06
C HIS A 103 -11.51 1.78 3.59
N LEU A 104 -11.14 2.73 2.73
CA LEU A 104 -10.97 4.15 3.09
C LEU A 104 -12.31 4.84 3.38
N LYS A 105 -13.32 4.72 2.50
CA LYS A 105 -14.60 5.43 2.67
C LYS A 105 -15.33 5.04 3.97
N LYS A 106 -15.18 3.77 4.38
CA LYS A 106 -15.74 3.18 5.63
C LYS A 106 -15.22 3.80 6.93
N GLN A 107 -14.11 4.54 6.89
CA GLN A 107 -13.48 5.21 8.03
C GLN A 107 -13.38 6.74 7.86
N ALA A 108 -13.17 7.20 6.63
CA ALA A 108 -13.20 8.63 6.27
C ALA A 108 -14.61 9.28 6.35
N GLY A 109 -15.68 8.48 6.16
CA GLY A 109 -17.09 8.93 6.16
C GLY A 109 -17.41 10.11 5.22
N PRO A 110 -17.06 10.05 3.91
CA PRO A 110 -17.20 11.18 2.97
C PRO A 110 -18.65 11.47 2.51
N ALA A 111 -19.62 10.62 2.87
CA ALA A 111 -21.04 10.76 2.51
C ALA A 111 -21.68 12.08 3.02
N SER A 112 -22.78 12.47 2.37
CA SER A 112 -23.58 13.68 2.65
C SER A 112 -22.80 15.01 2.56
N VAL A 113 -21.73 15.06 1.74
CA VAL A 113 -20.88 16.23 1.47
C VAL A 113 -20.65 16.39 -0.04
N SER A 1 3.76 6.67 -12.97
CA SER A 1 3.23 5.74 -11.95
C SER A 1 2.59 6.51 -10.78
N ASP A 2 1.28 6.35 -10.55
CA ASP A 2 0.60 6.95 -9.38
C ASP A 2 0.95 6.21 -8.08
N VAL A 3 1.23 4.90 -8.17
CA VAL A 3 1.79 4.09 -7.07
C VAL A 3 3.28 4.43 -6.89
N LEU A 4 3.69 4.79 -5.67
CA LEU A 4 5.09 5.01 -5.30
C LEU A 4 5.86 3.68 -5.27
N GLU A 5 6.87 3.52 -6.13
CA GLU A 5 7.66 2.28 -6.24
C GLU A 5 8.84 2.28 -5.24
N LEU A 6 8.50 2.35 -3.94
CA LEU A 6 9.42 2.50 -2.82
C LEU A 6 10.42 1.33 -2.64
N THR A 7 11.48 1.60 -1.88
CA THR A 7 12.47 0.63 -1.40
C THR A 7 13.14 1.16 -0.11
N ASP A 8 13.97 0.38 0.57
CA ASP A 8 14.63 0.75 1.82
C ASP A 8 15.43 2.07 1.76
N ASP A 9 15.88 2.47 0.57
CA ASP A 9 16.59 3.73 0.32
C ASP A 9 15.72 5.00 0.47
N ASN A 10 14.40 4.88 0.35
CA ASN A 10 13.45 6.00 0.31
C ASN A 10 12.17 5.82 1.16
N PHE A 11 11.77 4.59 1.50
CA PHE A 11 10.66 4.31 2.43
C PHE A 11 10.92 4.95 3.81
N GLU A 12 12.19 4.98 4.21
CA GLU A 12 12.75 5.59 5.44
C GLU A 12 12.67 7.13 5.51
N SER A 13 11.99 7.76 4.55
CA SER A 13 11.64 9.20 4.57
C SER A 13 10.20 9.51 4.16
N ARG A 14 9.38 8.51 3.79
CA ARG A 14 7.92 8.65 3.60
C ARG A 14 7.16 8.73 4.93
N ILE A 15 7.72 8.17 6.00
CA ILE A 15 7.22 8.27 7.38
C ILE A 15 7.12 9.72 7.90
N SER A 16 7.78 10.64 7.21
CA SER A 16 7.81 12.09 7.48
C SER A 16 6.80 12.90 6.63
N ASP A 17 6.02 12.23 5.77
CA ASP A 17 5.09 12.85 4.80
C ASP A 17 3.66 12.27 4.89
N THR A 18 3.44 11.29 5.76
CA THR A 18 2.13 10.65 6.02
C THR A 18 1.06 11.58 6.54
N GLY A 19 1.43 12.69 7.20
CA GLY A 19 0.51 13.72 7.69
C GLY A 19 -0.45 14.30 6.63
N SER A 20 -0.07 14.16 5.34
CA SER A 20 -0.89 14.53 4.18
C SER A 20 -2.23 13.81 4.05
N ALA A 21 -2.29 12.55 4.48
CA ALA A 21 -3.48 11.69 4.46
C ALA A 21 -3.75 11.00 5.82
N GLY A 22 -2.84 11.14 6.79
CA GLY A 22 -2.88 10.47 8.09
C GLY A 22 -2.27 9.07 8.11
N LEU A 23 -2.10 8.42 6.96
CA LEU A 23 -1.46 7.11 6.79
C LEU A 23 -0.89 6.91 5.37
N MET A 24 -0.17 5.80 5.17
CA MET A 24 0.27 5.31 3.87
C MET A 24 -0.15 3.83 3.71
N LEU A 25 -0.55 3.45 2.51
CA LEU A 25 -0.88 2.07 2.12
C LEU A 25 0.23 1.56 1.18
N VAL A 26 0.72 0.34 1.41
CA VAL A 26 1.80 -0.27 0.60
C VAL A 26 1.48 -1.72 0.29
N GLU A 27 1.86 -2.18 -0.91
CA GLU A 27 1.74 -3.57 -1.37
C GLU A 27 3.13 -4.20 -1.53
N PHE A 28 3.44 -5.19 -0.71
CA PHE A 28 4.64 -6.01 -0.90
C PHE A 28 4.41 -7.05 -2.00
N PHE A 29 5.40 -7.19 -2.88
CA PHE A 29 5.34 -8.03 -4.10
C PHE A 29 6.74 -8.54 -4.52
N ALA A 30 6.80 -9.23 -5.66
CA ALA A 30 8.05 -9.63 -6.32
C ALA A 30 7.84 -9.68 -7.87
N PRO A 31 8.91 -9.62 -8.69
CA PRO A 31 8.80 -9.74 -10.15
C PRO A 31 8.53 -11.18 -10.63
N TRP A 32 8.69 -12.17 -9.75
CA TRP A 32 8.49 -13.60 -10.02
C TRP A 32 7.01 -13.97 -10.29
N CYS A 33 6.78 -15.20 -10.77
CA CYS A 33 5.43 -15.74 -11.00
C CYS A 33 4.55 -15.75 -9.73
N GLY A 34 3.32 -15.20 -9.84
CA GLY A 34 2.36 -15.13 -8.74
C GLY A 34 1.21 -14.15 -8.98
N HIS A 35 0.28 -14.06 -8.01
CA HIS A 35 -0.95 -13.25 -8.09
C HIS A 35 -0.70 -11.73 -8.02
N CYS A 36 0.54 -11.26 -7.82
CA CYS A 36 0.88 -9.84 -7.76
C CYS A 36 0.54 -9.13 -9.09
N LYS A 37 0.85 -9.80 -10.21
CA LYS A 37 0.65 -9.31 -11.59
C LYS A 37 -0.83 -9.17 -11.99
N ARG A 38 -1.72 -9.96 -11.36
CA ARG A 38 -3.18 -9.87 -11.50
C ARG A 38 -3.80 -8.74 -10.67
N LEU A 39 -3.15 -8.33 -9.58
CA LEU A 39 -3.64 -7.29 -8.67
C LEU A 39 -3.05 -5.89 -8.94
N ALA A 40 -1.82 -5.80 -9.43
CA ALA A 40 -1.18 -4.54 -9.81
C ALA A 40 -2.02 -3.62 -10.73
N PRO A 41 -2.74 -4.09 -11.77
CA PRO A 41 -3.57 -3.24 -12.64
C PRO A 41 -4.85 -2.71 -11.95
N GLU A 42 -5.23 -3.27 -10.80
CA GLU A 42 -6.30 -2.72 -9.95
C GLU A 42 -5.75 -1.82 -8.83
N TYR A 43 -4.64 -2.20 -8.19
CA TYR A 43 -4.02 -1.37 -7.17
C TYR A 43 -3.50 -0.03 -7.73
N GLU A 44 -2.98 -0.01 -8.97
CA GLU A 44 -2.61 1.25 -9.64
C GLU A 44 -3.83 2.11 -10.00
N ALA A 45 -4.97 1.50 -10.32
CA ALA A 45 -6.23 2.19 -10.52
C ALA A 45 -6.76 2.82 -9.21
N ALA A 46 -6.59 2.17 -8.06
CA ALA A 46 -6.89 2.76 -6.75
C ALA A 46 -6.00 3.98 -6.46
N ALA A 47 -4.71 3.92 -6.82
CA ALA A 47 -3.78 5.05 -6.66
C ALA A 47 -4.18 6.26 -7.55
N THR A 48 -4.74 6.04 -8.74
CA THR A 48 -5.36 7.10 -9.56
C THR A 48 -6.66 7.63 -8.94
N ARG A 49 -7.53 6.74 -8.43
CA ARG A 49 -8.85 7.11 -7.86
C ARG A 49 -8.77 7.80 -6.49
N LEU A 50 -7.65 7.64 -5.79
CA LEU A 50 -7.34 8.23 -4.47
C LEU A 50 -6.16 9.21 -4.54
N LYS A 51 -5.78 9.67 -5.74
CA LYS A 51 -4.65 10.59 -5.97
C LYS A 51 -4.84 11.91 -5.22
N GLY A 52 -3.91 12.24 -4.32
CA GLY A 52 -3.98 13.39 -3.40
C GLY A 52 -4.86 13.17 -2.16
N ILE A 53 -5.44 11.97 -1.98
CA ILE A 53 -6.34 11.60 -0.88
C ILE A 53 -5.69 10.53 0.02
N VAL A 54 -4.96 9.58 -0.57
CA VAL A 54 -4.13 8.56 0.13
C VAL A 54 -2.88 8.25 -0.71
N PRO A 55 -1.65 8.33 -0.15
CA PRO A 55 -0.45 7.83 -0.82
C PRO A 55 -0.46 6.30 -0.84
N LEU A 56 -0.43 5.73 -2.04
CA LEU A 56 -0.30 4.29 -2.29
C LEU A 56 1.11 3.98 -2.81
N ALA A 57 1.64 2.81 -2.45
CA ALA A 57 3.02 2.41 -2.75
C ALA A 57 3.16 0.90 -2.95
N LYS A 58 4.30 0.45 -3.48
CA LYS A 58 4.66 -0.98 -3.53
C LYS A 58 6.16 -1.22 -3.31
N VAL A 59 6.51 -2.38 -2.75
CA VAL A 59 7.88 -2.73 -2.33
C VAL A 59 8.23 -4.18 -2.69
N ASP A 60 9.35 -4.37 -3.38
CA ASP A 60 9.90 -5.68 -3.73
C ASP A 60 10.43 -6.43 -2.49
N CYS A 61 9.71 -7.45 -2.01
CA CYS A 61 10.19 -8.39 -0.97
C CYS A 61 11.50 -9.09 -1.39
N THR A 62 11.63 -9.49 -2.65
CA THR A 62 12.85 -10.18 -3.14
C THR A 62 14.08 -9.26 -3.15
N ALA A 63 13.88 -7.94 -3.27
CA ALA A 63 14.95 -6.94 -3.22
C ALA A 63 15.24 -6.42 -1.79
N ASN A 64 14.30 -6.60 -0.86
CA ASN A 64 14.39 -6.16 0.54
C ASN A 64 13.89 -7.24 1.51
N THR A 65 14.64 -8.33 1.52
CA THR A 65 14.25 -9.60 2.18
C THR A 65 14.27 -9.47 3.70
N ASN A 66 15.24 -8.76 4.27
CA ASN A 66 15.30 -8.48 5.70
C ASN A 66 14.09 -7.64 6.16
N THR A 67 13.73 -6.59 5.42
CA THR A 67 12.52 -5.79 5.67
C THR A 67 11.25 -6.67 5.55
N CYS A 68 11.19 -7.50 4.51
CA CYS A 68 10.06 -8.37 4.22
C CYS A 68 9.81 -9.40 5.35
N ASN A 69 10.88 -10.00 5.89
CA ASN A 69 10.79 -11.01 6.96
C ASN A 69 10.56 -10.36 8.34
N LYS A 70 11.14 -9.17 8.58
CA LYS A 70 10.84 -8.34 9.75
C LYS A 70 9.37 -7.90 9.80
N TYR A 71 8.74 -7.73 8.63
CA TYR A 71 7.36 -7.22 8.53
C TYR A 71 6.31 -8.34 8.58
N GLY A 72 6.74 -9.59 8.42
CA GLY A 72 5.87 -10.78 8.45
C GLY A 72 5.25 -11.10 7.08
N VAL A 73 5.84 -10.59 5.99
CA VAL A 73 5.42 -10.81 4.60
C VAL A 73 5.96 -12.19 4.13
N SER A 74 5.50 -13.24 4.79
CA SER A 74 5.81 -14.66 4.47
C SER A 74 5.33 -15.11 3.07
N GLY A 75 4.54 -14.29 2.37
CA GLY A 75 4.07 -14.45 1.01
C GLY A 75 3.48 -13.12 0.51
N TYR A 76 3.08 -13.08 -0.75
CA TYR A 76 2.60 -11.88 -1.47
C TYR A 76 1.61 -12.22 -2.60
N PRO A 77 0.79 -11.25 -3.10
CA PRO A 77 0.74 -9.84 -2.70
C PRO A 77 0.20 -9.62 -1.29
N THR A 78 0.82 -8.70 -0.56
CA THR A 78 0.54 -8.44 0.87
C THR A 78 0.47 -6.95 1.14
N LEU A 79 -0.74 -6.46 1.40
CA LEU A 79 -1.00 -5.04 1.63
C LEU A 79 -0.93 -4.69 3.12
N LYS A 80 -0.27 -3.56 3.44
CA LYS A 80 -0.02 -3.08 4.81
C LYS A 80 -0.24 -1.57 4.94
N ILE A 81 -0.60 -1.15 6.17
CA ILE A 81 -0.98 0.22 6.53
C ILE A 81 0.03 0.75 7.55
N PHE A 82 0.41 2.02 7.39
CA PHE A 82 1.34 2.73 8.26
C PHE A 82 0.74 4.08 8.68
N ARG A 83 -0.03 4.05 9.77
CA ARG A 83 -0.67 5.23 10.38
C ARG A 83 0.37 6.18 10.96
N ASP A 84 0.36 7.42 10.49
CA ASP A 84 1.39 8.45 10.73
C ASP A 84 2.85 7.93 10.62
N GLY A 85 3.08 7.01 9.66
CA GLY A 85 4.43 6.51 9.32
C GLY A 85 4.92 5.34 10.20
N GLU A 86 4.01 4.63 10.86
CA GLU A 86 4.31 3.52 11.78
C GLU A 86 3.28 2.40 11.57
N GLU A 87 3.73 1.15 11.56
CA GLU A 87 2.91 -0.02 11.20
C GLU A 87 1.63 -0.13 12.05
N ALA A 88 0.47 0.14 11.45
CA ALA A 88 -0.83 -0.11 12.06
C ALA A 88 -1.07 -1.63 12.11
N GLY A 89 -0.69 -2.34 11.04
CA GLY A 89 -0.62 -3.81 11.04
C GLY A 89 -0.63 -4.44 9.65
N ALA A 90 -1.82 -4.48 9.05
CA ALA A 90 -2.10 -5.04 7.74
C ALA A 90 -3.41 -4.45 7.17
N TYR A 91 -3.58 -4.47 5.85
CA TYR A 91 -4.86 -4.11 5.21
C TYR A 91 -5.97 -5.14 5.49
N ASP A 92 -5.54 -6.39 5.62
CA ASP A 92 -6.31 -7.60 6.00
C ASP A 92 -7.77 -7.61 5.46
N GLY A 93 -7.91 -7.52 4.13
CA GLY A 93 -9.17 -7.29 3.44
C GLY A 93 -9.16 -7.66 1.95
N PRO A 94 -10.08 -7.09 1.14
CA PRO A 94 -10.17 -7.31 -0.31
C PRO A 94 -8.87 -7.14 -1.12
N ARG A 95 -8.90 -7.66 -2.35
CA ARG A 95 -7.85 -7.51 -3.38
C ARG A 95 -8.45 -7.02 -4.70
N THR A 96 -9.07 -5.84 -4.65
CA THR A 96 -9.65 -5.10 -5.78
C THR A 96 -9.52 -3.59 -5.58
N ALA A 97 -9.46 -2.81 -6.67
CA ALA A 97 -9.45 -1.33 -6.63
C ALA A 97 -10.63 -0.75 -5.82
N ASP A 98 -11.82 -1.29 -6.06
CA ASP A 98 -13.06 -0.86 -5.41
C ASP A 98 -13.03 -1.11 -3.89
N GLY A 99 -12.34 -2.18 -3.46
CA GLY A 99 -12.08 -2.47 -2.04
C GLY A 99 -11.27 -1.36 -1.35
N ILE A 100 -10.22 -0.86 -2.01
CA ILE A 100 -9.38 0.23 -1.47
C ILE A 100 -10.18 1.52 -1.34
N VAL A 101 -10.92 1.91 -2.39
CA VAL A 101 -11.78 3.11 -2.40
C VAL A 101 -12.90 3.01 -1.37
N SER A 102 -13.53 1.84 -1.24
CA SER A 102 -14.55 1.53 -0.21
C SER A 102 -14.01 1.66 1.22
N HIS A 103 -12.81 1.13 1.49
CA HIS A 103 -12.12 1.26 2.78
C HIS A 103 -11.81 2.73 3.12
N LEU A 104 -11.40 3.54 2.14
CA LEU A 104 -11.15 4.98 2.31
C LEU A 104 -12.44 5.77 2.55
N LYS A 105 -13.48 5.60 1.72
CA LYS A 105 -14.70 6.43 1.81
C LYS A 105 -15.48 6.26 3.12
N LYS A 106 -15.28 5.14 3.82
CA LYS A 106 -15.80 4.83 5.16
C LYS A 106 -15.17 5.63 6.32
N GLN A 107 -14.02 6.28 6.10
CA GLN A 107 -13.24 6.98 7.14
C GLN A 107 -12.86 8.42 6.81
N ALA A 108 -12.74 8.75 5.52
CA ALA A 108 -12.47 10.10 5.01
C ALA A 108 -13.50 11.19 5.40
N GLY A 109 -14.71 10.79 5.80
CA GLY A 109 -15.76 11.69 6.28
C GLY A 109 -17.01 10.96 6.80
N PRO A 110 -18.00 11.71 7.33
CA PRO A 110 -19.26 11.14 7.86
C PRO A 110 -20.22 10.66 6.76
N ALA A 111 -20.02 11.10 5.51
CA ALA A 111 -20.77 10.69 4.32
C ALA A 111 -19.89 10.77 3.06
N SER A 112 -20.34 10.12 1.97
CA SER A 112 -19.63 10.09 0.66
C SER A 112 -20.55 10.16 -0.57
N VAL A 113 -21.86 10.37 -0.36
CA VAL A 113 -22.93 10.40 -1.40
C VAL A 113 -24.00 11.46 -1.10
N SER A 1 3.13 4.27 -14.10
CA SER A 1 2.77 3.93 -12.69
C SER A 1 2.22 5.16 -11.95
N ASP A 2 1.46 4.92 -10.88
CA ASP A 2 1.00 5.95 -9.93
C ASP A 2 1.27 5.55 -8.46
N VAL A 3 1.41 4.25 -8.16
CA VAL A 3 1.88 3.71 -6.87
C VAL A 3 3.37 4.03 -6.70
N LEU A 4 3.77 4.47 -5.49
CA LEU A 4 5.16 4.72 -5.13
C LEU A 4 5.97 3.40 -5.06
N GLU A 5 6.94 3.21 -5.93
CA GLU A 5 7.86 2.07 -5.89
C GLU A 5 9.01 2.37 -4.92
N LEU A 6 8.89 1.89 -3.67
CA LEU A 6 9.79 2.21 -2.56
C LEU A 6 10.66 1.02 -2.15
N THR A 7 11.73 1.32 -1.39
CA THR A 7 12.79 0.36 -1.01
C THR A 7 13.35 0.68 0.37
N ASP A 8 14.02 -0.29 0.99
CA ASP A 8 14.78 -0.14 2.24
C ASP A 8 15.82 1.00 2.20
N ASP A 9 16.29 1.38 1.00
CA ASP A 9 17.24 2.48 0.77
C ASP A 9 16.62 3.87 0.96
N ASN A 10 15.31 4.03 0.76
CA ASN A 10 14.65 5.35 0.73
C ASN A 10 13.29 5.49 1.41
N PHE A 11 12.60 4.40 1.76
CA PHE A 11 11.26 4.42 2.39
C PHE A 11 11.17 5.36 3.62
N GLU A 12 12.22 5.39 4.44
CA GLU A 12 12.38 6.25 5.63
C GLU A 12 12.21 7.76 5.38
N SER A 13 12.46 8.21 4.15
CA SER A 13 12.28 9.61 3.72
C SER A 13 10.83 9.98 3.33
N ARG A 14 9.94 8.99 3.18
CA ARG A 14 8.60 9.16 2.58
C ARG A 14 7.45 9.16 3.59
N ILE A 15 7.63 8.50 4.73
CA ILE A 15 6.56 8.20 5.70
C ILE A 15 5.89 9.46 6.28
N SER A 16 6.60 10.59 6.23
CA SER A 16 6.16 11.91 6.69
C SER A 16 5.16 12.60 5.75
N ASP A 17 5.04 12.14 4.51
CA ASP A 17 4.07 12.66 3.53
C ASP A 17 2.60 12.36 3.91
N THR A 18 2.41 11.44 4.86
CA THR A 18 1.11 11.06 5.46
C THR A 18 0.36 12.21 6.12
N GLY A 19 1.04 13.28 6.54
CA GLY A 19 0.44 14.45 7.20
C GLY A 19 -0.74 15.12 6.45
N SER A 20 -0.82 14.92 5.13
CA SER A 20 -1.92 15.45 4.28
C SER A 20 -3.08 14.48 4.03
N ALA A 21 -2.93 13.20 4.39
CA ALA A 21 -3.91 12.13 4.14
C ALA A 21 -4.25 11.24 5.36
N GLY A 22 -3.57 11.46 6.50
CA GLY A 22 -3.77 10.74 7.77
C GLY A 22 -3.01 9.41 7.88
N LEU A 23 -2.81 8.70 6.76
CA LEU A 23 -2.10 7.41 6.69
C LEU A 23 -1.53 7.15 5.28
N MET A 24 -0.76 6.06 5.15
CA MET A 24 -0.30 5.49 3.88
C MET A 24 -0.62 4.00 3.84
N LEU A 25 -0.99 3.47 2.67
CA LEU A 25 -1.21 2.04 2.42
C LEU A 25 -0.04 1.51 1.57
N VAL A 26 0.48 0.31 1.86
CA VAL A 26 1.64 -0.25 1.16
C VAL A 26 1.46 -1.74 0.92
N GLU A 27 1.77 -2.21 -0.29
CA GLU A 27 1.74 -3.61 -0.69
C GLU A 27 3.16 -4.22 -0.73
N PHE A 28 3.29 -5.44 -0.22
CA PHE A 28 4.53 -6.21 -0.21
C PHE A 28 4.34 -7.50 -1.02
N PHE A 29 5.25 -7.74 -1.98
CA PHE A 29 5.12 -8.79 -3.00
C PHE A 29 6.48 -9.32 -3.49
N ALA A 30 6.52 -10.28 -4.43
CA ALA A 30 7.75 -10.82 -5.04
C ALA A 30 7.57 -11.12 -6.55
N PRO A 31 8.64 -11.06 -7.38
CA PRO A 31 8.55 -11.16 -8.84
C PRO A 31 8.24 -12.57 -9.39
N TRP A 32 8.21 -13.61 -8.56
CA TRP A 32 8.08 -15.01 -8.99
C TRP A 32 6.69 -15.39 -9.56
N CYS A 33 5.63 -14.69 -9.14
CA CYS A 33 4.25 -15.01 -9.51
C CYS A 33 3.86 -14.48 -10.92
N GLY A 34 2.65 -14.83 -11.39
CA GLY A 34 2.03 -14.32 -12.62
C GLY A 34 1.40 -12.92 -12.50
N HIS A 35 1.78 -12.16 -11.48
CA HIS A 35 1.17 -10.88 -11.06
C HIS A 35 1.12 -9.79 -12.15
N CYS A 36 2.01 -9.84 -13.15
CA CYS A 36 2.08 -8.86 -14.24
C CYS A 36 0.80 -8.80 -15.09
N LYS A 37 -0.01 -9.88 -15.05
CA LYS A 37 -1.27 -10.03 -15.78
C LYS A 37 -2.51 -10.21 -14.88
N ARG A 38 -2.32 -10.37 -13.57
CA ARG A 38 -3.38 -10.71 -12.60
C ARG A 38 -3.56 -9.70 -11.47
N LEU A 39 -2.60 -8.79 -11.26
CA LEU A 39 -2.60 -7.77 -10.21
C LEU A 39 -2.08 -6.40 -10.70
N ALA A 40 -1.32 -6.34 -11.80
CA ALA A 40 -0.64 -5.11 -12.22
C ALA A 40 -1.55 -3.87 -12.41
N PRO A 41 -2.76 -3.97 -12.99
CA PRO A 41 -3.64 -2.82 -13.15
C PRO A 41 -4.44 -2.46 -11.89
N GLU A 42 -4.64 -3.40 -10.95
CA GLU A 42 -5.57 -3.22 -9.82
C GLU A 42 -5.09 -2.16 -8.83
N TYR A 43 -3.85 -2.26 -8.38
CA TYR A 43 -3.33 -1.39 -7.32
C TYR A 43 -2.93 0.00 -7.84
N GLU A 44 -2.52 0.10 -9.11
CA GLU A 44 -2.29 1.35 -9.83
C GLU A 44 -3.60 2.12 -10.08
N ALA A 45 -4.65 1.39 -10.45
CA ALA A 45 -6.00 1.94 -10.55
C ALA A 45 -6.49 2.47 -9.19
N ALA A 46 -6.31 1.72 -8.10
CA ALA A 46 -6.60 2.20 -6.75
C ALA A 46 -5.86 3.49 -6.38
N ALA A 47 -4.55 3.58 -6.67
CA ALA A 47 -3.76 4.78 -6.43
C ALA A 47 -4.29 5.98 -7.23
N THR A 48 -4.65 5.75 -8.50
CA THR A 48 -5.29 6.74 -9.38
C THR A 48 -6.66 7.20 -8.86
N ARG A 49 -7.50 6.27 -8.36
CA ARG A 49 -8.83 6.59 -7.77
C ARG A 49 -8.77 7.32 -6.43
N LEU A 50 -7.68 7.12 -5.68
CA LEU A 50 -7.44 7.69 -4.34
C LEU A 50 -6.36 8.79 -4.35
N LYS A 51 -6.00 9.33 -5.52
CA LYS A 51 -5.03 10.42 -5.68
C LYS A 51 -5.47 11.68 -4.92
N GLY A 52 -4.74 12.03 -3.87
CA GLY A 52 -5.08 13.12 -2.94
C GLY A 52 -5.99 12.70 -1.77
N ILE A 53 -6.36 11.40 -1.69
CA ILE A 53 -7.24 10.81 -0.66
C ILE A 53 -6.47 9.81 0.21
N VAL A 54 -5.66 8.93 -0.41
CA VAL A 54 -4.77 7.96 0.26
C VAL A 54 -3.52 7.71 -0.62
N PRO A 55 -2.29 8.01 -0.15
CA PRO A 55 -1.07 7.61 -0.84
C PRO A 55 -0.84 6.10 -0.74
N LEU A 56 -0.40 5.49 -1.85
CA LEU A 56 -0.15 4.04 -2.00
C LEU A 56 1.31 3.77 -2.38
N ALA A 57 1.92 2.70 -1.84
CA ALA A 57 3.27 2.28 -2.19
C ALA A 57 3.39 0.76 -2.42
N LYS A 58 4.48 0.32 -3.06
CA LYS A 58 4.79 -1.09 -3.33
C LYS A 58 6.27 -1.40 -3.07
N VAL A 59 6.54 -2.60 -2.53
CA VAL A 59 7.86 -3.05 -2.08
C VAL A 59 8.07 -4.53 -2.44
N ASP A 60 9.17 -4.82 -3.13
CA ASP A 60 9.58 -6.19 -3.50
C ASP A 60 10.34 -6.87 -2.34
N CYS A 61 9.76 -7.89 -1.73
CA CYS A 61 10.35 -8.72 -0.68
C CYS A 61 11.70 -9.37 -1.04
N THR A 62 11.90 -9.79 -2.31
CA THR A 62 13.16 -10.40 -2.77
C THR A 62 14.28 -9.37 -2.93
N ALA A 63 13.90 -8.11 -3.19
CA ALA A 63 14.81 -6.97 -3.25
C ALA A 63 15.01 -6.27 -1.87
N ASN A 64 14.10 -6.50 -0.91
CA ASN A 64 14.03 -5.83 0.39
C ASN A 64 13.65 -6.80 1.52
N THR A 65 14.44 -7.84 1.66
CA THR A 65 14.16 -9.01 2.51
C THR A 65 14.28 -8.66 4.00
N ASN A 66 15.16 -7.71 4.32
CA ASN A 66 15.33 -7.15 5.65
C ASN A 66 14.09 -6.39 6.18
N THR A 67 13.40 -5.68 5.29
CA THR A 67 12.09 -5.07 5.57
C THR A 67 11.01 -6.15 5.59
N CYS A 68 11.03 -7.09 4.63
CA CYS A 68 9.98 -8.08 4.41
C CYS A 68 9.78 -8.98 5.65
N ASN A 69 10.85 -9.54 6.18
CA ASN A 69 10.78 -10.46 7.33
C ASN A 69 10.47 -9.74 8.64
N LYS A 70 11.04 -8.55 8.81
CA LYS A 70 10.78 -7.63 9.93
C LYS A 70 9.32 -7.18 10.00
N TYR A 71 8.65 -7.09 8.84
CA TYR A 71 7.27 -6.58 8.73
C TYR A 71 6.22 -7.69 8.86
N GLY A 72 6.65 -8.95 8.82
CA GLY A 72 5.80 -10.14 8.95
C GLY A 72 5.20 -10.62 7.62
N VAL A 73 5.81 -10.23 6.50
CA VAL A 73 5.43 -10.64 5.13
C VAL A 73 5.98 -12.06 4.86
N SER A 74 5.57 -13.03 5.69
CA SER A 74 5.90 -14.46 5.55
C SER A 74 5.37 -15.11 4.26
N GLY A 75 4.50 -14.41 3.53
CA GLY A 75 4.01 -14.70 2.20
C GLY A 75 3.36 -13.45 1.59
N TYR A 76 2.85 -13.58 0.37
CA TYR A 76 2.28 -12.50 -0.43
C TYR A 76 1.09 -12.95 -1.28
N PRO A 77 0.13 -12.05 -1.62
CA PRO A 77 0.11 -10.63 -1.28
C PRO A 77 -0.09 -10.34 0.21
N THR A 78 0.54 -9.26 0.69
CA THR A 78 0.39 -8.70 2.03
C THR A 78 0.29 -7.18 1.90
N LEU A 79 -0.74 -6.56 2.49
CA LEU A 79 -0.94 -5.11 2.46
C LEU A 79 -1.02 -4.55 3.89
N LYS A 80 -0.32 -3.44 4.15
CA LYS A 80 -0.21 -2.82 5.49
C LYS A 80 -0.47 -1.31 5.47
N ILE A 81 -0.84 -0.78 6.63
CA ILE A 81 -1.31 0.58 6.87
C ILE A 81 -0.41 1.26 7.91
N PHE A 82 -0.10 2.54 7.65
CA PHE A 82 0.82 3.34 8.46
C PHE A 82 0.23 4.72 8.77
N ARG A 83 -0.56 4.80 9.84
CA ARG A 83 -1.18 6.02 10.39
C ARG A 83 -0.08 7.01 10.78
N ASP A 84 -0.11 8.20 10.18
CA ASP A 84 0.90 9.26 10.34
C ASP A 84 2.36 8.79 10.17
N GLY A 85 2.56 7.73 9.35
CA GLY A 85 3.88 7.15 9.08
C GLY A 85 4.35 6.11 10.10
N GLU A 86 3.43 5.51 10.86
CA GLU A 86 3.69 4.53 11.93
C GLU A 86 2.69 3.36 11.82
N GLU A 87 3.15 2.12 11.99
CA GLU A 87 2.32 0.91 11.81
C GLU A 87 0.99 0.96 12.58
N ALA A 88 -0.12 1.00 11.83
CA ALA A 88 -1.46 0.84 12.39
C ALA A 88 -1.79 -0.67 12.51
N GLY A 89 -1.36 -1.45 11.52
CA GLY A 89 -1.37 -2.92 11.56
C GLY A 89 -1.35 -3.54 10.17
N ALA A 90 -2.54 -3.70 9.58
CA ALA A 90 -2.77 -4.44 8.33
C ALA A 90 -4.07 -4.03 7.63
N TYR A 91 -4.12 -4.23 6.31
CA TYR A 91 -5.33 -4.12 5.47
C TYR A 91 -6.37 -5.20 5.81
N ASP A 92 -7.63 -5.00 5.41
CA ASP A 92 -8.78 -5.83 5.83
C ASP A 92 -9.80 -6.17 4.72
N GLY A 93 -9.45 -5.95 3.45
CA GLY A 93 -10.31 -6.20 2.28
C GLY A 93 -9.65 -7.08 1.20
N PRO A 94 -10.29 -7.23 0.01
CA PRO A 94 -9.72 -7.96 -1.11
C PRO A 94 -8.61 -7.14 -1.81
N ARG A 95 -7.62 -7.83 -2.40
CA ARG A 95 -6.49 -7.27 -3.17
C ARG A 95 -6.88 -6.73 -4.56
N THR A 96 -7.97 -5.97 -4.65
CA THR A 96 -8.54 -5.44 -5.91
C THR A 96 -8.84 -3.94 -5.78
N ALA A 97 -8.82 -3.23 -6.91
CA ALA A 97 -9.03 -1.77 -6.98
C ALA A 97 -10.26 -1.27 -6.21
N ASP A 98 -11.40 -1.95 -6.41
CA ASP A 98 -12.67 -1.65 -5.75
C ASP A 98 -12.60 -1.91 -4.23
N GLY A 99 -11.83 -2.90 -3.80
CA GLY A 99 -11.58 -3.18 -2.39
C GLY A 99 -10.83 -2.05 -1.69
N ILE A 100 -9.77 -1.51 -2.33
CA ILE A 100 -8.97 -0.42 -1.75
C ILE A 100 -9.83 0.85 -1.57
N VAL A 101 -10.60 1.21 -2.59
CA VAL A 101 -11.54 2.34 -2.55
C VAL A 101 -12.62 2.12 -1.49
N SER A 102 -13.23 0.93 -1.45
CA SER A 102 -14.26 0.58 -0.45
C SER A 102 -13.74 0.70 0.99
N HIS A 103 -12.52 0.23 1.27
CA HIS A 103 -11.86 0.37 2.57
C HIS A 103 -11.72 1.85 3.02
N LEU A 104 -11.49 2.78 2.09
CA LEU A 104 -11.51 4.22 2.38
C LEU A 104 -12.94 4.75 2.58
N LYS A 105 -13.88 4.44 1.67
CA LYS A 105 -15.26 4.98 1.73
C LYS A 105 -15.99 4.62 3.02
N LYS A 106 -15.72 3.43 3.56
CA LYS A 106 -16.26 2.90 4.85
C LYS A 106 -15.87 3.70 6.10
N GLN A 107 -14.85 4.55 6.02
CA GLN A 107 -14.36 5.40 7.12
C GLN A 107 -14.46 6.90 6.81
N ALA A 108 -14.26 7.29 5.55
CA ALA A 108 -14.53 8.66 5.06
C ALA A 108 -16.03 9.02 5.06
N GLY A 109 -16.92 8.05 4.82
CA GLY A 109 -18.38 8.20 4.81
C GLY A 109 -18.98 8.80 6.10
N PRO A 110 -18.78 8.17 7.28
CA PRO A 110 -19.29 8.70 8.55
C PRO A 110 -18.63 10.02 8.98
N ALA A 111 -17.37 10.27 8.57
CA ALA A 111 -16.69 11.55 8.76
C ALA A 111 -17.31 12.73 7.96
N SER A 112 -18.18 12.44 6.98
CA SER A 112 -18.96 13.39 6.17
C SER A 112 -18.11 14.43 5.40
N VAL A 113 -16.83 14.11 5.11
CA VAL A 113 -15.88 14.94 4.33
C VAL A 113 -16.32 15.17 2.88
N SER A 1 4.85 7.16 -12.16
CA SER A 1 3.98 6.23 -11.41
C SER A 1 3.18 6.95 -10.33
N ASP A 2 1.85 6.73 -10.27
CA ASP A 2 0.99 7.24 -9.19
C ASP A 2 1.29 6.57 -7.83
N VAL A 3 1.69 5.29 -7.87
CA VAL A 3 2.23 4.54 -6.71
C VAL A 3 3.71 4.89 -6.53
N LEU A 4 4.16 5.08 -5.28
CA LEU A 4 5.56 5.24 -4.92
C LEU A 4 6.27 3.87 -4.91
N GLU A 5 7.24 3.64 -5.79
CA GLU A 5 7.88 2.33 -6.00
C GLU A 5 9.27 2.30 -5.33
N LEU A 6 9.29 2.41 -3.99
CA LEU A 6 10.52 2.52 -3.18
C LEU A 6 11.35 1.22 -3.13
N THR A 7 12.56 1.35 -2.60
CA THR A 7 13.48 0.27 -2.22
C THR A 7 14.25 0.71 -0.97
N ASP A 8 14.81 -0.24 -0.22
CA ASP A 8 15.45 -0.02 1.10
C ASP A 8 16.55 1.06 1.13
N ASP A 9 17.16 1.38 -0.02
CA ASP A 9 18.06 2.52 -0.21
C ASP A 9 17.47 3.89 0.21
N ASN A 10 16.14 4.05 0.14
CA ASN A 10 15.44 5.28 0.53
C ASN A 10 14.10 5.08 1.27
N PHE A 11 13.47 3.90 1.18
CA PHE A 11 12.16 3.58 1.75
C PHE A 11 11.97 4.07 3.20
N GLU A 12 12.99 3.87 4.05
CA GLU A 12 13.02 4.25 5.48
C GLU A 12 12.75 5.74 5.79
N SER A 13 12.96 6.59 4.78
CA SER A 13 12.78 8.05 4.84
C SER A 13 11.43 8.56 4.34
N ARG A 14 10.68 7.72 3.60
CA ARG A 14 9.46 8.14 2.89
C ARG A 14 8.18 7.86 3.68
N ILE A 15 8.19 6.78 4.45
CA ILE A 15 7.01 6.31 5.21
C ILE A 15 6.65 7.26 6.37
N SER A 16 7.63 8.03 6.83
CA SER A 16 7.56 8.98 7.95
C SER A 16 7.41 10.45 7.50
N ASP A 17 7.39 10.71 6.19
CA ASP A 17 7.16 12.03 5.58
C ASP A 17 5.65 12.34 5.40
N THR A 18 4.77 11.53 6.01
CA THR A 18 3.31 11.67 6.06
C THR A 18 2.84 12.96 6.77
N GLY A 19 1.65 13.41 6.38
CA GLY A 19 0.96 14.56 7.00
C GLY A 19 -0.29 15.03 6.25
N SER A 20 -0.26 14.99 4.91
CA SER A 20 -1.36 15.44 4.04
C SER A 20 -2.64 14.57 4.11
N ALA A 21 -2.50 13.30 4.55
CA ALA A 21 -3.59 12.32 4.69
C ALA A 21 -3.64 11.63 6.06
N GLY A 22 -2.69 11.94 6.96
CA GLY A 22 -2.56 11.37 8.31
C GLY A 22 -1.94 9.96 8.39
N LEU A 23 -1.75 9.28 7.25
CA LEU A 23 -1.23 7.92 7.16
C LEU A 23 -0.58 7.62 5.80
N MET A 24 0.10 6.46 5.72
CA MET A 24 0.62 5.86 4.49
C MET A 24 -0.06 4.48 4.28
N LEU A 25 -0.26 4.09 3.02
CA LEU A 25 -0.69 2.75 2.62
C LEU A 25 0.43 2.14 1.76
N VAL A 26 0.82 0.89 2.02
CA VAL A 26 1.91 0.23 1.27
C VAL A 26 1.57 -1.23 1.02
N GLU A 27 1.94 -1.73 -0.17
CA GLU A 27 1.79 -3.12 -0.61
C GLU A 27 3.17 -3.79 -0.73
N PHE A 28 3.36 -4.90 -0.03
CA PHE A 28 4.58 -5.71 -0.09
C PHE A 28 4.31 -6.97 -0.93
N PHE A 29 5.14 -7.21 -1.95
CA PHE A 29 4.91 -8.22 -3.00
C PHE A 29 6.23 -8.76 -3.60
N ALA A 30 6.14 -9.63 -4.61
CA ALA A 30 7.29 -10.08 -5.40
C ALA A 30 6.85 -10.40 -6.84
N PRO A 31 7.69 -10.13 -7.87
CA PRO A 31 7.33 -10.29 -9.29
C PRO A 31 7.19 -11.74 -9.76
N TRP A 32 7.61 -12.73 -8.95
CA TRP A 32 7.61 -14.16 -9.29
C TRP A 32 6.28 -14.88 -8.96
N CYS A 33 5.29 -14.18 -8.37
CA CYS A 33 4.03 -14.79 -7.90
C CYS A 33 3.10 -15.31 -9.01
N GLY A 34 3.32 -14.93 -10.28
CA GLY A 34 2.53 -15.35 -11.46
C GLY A 34 1.20 -14.60 -11.63
N HIS A 35 0.50 -14.35 -10.52
CA HIS A 35 -0.71 -13.51 -10.44
C HIS A 35 -0.42 -11.99 -10.57
N CYS A 36 0.84 -11.59 -10.75
CA CYS A 36 1.31 -10.19 -10.84
C CYS A 36 0.56 -9.40 -11.91
N LYS A 37 0.29 -10.03 -13.05
CA LYS A 37 -0.53 -9.54 -14.17
C LYS A 37 -1.94 -9.05 -13.80
N ARG A 38 -2.54 -9.66 -12.77
CA ARG A 38 -3.89 -9.36 -12.25
C ARG A 38 -3.90 -8.25 -11.19
N LEU A 39 -2.76 -7.99 -10.53
CA LEU A 39 -2.65 -7.08 -9.38
C LEU A 39 -1.91 -5.77 -9.72
N ALA A 40 -0.92 -5.82 -10.61
CA ALA A 40 -0.17 -4.64 -11.05
C ALA A 40 -1.05 -3.48 -11.59
N PRO A 41 -2.07 -3.70 -12.44
CA PRO A 41 -2.94 -2.62 -12.91
C PRO A 41 -3.98 -2.18 -11.86
N GLU A 42 -4.20 -2.94 -10.79
CA GLU A 42 -5.22 -2.63 -9.78
C GLU A 42 -4.70 -1.61 -8.75
N TYR A 43 -3.47 -1.78 -8.25
CA TYR A 43 -2.93 -0.90 -7.22
C TYR A 43 -2.59 0.51 -7.76
N GLU A 44 -2.17 0.63 -9.03
CA GLU A 44 -2.03 1.94 -9.70
C GLU A 44 -3.36 2.63 -9.96
N ALA A 45 -4.42 1.86 -10.22
CA ALA A 45 -5.78 2.38 -10.31
C ALA A 45 -6.27 2.89 -8.93
N ALA A 46 -6.00 2.17 -7.84
CA ALA A 46 -6.27 2.66 -6.48
C ALA A 46 -5.56 4.00 -6.18
N ALA A 47 -4.28 4.12 -6.56
CA ALA A 47 -3.49 5.33 -6.37
C ALA A 47 -3.99 6.51 -7.23
N THR A 48 -4.57 6.21 -8.40
CA THR A 48 -5.25 7.19 -9.28
C THR A 48 -6.59 7.63 -8.68
N ARG A 49 -7.41 6.70 -8.16
CA ARG A 49 -8.74 6.98 -7.55
C ARG A 49 -8.66 7.68 -6.19
N LEU A 50 -7.56 7.47 -5.45
CA LEU A 50 -7.28 8.07 -4.14
C LEU A 50 -6.20 9.17 -4.20
N LYS A 51 -5.89 9.68 -5.40
CA LYS A 51 -4.95 10.80 -5.61
C LYS A 51 -5.39 12.05 -4.83
N GLY A 52 -4.55 12.49 -3.88
CA GLY A 52 -4.87 13.58 -2.94
C GLY A 52 -5.78 13.18 -1.79
N ILE A 53 -6.06 11.88 -1.60
CA ILE A 53 -6.95 11.32 -0.55
C ILE A 53 -6.17 10.33 0.33
N VAL A 54 -5.39 9.41 -0.27
CA VAL A 54 -4.49 8.46 0.44
C VAL A 54 -3.24 8.20 -0.43
N PRO A 55 -2.01 8.43 0.08
CA PRO A 55 -0.78 8.05 -0.62
C PRO A 55 -0.50 6.54 -0.52
N LEU A 56 -0.05 5.94 -1.63
CA LEU A 56 0.12 4.49 -1.82
C LEU A 56 1.55 4.16 -2.28
N ALA A 57 2.15 3.07 -1.77
CA ALA A 57 3.50 2.64 -2.13
C ALA A 57 3.64 1.13 -2.30
N LYS A 58 4.77 0.68 -2.86
CA LYS A 58 5.16 -0.74 -2.87
C LYS A 58 6.67 -0.98 -2.79
N VAL A 59 7.01 -2.18 -2.30
CA VAL A 59 8.39 -2.70 -2.16
C VAL A 59 8.40 -4.19 -2.51
N ASP A 60 9.36 -4.62 -3.33
CA ASP A 60 9.50 -6.02 -3.76
C ASP A 60 10.37 -6.84 -2.79
N CYS A 61 9.79 -7.81 -2.09
CA CYS A 61 10.48 -8.64 -1.11
C CYS A 61 11.60 -9.54 -1.68
N THR A 62 11.58 -9.86 -2.98
CA THR A 62 12.72 -10.54 -3.64
C THR A 62 13.93 -9.60 -3.78
N ALA A 63 13.69 -8.29 -3.94
CA ALA A 63 14.72 -7.26 -4.03
C ALA A 63 15.22 -6.80 -2.65
N ASN A 64 14.31 -6.73 -1.65
CA ASN A 64 14.61 -6.33 -0.27
C ASN A 64 13.93 -7.24 0.76
N THR A 65 14.56 -8.39 0.97
CA THR A 65 14.01 -9.50 1.78
C THR A 65 14.11 -9.23 3.28
N ASN A 66 15.24 -8.66 3.73
CA ASN A 66 15.44 -8.31 5.15
C ASN A 66 14.46 -7.22 5.60
N THR A 67 14.21 -6.24 4.72
CA THR A 67 13.21 -5.18 4.92
C THR A 67 11.79 -5.78 5.04
N CYS A 68 11.44 -6.73 4.18
CA CYS A 68 10.14 -7.41 4.26
C CYS A 68 10.01 -8.34 5.48
N ASN A 69 11.07 -9.02 5.90
CA ASN A 69 11.06 -9.88 7.09
C ASN A 69 10.97 -9.05 8.39
N LYS A 70 11.60 -7.87 8.44
CA LYS A 70 11.44 -6.88 9.51
C LYS A 70 10.01 -6.33 9.59
N TYR A 71 9.27 -6.34 8.47
CA TYR A 71 7.87 -5.85 8.39
C TYR A 71 6.83 -6.97 8.55
N GLY A 72 7.26 -8.22 8.51
CA GLY A 72 6.43 -9.41 8.78
C GLY A 72 5.71 -9.94 7.54
N VAL A 73 6.24 -9.68 6.35
CA VAL A 73 5.69 -10.10 5.04
C VAL A 73 6.03 -11.58 4.75
N SER A 74 5.69 -12.46 5.70
CA SER A 74 5.88 -13.92 5.65
C SER A 74 5.07 -14.65 4.54
N GLY A 75 4.16 -13.95 3.85
CA GLY A 75 3.26 -14.55 2.85
C GLY A 75 2.58 -13.52 1.94
N TYR A 76 3.37 -12.79 1.14
CA TYR A 76 2.87 -11.79 0.19
C TYR A 76 1.85 -12.34 -0.85
N PRO A 77 0.98 -11.49 -1.44
CA PRO A 77 0.85 -10.03 -1.21
C PRO A 77 0.33 -9.69 0.20
N THR A 78 0.82 -8.57 0.75
CA THR A 78 0.45 -8.06 2.08
C THR A 78 0.32 -6.54 2.01
N LEU A 79 -0.87 -5.99 2.28
CA LEU A 79 -1.09 -4.55 2.35
C LEU A 79 -1.12 -4.09 3.81
N LYS A 80 -0.51 -2.94 4.12
CA LYS A 80 -0.45 -2.37 5.48
C LYS A 80 -0.67 -0.85 5.49
N ILE A 81 -1.31 -0.39 6.56
CA ILE A 81 -1.62 1.02 6.87
C ILE A 81 -0.71 1.48 8.00
N PHE A 82 -0.19 2.71 7.89
CA PHE A 82 0.80 3.30 8.79
C PHE A 82 0.41 4.73 9.18
N ARG A 83 -0.36 4.88 10.26
CA ARG A 83 -0.77 6.19 10.80
C ARG A 83 0.45 6.96 11.29
N ASP A 84 0.63 8.17 10.77
CA ASP A 84 1.83 9.02 10.94
C ASP A 84 3.18 8.28 10.67
N GLY A 85 3.16 7.23 9.85
CA GLY A 85 4.34 6.42 9.51
C GLY A 85 4.68 5.31 10.52
N GLU A 86 3.71 4.85 11.32
CA GLU A 86 3.85 3.74 12.28
C GLU A 86 2.67 2.76 12.13
N GLU A 87 2.97 1.45 12.18
CA GLU A 87 2.00 0.38 11.88
C GLU A 87 0.70 0.50 12.66
N ALA A 88 -0.42 0.56 11.93
CA ALA A 88 -1.76 0.80 12.50
C ALA A 88 -2.88 -0.12 11.96
N GLY A 89 -2.63 -0.89 10.90
CA GLY A 89 -3.61 -1.86 10.38
C GLY A 89 -3.13 -2.66 9.18
N ALA A 90 -2.81 -3.94 9.39
CA ALA A 90 -2.58 -4.88 8.28
C ALA A 90 -3.93 -5.24 7.63
N TYR A 91 -4.03 -5.08 6.30
CA TYR A 91 -5.26 -5.24 5.52
C TYR A 91 -5.25 -6.53 4.67
N ASP A 92 -6.44 -7.11 4.47
CA ASP A 92 -6.68 -8.42 3.84
C ASP A 92 -7.95 -8.40 2.97
N GLY A 93 -8.19 -7.27 2.30
CA GLY A 93 -9.37 -7.00 1.48
C GLY A 93 -9.39 -7.71 0.10
N PRO A 94 -10.27 -7.26 -0.81
CA PRO A 94 -10.48 -7.82 -2.15
C PRO A 94 -9.25 -7.95 -3.08
N ARG A 95 -8.10 -7.34 -2.76
CA ARG A 95 -6.88 -7.30 -3.63
C ARG A 95 -7.16 -6.76 -5.04
N THR A 96 -7.99 -5.72 -5.10
CA THR A 96 -8.38 -4.95 -6.30
C THR A 96 -8.52 -3.47 -5.95
N ALA A 97 -8.49 -2.57 -6.94
CA ALA A 97 -8.66 -1.12 -6.75
C ALA A 97 -9.91 -0.75 -5.92
N ASP A 98 -11.04 -1.39 -6.21
CA ASP A 98 -12.32 -1.19 -5.51
C ASP A 98 -12.22 -1.57 -4.02
N GLY A 99 -11.42 -2.59 -3.68
CA GLY A 99 -11.12 -2.99 -2.31
C GLY A 99 -10.32 -1.96 -1.50
N ILE A 100 -9.53 -1.11 -2.18
CA ILE A 100 -8.76 -0.02 -1.54
C ILE A 100 -9.62 1.25 -1.41
N VAL A 101 -10.34 1.62 -2.47
CA VAL A 101 -11.30 2.75 -2.48
C VAL A 101 -12.39 2.53 -1.42
N SER A 102 -12.98 1.34 -1.36
CA SER A 102 -13.97 0.96 -0.34
C SER A 102 -13.44 1.13 1.09
N HIS A 103 -12.20 0.67 1.36
CA HIS A 103 -11.54 0.85 2.66
C HIS A 103 -11.40 2.32 3.07
N LEU A 104 -11.21 3.25 2.11
CA LEU A 104 -11.26 4.70 2.36
C LEU A 104 -12.71 5.19 2.56
N LYS A 105 -13.62 4.92 1.63
CA LYS A 105 -15.00 5.47 1.69
C LYS A 105 -15.77 5.06 2.94
N LYS A 106 -15.52 3.85 3.44
CA LYS A 106 -16.11 3.29 4.67
C LYS A 106 -15.73 4.02 5.97
N GLN A 107 -14.69 4.86 5.95
CA GLN A 107 -14.27 5.72 7.07
C GLN A 107 -14.40 7.22 6.78
N ALA A 108 -14.17 7.63 5.53
CA ALA A 108 -14.41 9.00 5.07
C ALA A 108 -15.90 9.40 5.03
N GLY A 109 -16.80 8.44 4.85
CA GLY A 109 -18.26 8.62 4.81
C GLY A 109 -18.78 9.68 3.81
N PRO A 110 -18.40 9.63 2.51
CA PRO A 110 -18.73 10.67 1.54
C PRO A 110 -20.22 10.70 1.10
N ALA A 111 -20.95 9.59 1.29
CA ALA A 111 -22.33 9.41 0.82
C ALA A 111 -23.23 8.59 1.78
N SER A 112 -22.78 8.38 3.03
CA SER A 112 -23.43 7.50 4.03
C SER A 112 -24.15 8.24 5.17
N VAL A 113 -24.13 9.59 5.14
CA VAL A 113 -24.73 10.51 6.13
C VAL A 113 -25.49 11.64 5.44
N SER A 1 -1.20 7.53 -12.80
CA SER A 1 -0.48 6.79 -11.72
C SER A 1 0.03 7.72 -10.62
N ASP A 2 0.04 7.24 -9.37
CA ASP A 2 0.62 7.97 -8.22
C ASP A 2 1.41 7.05 -7.24
N VAL A 3 1.64 5.78 -7.59
CA VAL A 3 2.29 4.77 -6.72
C VAL A 3 3.80 5.04 -6.59
N LEU A 4 4.31 5.05 -5.36
CA LEU A 4 5.74 5.07 -5.04
C LEU A 4 6.35 3.67 -5.17
N GLU A 5 7.60 3.57 -5.64
CA GLU A 5 8.28 2.29 -5.89
C GLU A 5 9.44 2.11 -4.90
N LEU A 6 9.07 1.81 -3.66
CA LEU A 6 9.99 1.81 -2.51
C LEU A 6 10.91 0.58 -2.45
N THR A 7 12.08 0.78 -1.84
CA THR A 7 13.16 -0.21 -1.65
C THR A 7 13.90 0.05 -0.33
N ASP A 8 14.82 -0.83 0.08
CA ASP A 8 15.69 -0.61 1.26
C ASP A 8 16.52 0.69 1.19
N ASP A 9 16.75 1.23 -0.02
CA ASP A 9 17.50 2.47 -0.25
C ASP A 9 16.71 3.75 0.09
N ASN A 10 15.36 3.69 0.08
CA ASN A 10 14.50 4.88 0.18
C ASN A 10 13.27 4.76 1.12
N PHE A 11 12.81 3.56 1.48
CA PHE A 11 11.71 3.35 2.43
C PHE A 11 12.01 4.00 3.79
N GLU A 12 13.28 3.97 4.19
CA GLU A 12 13.87 4.57 5.40
C GLU A 12 13.81 6.12 5.47
N SER A 13 13.24 6.76 4.44
CA SER A 13 12.97 8.21 4.39
C SER A 13 11.47 8.57 4.36
N ARG A 14 10.59 7.62 4.01
CA ARG A 14 9.14 7.86 3.87
C ARG A 14 8.39 7.87 5.21
N ILE A 15 8.95 7.19 6.21
CA ILE A 15 8.41 7.00 7.57
C ILE A 15 8.15 8.31 8.34
N SER A 16 8.71 9.40 7.84
CA SER A 16 8.63 10.77 8.40
C SER A 16 8.11 11.83 7.42
N ASP A 17 7.72 11.42 6.20
CA ASP A 17 7.20 12.30 5.16
C ASP A 17 5.67 12.53 5.22
N THR A 18 4.98 11.81 6.12
CA THR A 18 3.54 11.93 6.39
C THR A 18 3.16 13.26 7.05
N GLY A 19 1.91 13.65 6.84
CA GLY A 19 1.26 14.78 7.52
C GLY A 19 0.02 15.32 6.78
N SER A 20 0.12 15.48 5.46
CA SER A 20 -0.95 16.02 4.60
C SER A 20 -2.13 15.07 4.39
N ALA A 21 -1.93 13.76 4.58
CA ALA A 21 -2.91 12.69 4.36
C ALA A 21 -3.23 11.83 5.60
N GLY A 22 -2.50 12.05 6.72
CA GLY A 22 -2.69 11.36 8.01
C GLY A 22 -2.10 9.93 8.09
N LEU A 23 -1.86 9.27 6.95
CA LEU A 23 -1.31 7.91 6.87
C LEU A 23 -0.59 7.64 5.54
N MET A 24 0.06 6.47 5.46
CA MET A 24 0.62 5.89 4.24
C MET A 24 0.14 4.44 4.11
N LEU A 25 -0.07 3.99 2.87
CA LEU A 25 -0.49 2.63 2.51
C LEU A 25 0.57 2.02 1.58
N VAL A 26 0.97 0.78 1.85
CA VAL A 26 1.96 0.03 1.05
C VAL A 26 1.49 -1.39 0.76
N GLU A 27 1.92 -1.93 -0.38
CA GLU A 27 1.64 -3.28 -0.88
C GLU A 27 2.94 -4.06 -1.08
N PHE A 28 3.05 -5.21 -0.41
CA PHE A 28 4.12 -6.19 -0.64
C PHE A 28 3.60 -7.41 -1.40
N PHE A 29 4.35 -7.86 -2.42
CA PHE A 29 4.02 -9.00 -3.29
C PHE A 29 5.30 -9.60 -3.91
N ALA A 30 5.20 -10.35 -5.01
CA ALA A 30 6.33 -10.80 -5.84
C ALA A 30 5.85 -11.07 -7.29
N PRO A 31 6.69 -10.86 -8.33
CA PRO A 31 6.34 -11.18 -9.72
C PRO A 31 6.02 -12.68 -9.93
N TRP A 32 6.69 -13.55 -9.18
CA TRP A 32 6.66 -15.02 -9.36
C TRP A 32 5.31 -15.67 -9.03
N CYS A 33 4.40 -14.96 -8.36
CA CYS A 33 3.09 -15.47 -7.93
C CYS A 33 1.89 -14.61 -8.39
N GLY A 34 2.12 -13.54 -9.19
CA GLY A 34 1.04 -12.81 -9.87
C GLY A 34 1.21 -11.30 -10.03
N HIS A 35 2.08 -10.63 -9.26
CA HIS A 35 2.10 -9.16 -9.19
C HIS A 35 2.23 -8.43 -10.55
N CYS A 36 3.03 -8.96 -11.47
CA CYS A 36 3.30 -8.32 -12.76
C CYS A 36 2.08 -8.24 -13.71
N LYS A 37 0.96 -8.88 -13.35
CA LYS A 37 -0.22 -9.06 -14.22
C LYS A 37 -1.59 -9.09 -13.54
N ARG A 38 -1.69 -9.66 -12.33
CA ARG A 38 -2.97 -9.88 -11.63
C ARG A 38 -3.49 -8.64 -10.89
N LEU A 39 -2.57 -7.80 -10.40
CA LEU A 39 -2.86 -6.70 -9.48
C LEU A 39 -2.17 -5.37 -9.82
N ALA A 40 -1.14 -5.42 -10.68
CA ALA A 40 -0.47 -4.23 -11.21
C ALA A 40 -1.42 -3.16 -11.79
N PRO A 41 -2.40 -3.48 -12.67
CA PRO A 41 -3.30 -2.47 -13.24
C PRO A 41 -4.34 -1.93 -12.24
N GLU A 42 -4.65 -2.68 -11.18
CA GLU A 42 -5.58 -2.26 -10.13
C GLU A 42 -4.96 -1.22 -9.19
N TYR A 43 -3.75 -1.47 -8.68
CA TYR A 43 -3.18 -0.63 -7.62
C TYR A 43 -2.74 0.76 -8.12
N GLU A 44 -2.27 0.86 -9.37
CA GLU A 44 -1.98 2.13 -10.06
C GLU A 44 -3.23 2.99 -10.20
N ALA A 45 -4.37 2.35 -10.53
CA ALA A 45 -5.68 2.98 -10.62
C ALA A 45 -6.20 3.44 -9.24
N ALA A 46 -5.99 2.66 -8.18
CA ALA A 46 -6.34 3.06 -6.81
C ALA A 46 -5.57 4.30 -6.34
N ALA A 47 -4.27 4.36 -6.64
CA ALA A 47 -3.42 5.50 -6.30
C ALA A 47 -3.79 6.75 -7.10
N THR A 48 -4.17 6.58 -8.38
CA THR A 48 -4.70 7.66 -9.22
C THR A 48 -6.03 8.20 -8.66
N ARG A 49 -6.93 7.32 -8.19
CA ARG A 49 -8.21 7.69 -7.56
C ARG A 49 -8.04 8.41 -6.22
N LEU A 50 -7.07 7.97 -5.41
CA LEU A 50 -6.78 8.49 -4.06
C LEU A 50 -5.72 9.62 -4.07
N LYS A 51 -5.27 10.09 -5.24
CA LYS A 51 -4.29 11.18 -5.37
C LYS A 51 -4.78 12.46 -4.69
N GLY A 52 -3.98 13.00 -3.77
CA GLY A 52 -4.35 14.13 -2.89
C GLY A 52 -5.21 13.74 -1.67
N ILE A 53 -5.43 12.43 -1.44
CA ILE A 53 -6.23 11.88 -0.33
C ILE A 53 -5.41 10.83 0.47
N VAL A 54 -4.71 9.92 -0.21
CA VAL A 54 -3.83 8.90 0.40
C VAL A 54 -2.61 8.60 -0.50
N PRO A 55 -1.35 8.67 0.00
CA PRO A 55 -0.18 8.20 -0.73
C PRO A 55 -0.10 6.66 -0.69
N LEU A 56 0.19 6.05 -1.85
CA LEU A 56 0.28 4.59 -2.03
C LEU A 56 1.69 4.18 -2.49
N ALA A 57 2.15 2.99 -2.10
CA ALA A 57 3.46 2.46 -2.47
C ALA A 57 3.43 0.93 -2.75
N LYS A 58 4.36 0.44 -3.58
CA LYS A 58 4.54 -0.99 -3.89
C LYS A 58 5.99 -1.46 -3.72
N VAL A 59 6.14 -2.70 -3.28
CA VAL A 59 7.41 -3.36 -2.92
C VAL A 59 7.32 -4.85 -3.31
N ASP A 60 8.46 -5.48 -3.62
CA ASP A 60 8.52 -6.92 -3.92
C ASP A 60 9.45 -7.63 -2.93
N CYS A 61 8.93 -8.64 -2.20
CA CYS A 61 9.70 -9.40 -1.23
C CYS A 61 10.94 -10.11 -1.81
N THR A 62 10.87 -10.52 -3.08
CA THR A 62 12.01 -11.11 -3.80
C THR A 62 13.09 -10.07 -4.17
N ALA A 63 12.68 -8.81 -4.39
CA ALA A 63 13.59 -7.70 -4.70
C ALA A 63 14.24 -7.07 -3.44
N ASN A 64 13.49 -6.97 -2.34
CA ASN A 64 13.96 -6.46 -1.05
C ASN A 64 13.45 -7.30 0.13
N THR A 65 14.12 -8.43 0.33
CA THR A 65 13.81 -9.41 1.37
C THR A 65 14.13 -8.89 2.77
N ASN A 66 15.13 -8.01 2.89
CA ASN A 66 15.46 -7.29 4.13
C ASN A 66 14.28 -6.43 4.61
N THR A 67 13.71 -5.60 3.73
CA THR A 67 12.52 -4.77 4.01
C THR A 67 11.28 -5.63 4.30
N CYS A 68 11.11 -6.72 3.57
CA CYS A 68 9.97 -7.63 3.67
C CYS A 68 9.90 -8.33 5.03
N ASN A 69 10.99 -8.96 5.47
CA ASN A 69 11.00 -9.76 6.72
C ASN A 69 11.02 -8.90 7.98
N LYS A 70 11.71 -7.76 7.91
CA LYS A 70 11.78 -6.73 8.97
C LYS A 70 10.39 -6.18 9.36
N TYR A 71 9.45 -6.20 8.40
CA TYR A 71 8.08 -5.69 8.58
C TYR A 71 7.02 -6.81 8.71
N GLY A 72 7.48 -8.05 8.73
CA GLY A 72 6.68 -9.24 9.06
C GLY A 72 5.84 -9.78 7.92
N VAL A 73 6.21 -9.48 6.67
CA VAL A 73 5.58 -9.98 5.43
C VAL A 73 6.04 -11.43 5.15
N SER A 74 5.81 -12.31 6.12
CA SER A 74 6.07 -13.77 6.04
C SER A 74 5.26 -14.50 4.96
N GLY A 75 4.29 -13.84 4.33
CA GLY A 75 3.54 -14.27 3.16
C GLY A 75 2.86 -13.06 2.50
N TYR A 76 2.39 -13.24 1.26
CA TYR A 76 1.87 -12.17 0.39
C TYR A 76 0.88 -12.70 -0.69
N PRO A 77 0.04 -11.84 -1.32
CA PRO A 77 -0.01 -10.38 -1.23
C PRO A 77 -0.43 -9.87 0.17
N THR A 78 0.24 -8.81 0.63
CA THR A 78 0.10 -8.25 1.97
C THR A 78 0.19 -6.72 1.89
N LEU A 79 -0.93 -6.05 2.14
CA LEU A 79 -0.99 -4.59 2.24
C LEU A 79 -1.00 -4.17 3.72
N LYS A 80 -0.38 -3.03 4.03
CA LYS A 80 -0.31 -2.48 5.41
C LYS A 80 -0.48 -0.96 5.42
N ILE A 81 -1.21 -0.48 6.44
CA ILE A 81 -1.47 0.93 6.74
C ILE A 81 -0.56 1.39 7.88
N PHE A 82 0.02 2.58 7.73
CA PHE A 82 0.92 3.23 8.68
C PHE A 82 0.44 4.66 8.97
N ARG A 83 -0.37 4.81 10.01
CA ARG A 83 -0.93 6.10 10.45
C ARG A 83 0.20 6.99 11.00
N ASP A 84 0.41 8.13 10.35
CA ASP A 84 1.56 9.03 10.51
C ASP A 84 2.93 8.30 10.61
N GLY A 85 3.11 7.25 9.79
CA GLY A 85 4.38 6.54 9.66
C GLY A 85 4.67 5.45 10.70
N GLU A 86 3.64 4.96 11.39
CA GLU A 86 3.72 3.88 12.39
C GLU A 86 2.57 2.88 12.16
N GLU A 87 2.86 1.57 12.27
CA GLU A 87 1.93 0.49 11.91
C GLU A 87 0.57 0.63 12.63
N ALA A 88 -0.51 0.67 11.83
CA ALA A 88 -1.86 0.98 12.33
C ALA A 88 -2.96 0.07 11.77
N GLY A 89 -2.67 -0.75 10.74
CA GLY A 89 -3.61 -1.77 10.28
C GLY A 89 -3.11 -2.62 9.11
N ALA A 90 -2.87 -3.90 9.35
CA ALA A 90 -2.64 -4.86 8.26
C ALA A 90 -3.98 -5.13 7.54
N TYR A 91 -4.03 -4.93 6.22
CA TYR A 91 -5.22 -5.03 5.39
C TYR A 91 -5.80 -6.46 5.35
N ASP A 92 -7.13 -6.55 5.20
CA ASP A 92 -7.87 -7.83 5.12
C ASP A 92 -9.04 -7.80 4.10
N GLY A 93 -9.07 -6.78 3.22
CA GLY A 93 -10.11 -6.59 2.22
C GLY A 93 -9.76 -7.17 0.84
N PRO A 94 -10.63 -6.99 -0.18
CA PRO A 94 -10.39 -7.44 -1.56
C PRO A 94 -9.05 -6.93 -2.13
N ARG A 95 -8.31 -7.80 -2.84
CA ARG A 95 -7.14 -7.41 -3.64
C ARG A 95 -7.59 -6.88 -5.02
N THR A 96 -8.27 -5.74 -4.99
CA THR A 96 -8.76 -4.96 -6.15
C THR A 96 -8.75 -3.47 -5.81
N ALA A 97 -8.66 -2.59 -6.82
CA ALA A 97 -8.74 -1.14 -6.65
C ALA A 97 -9.98 -0.69 -5.86
N ASP A 98 -11.13 -1.32 -6.12
CA ASP A 98 -12.40 -1.02 -5.47
C ASP A 98 -12.35 -1.27 -3.96
N GLY A 99 -11.63 -2.31 -3.54
CA GLY A 99 -11.35 -2.62 -2.14
C GLY A 99 -10.56 -1.50 -1.44
N ILE A 100 -9.51 -0.99 -2.10
CA ILE A 100 -8.70 0.11 -1.60
C ILE A 100 -9.50 1.42 -1.50
N VAL A 101 -10.26 1.76 -2.54
CA VAL A 101 -11.15 2.93 -2.56
C VAL A 101 -12.21 2.82 -1.47
N SER A 102 -12.86 1.65 -1.34
CA SER A 102 -13.84 1.40 -0.27
C SER A 102 -13.26 1.56 1.14
N HIS A 103 -12.06 1.04 1.38
CA HIS A 103 -11.34 1.16 2.65
C HIS A 103 -11.04 2.63 3.03
N LEU A 104 -10.76 3.49 2.04
CA LEU A 104 -10.65 4.93 2.24
C LEU A 104 -12.02 5.57 2.50
N LYS A 105 -13.04 5.33 1.65
CA LYS A 105 -14.35 5.99 1.78
C LYS A 105 -15.01 5.71 3.14
N LYS A 106 -14.84 4.49 3.65
CA LYS A 106 -15.35 4.01 4.97
C LYS A 106 -14.79 4.73 6.21
N GLN A 107 -13.72 5.53 6.07
CA GLN A 107 -13.16 6.38 7.13
C GLN A 107 -13.20 7.88 6.79
N ALA A 108 -13.08 8.22 5.51
CA ALA A 108 -13.31 9.56 4.98
C ALA A 108 -14.79 10.02 5.06
N GLY A 109 -15.74 9.08 5.19
CA GLY A 109 -17.19 9.32 5.24
C GLY A 109 -18.00 8.07 5.65
N PRO A 110 -19.34 8.11 5.52
CA PRO A 110 -20.23 7.00 5.93
C PRO A 110 -20.21 5.81 4.96
N ALA A 111 -19.92 6.05 3.67
CA ALA A 111 -19.87 5.06 2.58
C ALA A 111 -21.02 4.03 2.58
N SER A 112 -22.27 4.52 2.74
CA SER A 112 -23.50 3.68 2.78
C SER A 112 -23.83 2.97 1.46
N VAL A 113 -23.22 3.40 0.34
CA VAL A 113 -23.40 2.86 -1.03
C VAL A 113 -22.05 2.76 -1.74
N SER A 1 2.38 5.60 -13.71
CA SER A 1 1.61 5.07 -12.55
C SER A 1 1.96 5.80 -11.25
N ASP A 2 0.95 6.14 -10.43
CA ASP A 2 1.11 7.01 -9.25
C ASP A 2 1.77 6.34 -8.03
N VAL A 3 1.74 4.99 -7.97
CA VAL A 3 2.27 4.18 -6.85
C VAL A 3 3.75 4.48 -6.61
N LEU A 4 4.12 4.77 -5.35
CA LEU A 4 5.50 4.96 -4.92
C LEU A 4 6.27 3.63 -4.87
N GLU A 5 7.36 3.49 -5.61
CA GLU A 5 8.25 2.32 -5.53
C GLU A 5 9.32 2.54 -4.44
N LEU A 6 9.09 1.97 -3.26
CA LEU A 6 9.88 2.19 -2.05
C LEU A 6 10.78 0.98 -1.69
N THR A 7 11.75 1.24 -0.79
CA THR A 7 12.61 0.27 -0.10
C THR A 7 13.31 0.97 1.06
N ASP A 8 13.97 0.24 1.95
CA ASP A 8 14.61 0.75 3.18
C ASP A 8 15.61 1.91 2.95
N ASP A 9 16.18 2.02 1.73
CA ASP A 9 17.03 3.13 1.30
C ASP A 9 16.36 4.51 1.37
N ASN A 10 15.03 4.59 1.20
CA ASN A 10 14.27 5.86 1.19
C ASN A 10 12.91 5.83 1.90
N PHE A 11 12.36 4.66 2.26
CA PHE A 11 11.13 4.55 3.08
C PHE A 11 11.26 5.36 4.38
N GLU A 12 12.46 5.38 4.97
CA GLU A 12 12.88 6.13 6.15
C GLU A 12 12.78 7.68 6.05
N SER A 13 12.38 8.20 4.87
CA SER A 13 12.10 9.62 4.64
C SER A 13 10.60 9.92 4.37
N ARG A 14 9.80 8.90 4.08
CA ARG A 14 8.36 9.02 3.72
C ARG A 14 7.45 9.10 4.94
N ILE A 15 7.85 8.43 6.02
CA ILE A 15 7.05 8.19 7.24
C ILE A 15 6.41 9.45 7.84
N SER A 16 7.12 10.58 7.70
CA SER A 16 6.79 11.88 8.28
C SER A 16 6.09 12.84 7.31
N ASP A 17 6.07 12.53 6.01
CA ASP A 17 5.30 13.23 4.98
C ASP A 17 3.84 12.75 4.89
N THR A 18 3.48 11.73 5.67
CA THR A 18 2.12 11.15 5.78
C THR A 18 1.04 12.14 6.18
N GLY A 19 1.38 13.24 6.86
CA GLY A 19 0.46 14.25 7.40
C GLY A 19 -0.58 14.84 6.44
N SER A 20 -0.37 14.72 5.13
CA SER A 20 -1.34 15.10 4.08
C SER A 20 -2.64 14.27 4.08
N ALA A 21 -2.54 13.00 4.46
CA ALA A 21 -3.65 12.05 4.61
C ALA A 21 -3.72 11.42 6.02
N GLY A 22 -2.69 11.62 6.84
CA GLY A 22 -2.52 11.05 8.19
C GLY A 22 -1.90 9.64 8.20
N LEU A 23 -1.73 9.01 7.03
CA LEU A 23 -1.22 7.64 6.87
C LEU A 23 -0.65 7.38 5.45
N MET A 24 -0.06 6.20 5.27
CA MET A 24 0.33 5.64 3.98
C MET A 24 -0.15 4.19 3.86
N LEU A 25 -0.52 3.77 2.66
CA LEU A 25 -0.86 2.39 2.29
C LEU A 25 0.29 1.82 1.43
N VAL A 26 0.67 0.56 1.63
CA VAL A 26 1.78 -0.07 0.89
C VAL A 26 1.42 -1.52 0.56
N GLU A 27 1.88 -2.01 -0.59
CA GLU A 27 1.70 -3.38 -1.08
C GLU A 27 3.07 -4.06 -1.27
N PHE A 28 3.43 -4.92 -0.32
CA PHE A 28 4.67 -5.70 -0.37
C PHE A 28 4.42 -6.98 -1.17
N PHE A 29 5.21 -7.24 -2.22
CA PHE A 29 4.99 -8.39 -3.10
C PHE A 29 6.26 -8.92 -3.78
N ALA A 30 6.19 -10.14 -4.32
CA ALA A 30 7.23 -10.76 -5.14
C ALA A 30 6.62 -11.19 -6.49
N PRO A 31 7.06 -10.65 -7.65
CA PRO A 31 6.39 -10.86 -8.93
C PRO A 31 6.36 -12.32 -9.41
N TRP A 32 7.31 -13.15 -8.98
CA TRP A 32 7.41 -14.57 -9.35
C TRP A 32 6.24 -15.44 -8.84
N CYS A 33 5.47 -14.97 -7.84
CA CYS A 33 4.34 -15.67 -7.25
C CYS A 33 3.06 -15.70 -8.11
N GLY A 34 3.01 -14.93 -9.21
CA GLY A 34 1.94 -14.96 -10.23
C GLY A 34 0.71 -14.11 -9.88
N HIS A 35 0.16 -14.27 -8.68
CA HIS A 35 -0.96 -13.46 -8.17
C HIS A 35 -0.62 -11.97 -8.11
N CYS A 36 0.65 -11.64 -7.86
CA CYS A 36 1.16 -10.26 -7.74
C CYS A 36 1.05 -9.51 -9.07
N LYS A 37 1.29 -10.19 -10.19
CA LYS A 37 1.19 -9.67 -11.57
C LYS A 37 -0.25 -9.39 -12.00
N ARG A 38 -1.22 -10.13 -11.44
CA ARG A 38 -2.67 -9.91 -11.63
C ARG A 38 -3.18 -8.71 -10.82
N LEU A 39 -2.58 -8.45 -9.64
CA LEU A 39 -3.00 -7.39 -8.72
C LEU A 39 -2.34 -6.03 -8.98
N ALA A 40 -1.09 -6.00 -9.43
CA ALA A 40 -0.35 -4.76 -9.75
C ALA A 40 -1.10 -3.77 -10.69
N PRO A 41 -1.78 -4.20 -11.78
CA PRO A 41 -2.54 -3.31 -12.65
C PRO A 41 -3.86 -2.80 -12.03
N GLU A 42 -4.30 -3.38 -10.91
CA GLU A 42 -5.45 -2.88 -10.15
C GLU A 42 -5.01 -1.95 -9.00
N TYR A 43 -3.91 -2.23 -8.31
CA TYR A 43 -3.40 -1.35 -7.27
C TYR A 43 -2.97 0.03 -7.81
N GLU A 44 -2.40 0.11 -9.02
CA GLU A 44 -2.08 1.38 -9.67
C GLU A 44 -3.33 2.17 -10.12
N ALA A 45 -4.39 1.45 -10.47
CA ALA A 45 -5.70 2.05 -10.75
C ALA A 45 -6.32 2.64 -9.47
N ALA A 46 -6.15 1.99 -8.31
CA ALA A 46 -6.56 2.56 -7.02
C ALA A 46 -5.72 3.79 -6.65
N ALA A 47 -4.39 3.77 -6.89
CA ALA A 47 -3.52 4.92 -6.64
C ALA A 47 -3.88 6.12 -7.52
N THR A 48 -4.28 5.86 -8.77
CA THR A 48 -4.84 6.88 -9.69
C THR A 48 -6.18 7.42 -9.19
N ARG A 49 -7.09 6.56 -8.69
CA ARG A 49 -8.42 6.93 -8.17
C ARG A 49 -8.37 7.71 -6.85
N LEU A 50 -7.37 7.42 -6.01
CA LEU A 50 -7.18 7.95 -4.66
C LEU A 50 -6.02 8.97 -4.58
N LYS A 51 -5.54 9.45 -5.74
CA LYS A 51 -4.45 10.43 -5.89
C LYS A 51 -4.72 11.71 -5.08
N GLY A 52 -3.86 12.01 -4.11
CA GLY A 52 -3.99 13.14 -3.18
C GLY A 52 -4.95 12.91 -2.01
N ILE A 53 -5.61 11.75 -1.94
CA ILE A 53 -6.56 11.37 -0.88
C ILE A 53 -5.91 10.38 0.09
N VAL A 54 -5.15 9.40 -0.43
CA VAL A 54 -4.28 8.51 0.37
C VAL A 54 -3.06 8.05 -0.46
N PRO A 55 -1.81 8.27 0.00
CA PRO A 55 -0.60 7.72 -0.61
C PRO A 55 -0.62 6.18 -0.68
N LEU A 56 -0.29 5.63 -1.84
CA LEU A 56 -0.12 4.18 -2.09
C LEU A 56 1.32 3.88 -2.55
N ALA A 57 1.90 2.76 -2.10
CA ALA A 57 3.28 2.40 -2.37
C ALA A 57 3.48 0.89 -2.58
N LYS A 58 4.65 0.47 -3.04
CA LYS A 58 5.04 -0.94 -3.21
C LYS A 58 6.49 -1.22 -2.76
N VAL A 59 6.80 -2.49 -2.51
CA VAL A 59 8.16 -3.02 -2.24
C VAL A 59 8.30 -4.40 -2.88
N ASP A 60 9.36 -4.59 -3.68
CA ASP A 60 9.65 -5.84 -4.40
C ASP A 60 10.45 -6.83 -3.55
N CYS A 61 9.80 -7.75 -2.84
CA CYS A 61 10.42 -8.69 -1.90
C CYS A 61 11.38 -9.71 -2.54
N THR A 62 11.24 -10.02 -3.84
CA THR A 62 12.25 -10.83 -4.58
C THR A 62 13.60 -10.11 -4.73
N ALA A 63 13.57 -8.77 -4.64
CA ALA A 63 14.70 -7.87 -4.88
C ALA A 63 15.12 -7.08 -3.60
N ASN A 64 14.29 -7.13 -2.55
CA ASN A 64 14.44 -6.42 -1.26
C ASN A 64 13.96 -7.29 -0.08
N THR A 65 14.50 -8.49 -0.04
CA THR A 65 14.06 -9.59 0.83
C THR A 65 14.31 -9.29 2.30
N ASN A 66 15.44 -8.64 2.62
CA ASN A 66 15.75 -8.19 3.97
C ASN A 66 14.77 -7.11 4.45
N THR A 67 14.38 -6.18 3.56
CA THR A 67 13.32 -5.18 3.83
C THR A 67 11.97 -5.87 4.06
N CYS A 68 11.61 -6.89 3.29
CA CYS A 68 10.36 -7.62 3.49
C CYS A 68 10.36 -8.54 4.73
N ASN A 69 11.52 -9.08 5.15
CA ASN A 69 11.63 -9.83 6.40
C ASN A 69 11.58 -8.93 7.64
N LYS A 70 12.10 -7.70 7.55
CA LYS A 70 11.95 -6.61 8.54
C LYS A 70 10.47 -6.21 8.75
N TYR A 71 9.62 -6.41 7.75
CA TYR A 71 8.21 -5.99 7.75
C TYR A 71 7.21 -7.15 7.91
N GLY A 72 7.66 -8.40 7.70
CA GLY A 72 6.89 -9.61 8.00
C GLY A 72 6.06 -10.13 6.82
N VAL A 73 6.55 -9.94 5.59
CA VAL A 73 5.86 -10.29 4.32
C VAL A 73 6.02 -11.80 4.02
N SER A 74 5.73 -12.65 5.01
CA SER A 74 5.77 -14.12 4.92
C SER A 74 4.75 -14.76 3.97
N GLY A 75 3.83 -13.98 3.37
CA GLY A 75 2.71 -14.47 2.56
C GLY A 75 2.21 -13.48 1.50
N TYR A 76 3.13 -12.93 0.71
CA TYR A 76 2.83 -11.96 -0.38
C TYR A 76 1.77 -12.45 -1.40
N PRO A 77 1.04 -11.51 -2.07
CA PRO A 77 1.07 -10.06 -1.86
C PRO A 77 0.40 -9.67 -0.52
N THR A 78 1.00 -8.70 0.18
CA THR A 78 0.59 -8.28 1.52
C THR A 78 0.45 -6.76 1.56
N LEU A 79 -0.79 -6.27 1.66
CA LEU A 79 -1.08 -4.85 1.85
C LEU A 79 -1.11 -4.47 3.33
N LYS A 80 -0.61 -3.29 3.68
CA LYS A 80 -0.54 -2.76 5.06
C LYS A 80 -0.77 -1.24 5.10
N ILE A 81 -1.35 -0.78 6.20
CA ILE A 81 -1.67 0.62 6.50
C ILE A 81 -0.75 1.11 7.63
N PHE A 82 -0.24 2.34 7.49
CA PHE A 82 0.76 2.93 8.38
C PHE A 82 0.36 4.35 8.81
N ARG A 83 -0.43 4.45 9.87
CA ARG A 83 -0.87 5.73 10.45
C ARG A 83 0.33 6.45 11.07
N ASP A 84 0.52 7.71 10.70
CA ASP A 84 1.70 8.52 11.00
C ASP A 84 3.04 7.80 10.63
N GLY A 85 3.00 6.92 9.60
CA GLY A 85 4.15 6.18 9.11
C GLY A 85 4.60 4.99 9.97
N GLU A 86 3.71 4.46 10.83
CA GLU A 86 3.93 3.31 11.72
C GLU A 86 2.76 2.33 11.62
N GLU A 87 3.05 1.03 11.66
CA GLU A 87 2.08 -0.05 11.37
C GLU A 87 0.79 0.07 12.22
N ALA A 88 -0.35 0.17 11.53
CA ALA A 88 -1.65 0.43 12.16
C ALA A 88 -2.78 -0.49 11.67
N GLY A 89 -2.57 -1.27 10.60
CA GLY A 89 -3.50 -2.31 10.18
C GLY A 89 -3.05 -3.08 8.94
N ALA A 90 -2.71 -4.36 9.10
CA ALA A 90 -2.51 -5.25 7.96
C ALA A 90 -3.88 -5.49 7.27
N TYR A 91 -3.93 -5.31 5.95
CA TYR A 91 -5.17 -5.28 5.17
C TYR A 91 -5.93 -6.63 5.18
N ASP A 92 -7.25 -6.58 5.05
CA ASP A 92 -8.15 -7.74 5.14
C ASP A 92 -9.35 -7.67 4.15
N GLY A 93 -9.28 -6.75 3.18
CA GLY A 93 -10.30 -6.57 2.13
C GLY A 93 -9.98 -7.29 0.81
N PRO A 94 -10.83 -7.14 -0.22
CA PRO A 94 -10.61 -7.70 -1.55
C PRO A 94 -9.28 -7.26 -2.20
N ARG A 95 -8.55 -8.19 -2.82
CA ARG A 95 -7.37 -7.92 -3.67
C ARG A 95 -7.82 -7.37 -5.05
N THR A 96 -8.45 -6.19 -5.05
CA THR A 96 -8.94 -5.46 -6.24
C THR A 96 -8.84 -3.96 -6.00
N ALA A 97 -8.79 -3.15 -7.06
CA ALA A 97 -8.84 -1.68 -6.98
C ALA A 97 -10.07 -1.19 -6.19
N ASP A 98 -11.23 -1.80 -6.44
CA ASP A 98 -12.50 -1.50 -5.76
C ASP A 98 -12.45 -1.77 -4.25
N GLY A 99 -11.71 -2.80 -3.82
CA GLY A 99 -11.45 -3.10 -2.41
C GLY A 99 -10.70 -1.96 -1.70
N ILE A 100 -9.72 -1.34 -2.37
CA ILE A 100 -8.94 -0.22 -1.80
C ILE A 100 -9.81 1.04 -1.67
N VAL A 101 -10.52 1.41 -2.74
CA VAL A 101 -11.45 2.56 -2.77
C VAL A 101 -12.57 2.38 -1.73
N SER A 102 -13.13 1.18 -1.60
CA SER A 102 -14.12 0.81 -0.57
C SER A 102 -13.55 0.96 0.86
N HIS A 103 -12.35 0.43 1.13
CA HIS A 103 -11.67 0.58 2.42
C HIS A 103 -11.40 2.05 2.77
N LEU A 104 -11.05 2.88 1.78
CA LEU A 104 -10.81 4.31 1.95
C LEU A 104 -12.11 5.10 2.21
N LYS A 105 -13.15 4.94 1.38
CA LYS A 105 -14.39 5.71 1.48
C LYS A 105 -15.15 5.48 2.79
N LYS A 106 -14.97 4.31 3.41
CA LYS A 106 -15.53 3.91 4.72
C LYS A 106 -14.93 4.63 5.93
N GLN A 107 -13.88 5.45 5.73
CA GLN A 107 -13.23 6.23 6.78
C GLN A 107 -12.99 7.70 6.40
N ALA A 108 -12.67 7.97 5.13
CA ALA A 108 -12.47 9.33 4.61
C ALA A 108 -13.76 10.15 4.43
N GLY A 109 -14.91 9.49 4.20
CA GLY A 109 -16.20 10.15 3.96
C GLY A 109 -17.40 9.19 3.87
N PRO A 110 -17.79 8.52 4.97
CA PRO A 110 -18.93 7.59 4.99
C PRO A 110 -20.26 8.17 4.51
N ALA A 111 -20.46 9.49 4.67
CA ALA A 111 -21.65 10.25 4.27
C ALA A 111 -21.29 11.71 3.91
N SER A 112 -22.24 12.44 3.33
CA SER A 112 -22.06 13.86 2.91
C SER A 112 -22.15 14.87 4.07
N VAL A 113 -22.73 14.49 5.23
CA VAL A 113 -22.86 15.31 6.45
C VAL A 113 -21.51 15.67 7.10
N SER A 1 4.06 6.54 -13.49
CA SER A 1 3.38 5.65 -12.53
C SER A 1 2.89 6.43 -11.30
N ASP A 2 1.61 6.30 -10.96
CA ASP A 2 1.00 7.00 -9.81
C ASP A 2 1.34 6.36 -8.45
N VAL A 3 1.71 5.08 -8.44
CA VAL A 3 2.23 4.36 -7.26
C VAL A 3 3.72 4.69 -7.06
N LEU A 4 4.14 4.99 -5.83
CA LEU A 4 5.55 5.09 -5.45
C LEU A 4 6.26 3.73 -5.47
N GLU A 5 7.56 3.71 -5.78
CA GLU A 5 8.39 2.50 -5.83
C GLU A 5 9.56 2.61 -4.83
N LEU A 6 9.34 2.05 -3.65
CA LEU A 6 10.20 2.23 -2.47
C LEU A 6 11.15 1.04 -2.20
N THR A 7 12.15 1.26 -1.35
CA THR A 7 13.18 0.30 -0.94
C THR A 7 13.58 0.53 0.51
N ASP A 8 14.27 -0.44 1.12
CA ASP A 8 14.81 -0.34 2.49
C ASP A 8 15.73 0.88 2.69
N ASP A 9 16.38 1.34 1.62
CA ASP A 9 17.32 2.48 1.61
C ASP A 9 16.63 3.86 1.67
N ASN A 10 15.37 3.97 1.19
CA ASN A 10 14.69 5.27 1.01
C ASN A 10 13.27 5.37 1.58
N PHE A 11 12.62 4.26 1.94
CA PHE A 11 11.33 4.28 2.66
C PHE A 11 11.37 5.18 3.92
N GLU A 12 12.49 5.19 4.64
CA GLU A 12 12.76 5.99 5.84
C GLU A 12 12.76 7.52 5.63
N SER A 13 12.74 7.99 4.38
CA SER A 13 12.57 9.41 4.01
C SER A 13 11.12 9.82 3.75
N ARG A 14 10.27 8.86 3.37
CA ARG A 14 8.90 9.13 2.88
C ARG A 14 7.91 9.42 4.02
N ILE A 15 8.07 8.72 5.13
CA ILE A 15 7.11 8.66 6.25
C ILE A 15 6.85 10.02 6.90
N SER A 16 7.80 10.95 6.76
CA SER A 16 7.75 12.31 7.32
C SER A 16 6.85 13.26 6.52
N ASP A 17 6.53 12.91 5.26
CA ASP A 17 5.68 13.71 4.37
C ASP A 17 4.16 13.47 4.60
N THR A 18 3.81 12.53 5.48
CA THR A 18 2.43 12.08 5.76
C THR A 18 1.48 13.17 6.26
N GLY A 19 1.99 14.25 6.86
CA GLY A 19 1.19 15.35 7.42
C GLY A 19 0.14 15.95 6.46
N SER A 20 0.40 15.91 5.16
CA SER A 20 -0.52 16.41 4.11
C SER A 20 -1.72 15.50 3.80
N ALA A 21 -1.70 14.23 4.22
CA ALA A 21 -2.77 13.26 3.99
C ALA A 21 -3.21 12.48 5.25
N GLY A 22 -2.51 12.65 6.38
CA GLY A 22 -2.76 12.02 7.68
C GLY A 22 -2.21 10.59 7.83
N LEU A 23 -2.10 9.84 6.74
CA LEU A 23 -1.53 8.48 6.70
C LEU A 23 -0.90 8.16 5.33
N MET A 24 -0.26 6.99 5.23
CA MET A 24 0.26 6.39 4.00
C MET A 24 -0.13 4.91 3.91
N LEU A 25 -0.33 4.42 2.69
CA LEU A 25 -0.71 3.05 2.38
C LEU A 25 0.41 2.42 1.52
N VAL A 26 0.80 1.18 1.80
CA VAL A 26 1.86 0.46 1.06
C VAL A 26 1.49 -1.00 0.80
N GLU A 27 1.94 -1.56 -0.32
CA GLU A 27 1.75 -2.97 -0.71
C GLU A 27 3.10 -3.69 -0.85
N PHE A 28 3.22 -4.82 -0.15
CA PHE A 28 4.34 -5.74 -0.28
C PHE A 28 3.90 -6.97 -1.10
N PHE A 29 4.65 -7.30 -2.15
CA PHE A 29 4.28 -8.31 -3.16
C PHE A 29 5.51 -9.05 -3.73
N ALA A 30 5.32 -10.09 -4.53
CA ALA A 30 6.37 -10.88 -5.17
C ALA A 30 6.12 -11.01 -6.68
N PRO A 31 6.85 -10.29 -7.56
CA PRO A 31 6.60 -10.27 -9.00
C PRO A 31 6.93 -11.60 -9.72
N TRP A 32 7.55 -12.56 -9.03
CA TRP A 32 7.73 -13.94 -9.54
C TRP A 32 6.41 -14.73 -9.63
N CYS A 33 5.37 -14.34 -8.86
CA CYS A 33 4.03 -14.94 -8.92
C CYS A 33 3.28 -14.54 -10.20
N GLY A 34 2.50 -15.46 -10.77
CA GLY A 34 1.73 -15.24 -12.02
C GLY A 34 0.69 -14.11 -11.94
N HIS A 35 0.22 -13.77 -10.73
CA HIS A 35 -0.73 -12.68 -10.48
C HIS A 35 -0.20 -11.28 -10.85
N CYS A 36 1.11 -11.11 -11.03
CA CYS A 36 1.74 -9.80 -11.28
C CYS A 36 1.15 -9.04 -12.49
N LYS A 37 0.79 -9.74 -13.58
CA LYS A 37 0.16 -9.16 -14.78
C LYS A 37 -1.29 -8.69 -14.55
N ARG A 38 -1.95 -9.18 -13.49
CA ARG A 38 -3.36 -8.90 -13.16
C ARG A 38 -3.51 -7.89 -12.02
N LEU A 39 -2.61 -7.93 -11.04
CA LEU A 39 -2.61 -7.03 -9.87
C LEU A 39 -1.99 -5.65 -10.16
N ALA A 40 -0.88 -5.59 -10.92
CA ALA A 40 -0.18 -4.33 -11.23
C ALA A 40 -1.08 -3.21 -11.81
N PRO A 41 -1.98 -3.47 -12.80
CA PRO A 41 -2.86 -2.44 -13.35
C PRO A 41 -3.99 -2.04 -12.40
N GLU A 42 -4.27 -2.81 -11.35
CA GLU A 42 -5.32 -2.47 -10.37
C GLU A 42 -4.78 -1.58 -9.23
N TYR A 43 -3.56 -1.81 -8.74
CA TYR A 43 -3.01 -0.98 -7.68
C TYR A 43 -2.68 0.45 -8.15
N GLU A 44 -2.26 0.63 -9.42
CA GLU A 44 -2.12 1.97 -10.01
C GLU A 44 -3.47 2.65 -10.26
N ALA A 45 -4.52 1.89 -10.58
CA ALA A 45 -5.89 2.40 -10.65
C ALA A 45 -6.36 2.89 -9.27
N ALA A 46 -6.08 2.17 -8.18
CA ALA A 46 -6.35 2.65 -6.83
C ALA A 46 -5.59 3.95 -6.50
N ALA A 47 -4.31 4.03 -6.86
CA ALA A 47 -3.48 5.23 -6.66
C ALA A 47 -3.95 6.44 -7.50
N THR A 48 -4.51 6.18 -8.68
CA THR A 48 -5.17 7.20 -9.54
C THR A 48 -6.51 7.65 -8.97
N ARG A 49 -7.33 6.71 -8.46
CA ARG A 49 -8.69 6.96 -7.94
C ARG A 49 -8.70 7.59 -6.55
N LEU A 50 -7.59 7.48 -5.80
CA LEU A 50 -7.37 8.09 -4.48
C LEU A 50 -6.25 9.16 -4.50
N LYS A 51 -5.85 9.65 -5.68
CA LYS A 51 -4.80 10.67 -5.86
C LYS A 51 -5.12 11.95 -5.06
N GLY A 52 -4.25 12.31 -4.11
CA GLY A 52 -4.45 13.44 -3.19
C GLY A 52 -5.36 13.15 -1.99
N ILE A 53 -5.91 11.93 -1.89
CA ILE A 53 -6.78 11.46 -0.80
C ILE A 53 -6.04 10.43 0.08
N VAL A 54 -5.28 9.52 -0.55
CA VAL A 54 -4.38 8.54 0.11
C VAL A 54 -3.14 8.32 -0.78
N PRO A 55 -1.91 8.60 -0.31
CA PRO A 55 -0.68 8.25 -1.03
C PRO A 55 -0.42 6.74 -0.96
N LEU A 56 -0.11 6.13 -2.10
CA LEU A 56 0.07 4.68 -2.28
C LEU A 56 1.49 4.36 -2.78
N ALA A 57 2.06 3.26 -2.30
CA ALA A 57 3.43 2.81 -2.60
C ALA A 57 3.52 1.28 -2.68
N LYS A 58 4.58 0.74 -3.30
CA LYS A 58 4.86 -0.69 -3.30
C LYS A 58 6.35 -1.04 -3.20
N VAL A 59 6.59 -2.30 -2.81
CA VAL A 59 7.89 -2.91 -2.52
C VAL A 59 7.84 -4.41 -2.88
N ASP A 60 8.93 -4.94 -3.44
CA ASP A 60 9.02 -6.35 -3.86
C ASP A 60 9.76 -7.21 -2.82
N CYS A 61 9.06 -8.16 -2.20
CA CYS A 61 9.61 -9.09 -1.20
C CYS A 61 10.79 -9.92 -1.74
N THR A 62 10.71 -10.39 -2.99
CA THR A 62 11.74 -11.21 -3.63
C THR A 62 13.05 -10.43 -3.90
N ALA A 63 12.95 -9.10 -4.02
CA ALA A 63 14.10 -8.20 -4.14
C ALA A 63 14.55 -7.58 -2.79
N ASN A 64 13.73 -7.69 -1.74
CA ASN A 64 13.95 -7.10 -0.40
C ASN A 64 13.53 -8.06 0.72
N THR A 65 14.26 -9.15 0.84
CA THR A 65 13.92 -10.31 1.69
C THR A 65 14.01 -9.97 3.17
N ASN A 66 15.06 -9.24 3.57
CA ASN A 66 15.26 -8.81 4.95
C ASN A 66 14.13 -7.86 5.41
N THR A 67 13.75 -6.91 4.56
CA THR A 67 12.60 -6.01 4.78
C THR A 67 11.29 -6.80 4.87
N CYS A 68 11.09 -7.74 3.95
CA CYS A 68 9.89 -8.59 3.89
C CYS A 68 9.69 -9.42 5.17
N ASN A 69 10.77 -10.00 5.69
CA ASN A 69 10.75 -10.79 6.94
C ASN A 69 10.60 -9.90 8.19
N LYS A 70 11.27 -8.74 8.20
CA LYS A 70 11.16 -7.72 9.26
C LYS A 70 9.75 -7.13 9.37
N TYR A 71 9.02 -7.06 8.26
CA TYR A 71 7.68 -6.44 8.20
C TYR A 71 6.54 -7.46 8.39
N GLY A 72 6.86 -8.74 8.37
CA GLY A 72 5.93 -9.85 8.66
C GLY A 72 5.14 -10.30 7.43
N VAL A 73 5.67 -10.07 6.23
CA VAL A 73 5.08 -10.39 4.92
C VAL A 73 5.34 -11.89 4.60
N SER A 74 4.88 -12.76 5.48
CA SER A 74 4.93 -14.23 5.33
C SER A 74 4.15 -14.78 4.10
N GLY A 75 3.37 -13.93 3.43
CA GLY A 75 2.68 -14.16 2.16
C GLY A 75 2.26 -12.81 1.56
N TYR A 76 1.77 -12.85 0.34
CA TYR A 76 1.50 -11.66 -0.50
C TYR A 76 0.32 -11.84 -1.48
N PRO A 77 -0.32 -10.74 -1.95
CA PRO A 77 -0.05 -9.34 -1.55
C PRO A 77 -0.47 -9.04 -0.10
N THR A 78 0.32 -8.20 0.56
CA THR A 78 0.10 -7.73 1.94
C THR A 78 0.11 -6.21 1.93
N LEU A 79 -0.99 -5.59 2.35
CA LEU A 79 -1.19 -4.15 2.33
C LEU A 79 -1.25 -3.59 3.76
N LYS A 80 -0.47 -2.53 4.04
CA LYS A 80 -0.33 -1.92 5.37
C LYS A 80 -0.52 -0.41 5.38
N ILE A 81 -1.03 0.09 6.51
CA ILE A 81 -1.40 1.49 6.76
C ILE A 81 -0.49 2.05 7.87
N PHE A 82 0.04 3.25 7.64
CA PHE A 82 0.94 3.95 8.55
C PHE A 82 0.41 5.37 8.82
N ARG A 83 -0.20 5.58 9.98
CA ARG A 83 -0.75 6.88 10.40
C ARG A 83 0.36 7.79 10.90
N ASP A 84 0.41 9.02 10.36
CA ASP A 84 1.46 10.03 10.56
C ASP A 84 2.92 9.50 10.53
N GLY A 85 3.15 8.41 9.76
CA GLY A 85 4.49 7.86 9.47
C GLY A 85 4.88 6.61 10.29
N GLU A 86 3.94 5.95 10.96
CA GLU A 86 4.17 4.76 11.80
C GLU A 86 3.00 3.78 11.68
N GLU A 87 3.30 2.47 11.69
CA GLU A 87 2.31 1.40 11.45
C GLU A 87 1.08 1.56 12.37
N ALA A 88 -0.13 1.52 11.81
CA ALA A 88 -1.36 1.84 12.55
C ALA A 88 -2.50 0.88 12.19
N GLY A 89 -2.33 0.12 11.10
CA GLY A 89 -3.17 -0.96 10.70
C GLY A 89 -2.62 -1.68 9.49
N ALA A 90 -3.47 -2.54 9.00
CA ALA A 90 -3.35 -3.35 7.80
C ALA A 90 -4.71 -3.49 7.09
N TYR A 91 -4.70 -3.44 5.76
CA TYR A 91 -5.88 -3.65 4.92
C TYR A 91 -6.21 -5.16 4.81
N ASP A 92 -7.51 -5.46 4.75
CA ASP A 92 -8.03 -6.80 4.42
C ASP A 92 -9.38 -6.65 3.70
N GLY A 93 -9.52 -7.28 2.53
CA GLY A 93 -10.66 -7.09 1.64
C GLY A 93 -10.47 -7.77 0.28
N PRO A 94 -11.22 -7.34 -0.77
CA PRO A 94 -11.14 -7.87 -2.13
C PRO A 94 -9.73 -7.96 -2.78
N ARG A 95 -8.75 -7.16 -2.33
CA ARG A 95 -7.40 -7.05 -2.92
C ARG A 95 -7.43 -6.71 -4.43
N THR A 96 -8.26 -5.71 -4.75
CA THR A 96 -8.53 -5.15 -6.09
C THR A 96 -8.69 -3.63 -6.00
N ALA A 97 -8.56 -2.90 -7.12
CA ALA A 97 -8.70 -1.43 -7.16
C ALA A 97 -9.96 -0.90 -6.45
N ASP A 98 -11.11 -1.52 -6.73
CA ASP A 98 -12.41 -1.17 -6.13
C ASP A 98 -12.45 -1.46 -4.63
N GLY A 99 -11.73 -2.49 -4.16
CA GLY A 99 -11.57 -2.81 -2.74
C GLY A 99 -10.78 -1.76 -1.96
N ILE A 100 -9.71 -1.19 -2.56
CA ILE A 100 -8.91 -0.13 -1.92
C ILE A 100 -9.76 1.15 -1.75
N VAL A 101 -10.45 1.57 -2.81
CA VAL A 101 -11.40 2.69 -2.79
C VAL A 101 -12.54 2.44 -1.79
N SER A 102 -13.07 1.22 -1.74
CA SER A 102 -14.12 0.82 -0.78
C SER A 102 -13.66 0.93 0.69
N HIS A 103 -12.43 0.52 1.01
CA HIS A 103 -11.85 0.67 2.34
C HIS A 103 -11.68 2.15 2.74
N LEU A 104 -11.35 3.04 1.80
CA LEU A 104 -11.26 4.49 2.03
C LEU A 104 -12.66 5.12 2.20
N LYS A 105 -13.61 4.88 1.29
CA LYS A 105 -14.92 5.57 1.29
C LYS A 105 -15.79 5.24 2.52
N LYS A 106 -15.56 4.08 3.16
CA LYS A 106 -16.23 3.65 4.39
C LYS A 106 -15.79 4.40 5.67
N GLN A 107 -14.75 5.23 5.59
CA GLN A 107 -14.22 6.02 6.71
C GLN A 107 -14.02 7.51 6.40
N ALA A 108 -13.68 7.86 5.16
CA ALA A 108 -13.49 9.25 4.70
C ALA A 108 -14.67 9.83 3.90
N GLY A 109 -15.69 9.03 3.61
CA GLY A 109 -16.93 9.41 2.92
C GLY A 109 -18.09 9.68 3.89
N PRO A 110 -19.36 9.70 3.39
CA PRO A 110 -20.54 9.86 4.24
C PRO A 110 -20.86 8.64 5.13
N ALA A 111 -20.34 7.45 4.75
CA ALA A 111 -20.38 6.23 5.57
C ALA A 111 -19.45 6.32 6.80
N SER A 112 -19.62 5.37 7.73
CA SER A 112 -18.78 5.19 8.91
C SER A 112 -18.79 3.72 9.38
N VAL A 113 -17.78 3.37 10.17
CA VAL A 113 -17.52 2.03 10.73
C VAL A 113 -16.83 2.10 12.10
N SER A 1 2.75 4.99 -14.58
CA SER A 1 2.48 4.54 -13.20
C SER A 1 2.14 5.72 -12.29
N ASP A 2 1.39 5.43 -11.21
CA ASP A 2 0.99 6.38 -10.17
C ASP A 2 1.31 5.86 -8.75
N VAL A 3 1.63 4.57 -8.61
CA VAL A 3 2.16 3.94 -7.38
C VAL A 3 3.64 4.31 -7.19
N LEU A 4 4.03 4.74 -5.98
CA LEU A 4 5.42 5.02 -5.59
C LEU A 4 6.27 3.74 -5.54
N GLU A 5 7.39 3.70 -6.27
CA GLU A 5 8.35 2.61 -6.21
C GLU A 5 9.41 2.87 -5.12
N LEU A 6 9.30 2.16 -3.98
CA LEU A 6 10.13 2.35 -2.78
C LEU A 6 11.01 1.13 -2.45
N THR A 7 11.96 1.34 -1.54
CA THR A 7 12.93 0.34 -1.03
C THR A 7 13.29 0.64 0.42
N ASP A 8 13.97 -0.28 1.11
CA ASP A 8 14.48 -0.07 2.47
C ASP A 8 15.42 1.15 2.60
N ASP A 9 16.06 1.56 1.50
CA ASP A 9 16.96 2.72 1.44
C ASP A 9 16.24 4.07 1.49
N ASN A 10 14.94 4.11 1.12
CA ASN A 10 14.16 5.36 1.01
C ASN A 10 12.81 5.37 1.75
N PHE A 11 12.19 4.21 1.99
CA PHE A 11 10.95 4.08 2.77
C PHE A 11 11.12 4.66 4.19
N GLU A 12 12.31 4.51 4.76
CA GLU A 12 12.75 5.01 6.08
C GLU A 12 12.78 6.55 6.23
N SER A 13 12.40 7.28 5.19
CA SER A 13 12.16 8.74 5.24
C SER A 13 10.83 9.18 4.60
N ARG A 14 10.17 8.34 3.79
CA ARG A 14 8.80 8.59 3.29
C ARG A 14 7.75 8.60 4.41
N ILE A 15 8.02 7.96 5.56
CA ILE A 15 7.13 8.00 6.74
C ILE A 15 6.87 9.43 7.25
N SER A 16 7.76 10.36 6.90
CA SER A 16 7.66 11.78 7.27
C SER A 16 6.71 12.61 6.40
N ASP A 17 6.23 12.07 5.28
CA ASP A 17 5.49 12.81 4.25
C ASP A 17 3.95 12.80 4.40
N THR A 18 3.43 12.03 5.35
CA THR A 18 2.00 11.97 5.70
C THR A 18 1.50 13.24 6.41
N GLY A 19 0.18 13.42 6.41
CA GLY A 19 -0.52 14.43 7.21
C GLY A 19 -1.96 14.66 6.77
N SER A 20 -2.17 15.01 5.49
CA SER A 20 -3.50 15.24 4.89
C SER A 20 -4.30 13.94 4.67
N ALA A 21 -3.63 12.86 4.27
CA ALA A 21 -4.24 11.56 4.00
C ALA A 21 -4.62 10.77 5.27
N GLY A 22 -4.01 11.08 6.42
CA GLY A 22 -4.17 10.36 7.69
C GLY A 22 -3.39 9.04 7.80
N LEU A 23 -3.05 8.41 6.67
CA LEU A 23 -2.25 7.19 6.58
C LEU A 23 -1.49 7.09 5.24
N MET A 24 -0.64 6.07 5.13
CA MET A 24 0.02 5.63 3.90
C MET A 24 -0.22 4.13 3.71
N LEU A 25 -0.31 3.69 2.45
CA LEU A 25 -0.57 2.29 2.08
C LEU A 25 0.59 1.80 1.20
N VAL A 26 1.09 0.59 1.48
CA VAL A 26 2.20 -0.03 0.75
C VAL A 26 1.91 -1.50 0.44
N GLU A 27 2.41 -2.00 -0.69
CA GLU A 27 2.23 -3.38 -1.16
C GLU A 27 3.57 -4.09 -1.35
N PHE A 28 3.67 -5.30 -0.81
CA PHE A 28 4.83 -6.19 -0.99
C PHE A 28 4.49 -7.36 -1.92
N PHE A 29 5.44 -7.67 -2.82
CA PHE A 29 5.38 -8.76 -3.80
C PHE A 29 6.81 -9.26 -4.12
N ALA A 30 6.97 -10.22 -5.03
CA ALA A 30 8.27 -10.66 -5.57
C ALA A 30 8.10 -11.13 -7.03
N PRO A 31 9.08 -10.90 -7.94
CA PRO A 31 8.98 -11.24 -9.36
C PRO A 31 9.07 -12.75 -9.69
N TRP A 32 9.15 -13.63 -8.68
CA TRP A 32 9.28 -15.08 -8.82
C TRP A 32 8.07 -15.77 -9.47
N CYS A 33 6.92 -15.10 -9.57
CA CYS A 33 5.66 -15.61 -10.13
C CYS A 33 4.90 -14.53 -10.94
N GLY A 34 3.89 -14.95 -11.69
CA GLY A 34 3.19 -14.11 -12.68
C GLY A 34 1.92 -13.41 -12.18
N HIS A 35 1.56 -13.53 -10.89
CA HIS A 35 0.34 -12.96 -10.32
C HIS A 35 0.26 -11.42 -10.40
N CYS A 36 1.39 -10.74 -10.64
CA CYS A 36 1.44 -9.29 -10.93
C CYS A 36 0.54 -8.88 -12.12
N LYS A 37 0.35 -9.74 -13.14
CA LYS A 37 -0.53 -9.47 -14.30
C LYS A 37 -2.00 -9.17 -13.93
N ARG A 38 -2.45 -9.60 -12.75
CA ARG A 38 -3.83 -9.55 -12.25
C ARG A 38 -4.02 -8.53 -11.12
N LEU A 39 -2.93 -8.00 -10.55
CA LEU A 39 -2.94 -7.08 -9.42
C LEU A 39 -2.28 -5.72 -9.72
N ALA A 40 -1.29 -5.67 -10.62
CA ALA A 40 -0.71 -4.41 -11.09
C ALA A 40 -1.77 -3.43 -11.69
N PRO A 41 -2.72 -3.86 -12.55
CA PRO A 41 -3.75 -2.96 -13.07
C PRO A 41 -4.82 -2.59 -12.02
N GLU A 42 -4.86 -3.27 -10.87
CA GLU A 42 -5.78 -2.91 -9.77
C GLU A 42 -5.17 -1.85 -8.85
N TYR A 43 -3.90 -2.01 -8.47
CA TYR A 43 -3.26 -1.12 -7.50
C TYR A 43 -2.85 0.24 -8.12
N GLU A 44 -2.45 0.28 -9.40
CA GLU A 44 -2.26 1.54 -10.15
C GLU A 44 -3.57 2.31 -10.32
N ALA A 45 -4.64 1.58 -10.58
CA ALA A 45 -6.00 2.14 -10.62
C ALA A 45 -6.43 2.72 -9.27
N ALA A 46 -6.15 2.03 -8.15
CA ALA A 46 -6.35 2.59 -6.81
C ALA A 46 -5.54 3.87 -6.58
N ALA A 47 -4.26 3.88 -6.97
CA ALA A 47 -3.38 5.04 -6.84
C ALA A 47 -3.83 6.23 -7.72
N THR A 48 -4.46 5.93 -8.86
CA THR A 48 -5.11 6.93 -9.74
C THR A 48 -6.41 7.46 -9.11
N ARG A 49 -7.25 6.58 -8.55
CA ARG A 49 -8.55 6.93 -7.94
C ARG A 49 -8.42 7.65 -6.59
N LEU A 50 -7.28 7.48 -5.92
CA LEU A 50 -6.92 8.11 -4.63
C LEU A 50 -5.78 9.13 -4.76
N LYS A 51 -5.46 9.59 -5.97
CA LYS A 51 -4.41 10.59 -6.24
C LYS A 51 -4.72 11.92 -5.53
N GLY A 52 -3.84 12.33 -4.61
CA GLY A 52 -4.06 13.48 -3.73
C GLY A 52 -4.98 13.20 -2.52
N ILE A 53 -5.34 11.93 -2.28
CA ILE A 53 -6.25 11.49 -1.20
C ILE A 53 -5.55 10.46 -0.29
N VAL A 54 -4.80 9.51 -0.84
CA VAL A 54 -3.95 8.54 -0.11
C VAL A 54 -2.68 8.22 -0.92
N PRO A 55 -1.46 8.35 -0.34
CA PRO A 55 -0.23 7.89 -0.97
C PRO A 55 -0.17 6.36 -0.98
N LEU A 56 0.01 5.78 -2.17
CA LEU A 56 0.13 4.34 -2.43
C LEU A 56 1.53 4.02 -2.97
N ALA A 57 2.12 2.92 -2.50
CA ALA A 57 3.50 2.52 -2.82
C ALA A 57 3.69 1.01 -2.93
N LYS A 58 4.80 0.58 -3.55
CA LYS A 58 5.18 -0.83 -3.74
C LYS A 58 6.65 -1.08 -3.41
N VAL A 59 6.94 -2.31 -2.96
CA VAL A 59 8.25 -2.82 -2.54
C VAL A 59 8.37 -4.30 -2.97
N ASP A 60 9.57 -4.79 -3.25
CA ASP A 60 9.82 -6.18 -3.65
C ASP A 60 10.59 -6.96 -2.56
N CYS A 61 10.01 -8.06 -2.07
CA CYS A 61 10.60 -8.93 -1.05
C CYS A 61 11.92 -9.61 -1.48
N THR A 62 12.08 -9.96 -2.77
CA THR A 62 13.37 -10.48 -3.29
C THR A 62 14.50 -9.45 -3.20
N ALA A 63 14.16 -8.16 -3.21
CA ALA A 63 15.09 -7.04 -3.19
C ALA A 63 15.20 -6.36 -1.80
N ASN A 64 14.26 -6.64 -0.89
CA ASN A 64 14.17 -6.06 0.46
C ASN A 64 13.67 -7.09 1.48
N THR A 65 14.42 -8.18 1.54
CA THR A 65 14.03 -9.42 2.23
C THR A 65 14.00 -9.26 3.75
N ASN A 66 14.97 -8.52 4.31
CA ASN A 66 15.00 -8.20 5.74
C ASN A 66 13.80 -7.33 6.17
N THR A 67 13.45 -6.34 5.34
CA THR A 67 12.23 -5.51 5.52
C THR A 67 10.98 -6.38 5.45
N CYS A 68 10.89 -7.22 4.42
CA CYS A 68 9.77 -8.12 4.15
C CYS A 68 9.48 -9.07 5.33
N ASN A 69 10.53 -9.69 5.91
CA ASN A 69 10.39 -10.61 7.04
C ASN A 69 10.12 -9.89 8.37
N LYS A 70 10.70 -8.69 8.57
CA LYS A 70 10.37 -7.80 9.70
C LYS A 70 8.92 -7.30 9.64
N TYR A 71 8.36 -7.20 8.43
CA TYR A 71 7.02 -6.61 8.18
C TYR A 71 5.89 -7.65 8.26
N GLY A 72 6.24 -8.93 8.31
CA GLY A 72 5.29 -10.04 8.43
C GLY A 72 4.73 -10.51 7.09
N VAL A 73 5.41 -10.19 5.98
CA VAL A 73 5.10 -10.61 4.60
C VAL A 73 5.55 -12.07 4.37
N SER A 74 5.04 -12.98 5.20
CA SER A 74 5.26 -14.43 5.13
C SER A 74 4.65 -15.12 3.88
N GLY A 75 3.83 -14.41 3.11
CA GLY A 75 3.06 -14.96 1.98
C GLY A 75 2.42 -13.87 1.10
N TYR A 76 3.25 -13.11 0.38
CA TYR A 76 2.81 -12.07 -0.56
C TYR A 76 1.82 -12.58 -1.65
N PRO A 77 1.01 -11.69 -2.27
CA PRO A 77 0.92 -10.25 -2.05
C PRO A 77 0.40 -9.87 -0.65
N THR A 78 0.96 -8.81 -0.07
CA THR A 78 0.58 -8.30 1.26
C THR A 78 0.54 -6.77 1.22
N LEU A 79 -0.63 -6.17 1.47
CA LEU A 79 -0.77 -4.73 1.62
C LEU A 79 -0.74 -4.35 3.13
N LYS A 80 -0.03 -3.28 3.48
CA LYS A 80 0.14 -2.80 4.86
C LYS A 80 -0.15 -1.30 4.99
N ILE A 81 -0.66 -0.91 6.15
CA ILE A 81 -1.12 0.45 6.49
C ILE A 81 -0.19 1.05 7.54
N PHE A 82 0.12 2.33 7.36
CA PHE A 82 0.95 3.13 8.27
C PHE A 82 0.23 4.45 8.59
N ARG A 83 -0.58 4.43 9.66
CA ARG A 83 -1.33 5.59 10.17
C ARG A 83 -0.35 6.69 10.58
N ASP A 84 -0.44 7.84 9.92
CA ASP A 84 0.51 8.96 9.95
C ASP A 84 1.99 8.52 10.03
N GLY A 85 2.37 7.51 9.23
CA GLY A 85 3.76 7.04 9.13
C GLY A 85 4.20 6.04 10.22
N GLU A 86 3.28 5.35 10.89
CA GLU A 86 3.56 4.35 11.92
C GLU A 86 2.65 3.14 11.73
N GLU A 87 3.18 1.92 11.83
CA GLU A 87 2.49 0.67 11.51
C GLU A 87 1.13 0.53 12.25
N ALA A 88 0.03 0.59 11.49
CA ALA A 88 -1.30 0.23 11.99
C ALA A 88 -1.46 -1.30 12.03
N GLY A 89 -0.98 -1.97 10.98
CA GLY A 89 -0.81 -3.44 10.94
C GLY A 89 -0.80 -4.02 9.53
N ALA A 90 -1.99 -4.13 8.96
CA ALA A 90 -2.26 -4.76 7.67
C ALA A 90 -3.56 -4.22 7.03
N TYR A 91 -3.68 -4.31 5.71
CA TYR A 91 -4.87 -3.95 4.94
C TYR A 91 -6.08 -4.87 5.23
N ASP A 92 -7.29 -4.38 4.92
CA ASP A 92 -8.57 -5.03 5.25
C ASP A 92 -8.78 -6.41 4.58
N GLY A 93 -8.38 -6.56 3.31
CA GLY A 93 -8.48 -7.84 2.59
C GLY A 93 -8.69 -7.76 1.06
N PRO A 94 -9.69 -7.02 0.53
CA PRO A 94 -10.03 -7.02 -0.89
C PRO A 94 -9.02 -6.23 -1.74
N ARG A 95 -7.99 -6.91 -2.26
CA ARG A 95 -6.89 -6.36 -3.07
C ARG A 95 -7.30 -6.03 -4.53
N THR A 96 -8.34 -5.21 -4.66
CA THR A 96 -8.89 -4.68 -5.92
C THR A 96 -9.05 -3.16 -5.82
N ALA A 97 -8.94 -2.44 -6.94
CA ALA A 97 -9.03 -0.98 -7.00
C ALA A 97 -10.22 -0.39 -6.23
N ASP A 98 -11.41 -0.95 -6.44
CA ASP A 98 -12.66 -0.53 -5.79
C ASP A 98 -12.67 -0.83 -4.29
N GLY A 99 -11.99 -1.91 -3.91
CA GLY A 99 -11.76 -2.29 -2.50
C GLY A 99 -10.90 -1.27 -1.76
N ILE A 100 -9.78 -0.83 -2.37
CA ILE A 100 -8.90 0.17 -1.75
C ILE A 100 -9.64 1.50 -1.54
N VAL A 101 -10.37 1.95 -2.57
CA VAL A 101 -11.20 3.16 -2.54
C VAL A 101 -12.32 3.06 -1.50
N SER A 102 -13.04 1.94 -1.45
CA SER A 102 -14.09 1.68 -0.44
C SER A 102 -13.55 1.74 1.00
N HIS A 103 -12.36 1.18 1.25
CA HIS A 103 -11.66 1.24 2.53
C HIS A 103 -11.32 2.69 2.96
N LEU A 104 -11.01 3.57 2.00
CA LEU A 104 -10.83 5.01 2.24
C LEU A 104 -12.16 5.73 2.51
N LYS A 105 -13.19 5.53 1.67
CA LYS A 105 -14.47 6.25 1.78
C LYS A 105 -15.16 6.06 3.14
N LYS A 106 -15.00 4.87 3.72
CA LYS A 106 -15.51 4.47 5.06
C LYS A 106 -14.86 5.19 6.26
N GLN A 107 -13.76 5.92 6.07
CA GLN A 107 -13.04 6.66 7.11
C GLN A 107 -12.84 8.15 6.82
N ALA A 108 -12.77 8.50 5.53
CA ALA A 108 -12.73 9.87 5.00
C ALA A 108 -13.97 10.74 5.35
N GLY A 109 -15.05 10.13 5.85
CA GLY A 109 -16.24 10.82 6.39
C GLY A 109 -16.90 10.07 7.56
N PRO A 110 -17.81 10.72 8.30
CA PRO A 110 -18.37 10.18 9.55
C PRO A 110 -19.45 9.10 9.35
N ALA A 111 -20.08 9.04 8.16
CA ALA A 111 -21.18 8.14 7.82
C ALA A 111 -21.24 7.83 6.30
N SER A 112 -22.11 6.87 5.93
CA SER A 112 -22.39 6.47 4.53
C SER A 112 -23.79 6.90 4.07
N VAL A 113 -24.46 7.76 4.84
CA VAL A 113 -25.84 8.26 4.65
C VAL A 113 -26.00 9.77 4.90
N SER A 1 3.53 6.09 -13.56
CA SER A 1 2.93 5.30 -12.47
C SER A 1 2.67 6.17 -11.24
N ASP A 2 1.43 6.20 -10.75
CA ASP A 2 1.02 6.99 -9.58
C ASP A 2 1.34 6.30 -8.23
N VAL A 3 1.60 4.98 -8.25
CA VAL A 3 2.13 4.22 -7.09
C VAL A 3 3.60 4.58 -6.85
N LEU A 4 3.95 4.88 -5.59
CA LEU A 4 5.32 5.11 -5.14
C LEU A 4 6.12 3.79 -5.08
N GLU A 5 7.35 3.79 -5.61
CA GLU A 5 8.22 2.61 -5.65
C GLU A 5 9.31 2.67 -4.57
N LEU A 6 8.88 2.57 -3.31
CA LEU A 6 9.76 2.52 -2.13
C LEU A 6 10.69 1.29 -2.14
N THR A 7 11.86 1.42 -1.50
CA THR A 7 12.93 0.41 -1.44
C THR A 7 13.64 0.45 -0.10
N ASP A 8 14.48 -0.57 0.17
CA ASP A 8 15.33 -0.67 1.35
C ASP A 8 16.30 0.54 1.53
N ASP A 9 16.55 1.29 0.45
CA ASP A 9 17.39 2.49 0.43
C ASP A 9 16.66 3.78 0.87
N ASN A 10 15.31 3.83 0.77
CA ASN A 10 14.52 5.06 0.94
C ASN A 10 13.26 4.96 1.84
N PHE A 11 12.69 3.76 2.08
CA PHE A 11 11.40 3.59 2.79
C PHE A 11 11.42 4.30 4.16
N GLU A 12 12.52 4.15 4.90
CA GLU A 12 12.75 4.66 6.26
C GLU A 12 12.85 6.20 6.36
N SER A 13 12.71 6.91 5.24
CA SER A 13 12.70 8.38 5.16
C SER A 13 11.56 8.95 4.32
N ARG A 14 10.55 8.13 3.99
CA ARG A 14 9.29 8.52 3.32
C ARG A 14 8.03 8.28 4.15
N ILE A 15 8.14 7.58 5.29
CA ILE A 15 7.06 7.42 6.28
C ILE A 15 6.46 8.77 6.76
N SER A 16 7.27 9.83 6.64
CA SER A 16 6.94 11.21 7.02
C SER A 16 6.13 11.97 5.95
N ASP A 17 6.05 11.43 4.72
CA ASP A 17 5.25 11.97 3.60
C ASP A 17 3.72 11.71 3.78
N THR A 18 3.35 10.99 4.84
CA THR A 18 1.96 10.69 5.26
C THR A 18 1.11 11.92 5.60
N GLY A 19 1.72 13.04 5.99
CA GLY A 19 1.03 14.25 6.45
C GLY A 19 -0.10 14.77 5.56
N SER A 20 -0.02 14.54 4.24
CA SER A 20 -1.01 14.98 3.24
C SER A 20 -2.35 14.22 3.26
N ALA A 21 -2.38 13.02 3.85
CA ALA A 21 -3.59 12.18 3.98
C ALA A 21 -3.79 11.58 5.38
N GLY A 22 -2.80 11.74 6.28
CA GLY A 22 -2.79 11.17 7.64
C GLY A 22 -2.29 9.72 7.71
N LEU A 23 -2.12 9.03 6.58
CA LEU A 23 -1.65 7.64 6.50
C LEU A 23 -0.98 7.32 5.15
N MET A 24 -0.36 6.14 5.08
CA MET A 24 0.18 5.51 3.85
C MET A 24 -0.45 4.12 3.69
N LEU A 25 -0.77 3.73 2.45
CA LEU A 25 -1.13 2.37 2.08
C LEU A 25 0.02 1.78 1.27
N VAL A 26 0.52 0.60 1.66
CA VAL A 26 1.65 -0.07 0.99
C VAL A 26 1.33 -1.52 0.65
N GLU A 27 1.90 -2.01 -0.45
CA GLU A 27 1.76 -3.38 -0.96
C GLU A 27 3.15 -4.04 -1.01
N PHE A 28 3.44 -4.89 -0.03
CA PHE A 28 4.62 -5.75 -0.02
C PHE A 28 4.35 -7.00 -0.88
N PHE A 29 5.20 -7.26 -1.87
CA PHE A 29 4.99 -8.32 -2.87
C PHE A 29 6.31 -8.88 -3.43
N ALA A 30 6.26 -10.00 -4.16
CA ALA A 30 7.40 -10.64 -4.81
C ALA A 30 7.11 -10.75 -6.33
N PRO A 31 7.64 -9.83 -7.18
CA PRO A 31 7.26 -9.72 -8.59
C PRO A 31 7.63 -10.93 -9.47
N TRP A 32 8.45 -11.87 -8.97
CA TRP A 32 8.73 -13.15 -9.61
C TRP A 32 7.53 -14.13 -9.60
N CYS A 33 6.56 -13.95 -8.70
CA CYS A 33 5.34 -14.76 -8.61
C CYS A 33 4.34 -14.48 -9.76
N GLY A 34 3.55 -15.49 -10.14
CA GLY A 34 2.57 -15.42 -11.25
C GLY A 34 1.44 -14.39 -11.06
N HIS A 35 1.14 -14.04 -9.80
CA HIS A 35 0.14 -13.02 -9.46
C HIS A 35 0.49 -11.60 -9.98
N CYS A 36 1.75 -11.34 -10.33
CA CYS A 36 2.22 -10.02 -10.77
C CYS A 36 1.44 -9.52 -12.00
N LYS A 37 1.20 -10.41 -12.97
CA LYS A 37 0.48 -10.13 -14.23
C LYS A 37 -1.00 -9.74 -14.01
N ARG A 38 -1.60 -10.23 -12.92
CA ARG A 38 -3.01 -10.00 -12.55
C ARG A 38 -3.17 -8.77 -11.64
N LEU A 39 -2.22 -8.55 -10.73
CA LEU A 39 -2.33 -7.54 -9.67
C LEU A 39 -1.70 -6.18 -10.02
N ALA A 40 -0.63 -6.15 -10.82
CA ALA A 40 0.06 -4.90 -11.19
C ALA A 40 -0.86 -3.79 -11.74
N PRO A 41 -1.80 -4.05 -12.67
CA PRO A 41 -2.69 -3.00 -13.19
C PRO A 41 -3.79 -2.57 -12.21
N GLU A 42 -4.12 -3.38 -11.19
CA GLU A 42 -5.17 -3.05 -10.22
C GLU A 42 -4.72 -1.97 -9.23
N TYR A 43 -3.48 -2.05 -8.77
CA TYR A 43 -2.98 -1.15 -7.74
C TYR A 43 -2.65 0.26 -8.30
N GLU A 44 -2.23 0.37 -9.58
CA GLU A 44 -2.09 1.64 -10.30
C GLU A 44 -3.43 2.34 -10.50
N ALA A 45 -4.45 1.55 -10.82
CA ALA A 45 -5.83 2.00 -10.94
C ALA A 45 -6.37 2.54 -9.61
N ALA A 46 -6.08 1.88 -8.48
CA ALA A 46 -6.39 2.40 -7.15
C ALA A 46 -5.66 3.73 -6.86
N ALA A 47 -4.36 3.83 -7.19
CA ALA A 47 -3.57 5.03 -6.97
C ALA A 47 -4.04 6.22 -7.83
N THR A 48 -4.54 5.93 -9.05
CA THR A 48 -5.21 6.90 -9.94
C THR A 48 -6.55 7.37 -9.36
N ARG A 49 -7.37 6.43 -8.85
CA ARG A 49 -8.73 6.69 -8.34
C ARG A 49 -8.76 7.35 -6.94
N LEU A 50 -7.67 7.25 -6.18
CA LEU A 50 -7.49 7.84 -4.85
C LEU A 50 -6.40 8.92 -4.81
N LYS A 51 -5.96 9.43 -5.96
CA LYS A 51 -4.90 10.45 -6.09
C LYS A 51 -5.24 11.72 -5.31
N GLY A 52 -4.38 12.08 -4.34
CA GLY A 52 -4.58 13.20 -3.42
C GLY A 52 -5.47 12.88 -2.21
N ILE A 53 -6.01 11.66 -2.11
CA ILE A 53 -6.93 11.20 -1.04
C ILE A 53 -6.24 10.11 -0.18
N VAL A 54 -5.49 9.20 -0.80
CA VAL A 54 -4.62 8.20 -0.15
C VAL A 54 -3.36 8.00 -1.01
N PRO A 55 -2.14 8.22 -0.47
CA PRO A 55 -0.92 7.84 -1.17
C PRO A 55 -0.75 6.30 -1.12
N LEU A 56 -0.39 5.71 -2.27
CA LEU A 56 -0.16 4.28 -2.42
C LEU A 56 1.32 4.03 -2.77
N ALA A 57 1.88 2.95 -2.22
CA ALA A 57 3.26 2.54 -2.43
C ALA A 57 3.40 1.03 -2.56
N LYS A 58 4.52 0.55 -3.10
CA LYS A 58 4.87 -0.88 -3.23
C LYS A 58 6.32 -1.15 -2.84
N VAL A 59 6.59 -2.39 -2.43
CA VAL A 59 7.93 -2.89 -2.02
C VAL A 59 8.10 -4.32 -2.54
N ASP A 60 9.23 -4.59 -3.20
CA ASP A 60 9.50 -5.88 -3.84
C ASP A 60 10.40 -6.75 -2.93
N CYS A 61 9.82 -7.69 -2.16
CA CYS A 61 10.54 -8.51 -1.18
C CYS A 61 11.64 -9.42 -1.75
N THR A 62 11.60 -9.75 -3.05
CA THR A 62 12.70 -10.45 -3.75
C THR A 62 13.96 -9.59 -3.90
N ALA A 63 13.82 -8.27 -3.79
CA ALA A 63 14.89 -7.26 -3.88
C ALA A 63 15.06 -6.39 -2.62
N ASN A 64 14.12 -6.46 -1.66
CA ASN A 64 14.06 -5.63 -0.45
C ASN A 64 13.63 -6.44 0.79
N THR A 65 14.26 -7.58 0.90
CA THR A 65 13.94 -8.67 1.83
C THR A 65 14.04 -8.24 3.28
N ASN A 66 15.03 -7.40 3.61
CA ASN A 66 15.22 -6.85 4.95
C ASN A 66 14.07 -5.88 5.35
N THR A 67 13.58 -5.06 4.41
CA THR A 67 12.39 -4.22 4.62
C THR A 67 11.15 -5.10 4.81
N CYS A 68 10.98 -6.17 4.04
CA CYS A 68 9.86 -7.09 4.23
C CYS A 68 9.93 -7.93 5.52
N ASN A 69 11.13 -8.29 5.99
CA ASN A 69 11.34 -9.01 7.26
C ASN A 69 11.10 -8.12 8.49
N LYS A 70 11.21 -6.78 8.35
CA LYS A 70 10.80 -5.81 9.37
C LYS A 70 9.30 -5.91 9.72
N TYR A 71 8.49 -6.46 8.80
CA TYR A 71 7.01 -6.44 8.88
C TYR A 71 6.34 -7.82 8.86
N GLY A 72 7.03 -8.84 8.36
CA GLY A 72 6.57 -10.24 8.43
C GLY A 72 5.82 -10.70 7.18
N VAL A 73 6.24 -10.22 6.01
CA VAL A 73 5.70 -10.56 4.67
C VAL A 73 6.11 -11.99 4.24
N SER A 74 5.88 -12.98 5.10
CA SER A 74 6.08 -14.42 4.83
C SER A 74 5.05 -15.03 3.84
N GLY A 75 4.06 -14.25 3.37
CA GLY A 75 2.94 -14.72 2.54
C GLY A 75 2.37 -13.65 1.61
N TYR A 76 3.25 -12.96 0.86
CA TYR A 76 2.89 -11.97 -0.18
C TYR A 76 1.90 -12.50 -1.25
N PRO A 77 1.12 -11.62 -1.91
CA PRO A 77 1.01 -10.18 -1.68
C PRO A 77 0.33 -9.82 -0.35
N THR A 78 0.86 -8.79 0.32
CA THR A 78 0.41 -8.34 1.64
C THR A 78 0.29 -6.81 1.65
N LEU A 79 -0.94 -6.30 1.77
CA LEU A 79 -1.21 -4.86 1.89
C LEU A 79 -1.36 -4.45 3.36
N LYS A 80 -0.84 -3.27 3.71
CA LYS A 80 -0.87 -2.72 5.08
C LYS A 80 -1.03 -1.20 5.08
N ILE A 81 -1.72 -0.68 6.10
CA ILE A 81 -1.96 0.73 6.36
C ILE A 81 -1.07 1.19 7.53
N PHE A 82 -0.44 2.37 7.36
CA PHE A 82 0.44 3.01 8.34
C PHE A 82 -0.04 4.44 8.62
N ARG A 83 -0.74 4.64 9.73
CA ARG A 83 -1.20 5.97 10.20
C ARG A 83 -0.01 6.79 10.70
N ASP A 84 0.16 8.00 10.16
CA ASP A 84 1.28 8.91 10.43
C ASP A 84 2.68 8.26 10.33
N GLY A 85 2.82 7.19 9.53
CA GLY A 85 4.07 6.45 9.31
C GLY A 85 4.33 5.28 10.28
N GLU A 86 3.30 4.78 10.96
CA GLU A 86 3.38 3.66 11.94
C GLU A 86 2.21 2.69 11.72
N GLU A 87 2.48 1.39 11.83
CA GLU A 87 1.52 0.31 11.50
C GLU A 87 0.18 0.47 12.25
N ALA A 88 -0.93 0.45 11.49
CA ALA A 88 -2.27 0.78 12.00
C ALA A 88 -3.38 -0.17 11.51
N GLY A 89 -3.14 -0.97 10.48
CA GLY A 89 -4.07 -2.04 10.07
C GLY A 89 -3.62 -2.82 8.84
N ALA A 90 -3.40 -4.12 8.99
CA ALA A 90 -3.21 -5.03 7.86
C ALA A 90 -4.54 -5.19 7.09
N TYR A 91 -4.48 -5.01 5.76
CA TYR A 91 -5.65 -5.10 4.87
C TYR A 91 -6.21 -6.53 4.77
N ASP A 92 -7.53 -6.65 4.58
CA ASP A 92 -8.25 -7.94 4.50
C ASP A 92 -9.39 -7.94 3.44
N GLY A 93 -9.42 -6.94 2.56
CA GLY A 93 -10.41 -6.79 1.49
C GLY A 93 -9.97 -7.41 0.15
N PRO A 94 -10.76 -7.23 -0.94
CA PRO A 94 -10.40 -7.65 -2.29
C PRO A 94 -9.05 -7.05 -2.75
N ARG A 95 -8.18 -7.87 -3.33
CA ARG A 95 -6.89 -7.44 -3.93
C ARG A 95 -7.11 -6.88 -5.35
N THR A 96 -7.99 -5.89 -5.46
CA THR A 96 -8.43 -5.23 -6.70
C THR A 96 -8.68 -3.74 -6.44
N ALA A 97 -8.59 -2.91 -7.49
CA ALA A 97 -8.80 -1.46 -7.41
C ALA A 97 -10.09 -1.04 -6.67
N ASP A 98 -11.20 -1.71 -6.98
CA ASP A 98 -12.51 -1.46 -6.38
C ASP A 98 -12.55 -1.79 -4.88
N GLY A 99 -11.79 -2.81 -4.44
CA GLY A 99 -11.59 -3.11 -3.03
C GLY A 99 -10.91 -1.97 -2.28
N ILE A 100 -9.81 -1.43 -2.84
CA ILE A 100 -9.05 -0.31 -2.22
C ILE A 100 -9.92 0.94 -2.09
N VAL A 101 -10.62 1.32 -3.17
CA VAL A 101 -11.54 2.46 -3.19
C VAL A 101 -12.69 2.28 -2.20
N SER A 102 -13.36 1.12 -2.21
CA SER A 102 -14.42 0.80 -1.26
C SER A 102 -13.95 0.89 0.20
N HIS A 103 -12.78 0.34 0.52
CA HIS A 103 -12.17 0.42 1.85
C HIS A 103 -11.92 1.87 2.31
N LEU A 104 -11.55 2.77 1.39
CA LEU A 104 -11.43 4.20 1.67
C LEU A 104 -12.79 4.89 1.86
N LYS A 105 -13.75 4.72 0.93
CA LYS A 105 -15.05 5.41 0.98
C LYS A 105 -15.84 5.12 2.27
N LYS A 106 -15.73 3.88 2.77
CA LYS A 106 -16.37 3.40 4.02
C LYS A 106 -15.86 4.03 5.32
N GLN A 107 -14.71 4.73 5.29
CA GLN A 107 -14.12 5.42 6.44
C GLN A 107 -14.00 6.94 6.24
N ALA A 108 -13.74 7.38 5.01
CA ALA A 108 -13.68 8.80 4.63
C ALA A 108 -15.02 9.54 4.78
N GLY A 109 -16.15 8.87 4.52
CA GLY A 109 -17.50 9.41 4.68
C GLY A 109 -17.87 9.75 6.14
N PRO A 110 -17.82 8.78 7.08
CA PRO A 110 -18.17 8.99 8.49
C PRO A 110 -17.09 9.72 9.33
N ALA A 111 -15.97 10.15 8.73
CA ALA A 111 -14.79 10.71 9.42
C ALA A 111 -15.03 11.92 10.35
N SER A 112 -16.14 12.65 10.17
CA SER A 112 -16.52 13.84 10.96
C SER A 112 -17.95 13.77 11.53
N VAL A 113 -18.62 12.62 11.44
CA VAL A 113 -19.99 12.37 11.96
C VAL A 113 -19.97 12.14 13.47
#